data_2DMA
# 
_entry.id   2DMA 
# 
_audit_conform.dict_name       mmcif_pdbx.dic 
_audit_conform.dict_version    5.397 
_audit_conform.dict_location   http://mmcif.pdb.org/dictionaries/ascii/mmcif_pdbx.dic 
# 
loop_
_database_2.database_id 
_database_2.database_code 
_database_2.pdbx_database_accession 
_database_2.pdbx_DOI 
PDB   2DMA         pdb_00002dma 10.2210/pdb2dma/pdb 
RCSB  RCSB025581   ?            ?                   
WWPDB D_1000025581 ?            ?                   
# 
loop_
_pdbx_audit_revision_history.ordinal 
_pdbx_audit_revision_history.data_content_type 
_pdbx_audit_revision_history.major_revision 
_pdbx_audit_revision_history.minor_revision 
_pdbx_audit_revision_history.revision_date 
1 'Structure model' 1 0 2007-01-16 
2 'Structure model' 1 1 2008-04-30 
3 'Structure model' 1 2 2011-07-13 
4 'Structure model' 1 3 2023-10-25 
5 'Structure model' 1 4 2023-11-15 
6 'Structure model' 1 5 2024-10-16 
# 
_pdbx_audit_revision_details.ordinal             1 
_pdbx_audit_revision_details.revision_ordinal    1 
_pdbx_audit_revision_details.data_content_type   'Structure model' 
_pdbx_audit_revision_details.provider            repository 
_pdbx_audit_revision_details.type                'Initial release' 
_pdbx_audit_revision_details.description         ? 
_pdbx_audit_revision_details.details             ? 
# 
loop_
_pdbx_audit_revision_group.ordinal 
_pdbx_audit_revision_group.revision_ordinal 
_pdbx_audit_revision_group.data_content_type 
_pdbx_audit_revision_group.group 
1  2 'Structure model' 'Version format compliance' 
2  3 'Structure model' 'Derived calculations'      
3  3 'Structure model' 'Source and taxonomy'       
4  3 'Structure model' 'Version format compliance' 
5  4 'Structure model' 'Data collection'           
6  4 'Structure model' 'Database references'       
7  4 'Structure model' 'Derived calculations'      
8  4 'Structure model' 'Refinement description'    
9  5 'Structure model' 'Data collection'           
10 6 'Structure model' 'Structure summary'         
# 
loop_
_pdbx_audit_revision_category.ordinal 
_pdbx_audit_revision_category.revision_ordinal 
_pdbx_audit_revision_category.data_content_type 
_pdbx_audit_revision_category.category 
1  4 'Structure model' chem_comp_atom                
2  4 'Structure model' chem_comp_bond                
3  4 'Structure model' database_2                    
4  4 'Structure model' pdbx_initial_refinement_model 
5  4 'Structure model' struct_conn                   
6  4 'Structure model' struct_ref_seq_dif            
7  5 'Structure model' chem_comp_atom                
8  5 'Structure model' chem_comp_bond                
9  6 'Structure model' pdbx_entry_details            
10 6 'Structure model' pdbx_modification_feature     
# 
loop_
_pdbx_audit_revision_item.ordinal 
_pdbx_audit_revision_item.revision_ordinal 
_pdbx_audit_revision_item.data_content_type 
_pdbx_audit_revision_item.item 
1 4 'Structure model' '_database_2.pdbx_DOI'                
2 4 'Structure model' '_database_2.pdbx_database_accession' 
3 4 'Structure model' '_struct_conn.pdbx_leaving_atom_flag' 
4 4 'Structure model' '_struct_ref_seq_dif.details'         
5 5 'Structure model' '_chem_comp_atom.atom_id'             
6 5 'Structure model' '_chem_comp_bond.atom_id_2'           
# 
_pdbx_database_status.status_code                     REL 
_pdbx_database_status.entry_id                        2DMA 
_pdbx_database_status.recvd_initial_deposition_date   2006-04-20 
_pdbx_database_status.deposit_site                    PDBJ 
_pdbx_database_status.process_site                    PDBJ 
_pdbx_database_status.status_code_sf                  REL 
_pdbx_database_status.status_code_mr                  ? 
_pdbx_database_status.SG_entry                        Y 
_pdbx_database_status.pdb_format_compatible           Y 
_pdbx_database_status.status_code_cs                  ? 
_pdbx_database_status.status_code_nmr_data            ? 
_pdbx_database_status.methods_development_category    ? 
# 
loop_
_pdbx_database_related.db_name 
_pdbx_database_related.db_id 
_pdbx_database_related.details 
_pdbx_database_related.content_type 
PDB      2DM9           'the same protein(form I)' unspecified 
TargetDB pho001001978.2 .                          unspecified 
# 
loop_
_audit_author.name 
_audit_author.pdbx_ordinal 
'Lokanath, N.K.'                                         1 
'Kunishima, N.'                                          2 
'RIKEN Structural Genomics/Proteomics Initiative (RSGI)' 3 
# 
loop_
_citation.id 
_citation.title 
_citation.journal_abbrev 
_citation.journal_volume 
_citation.page_first 
_citation.page_last 
_citation.year 
_citation.journal_id_ASTM 
_citation.country 
_citation.journal_id_ISSN 
_citation.journal_id_CSD 
_citation.book_publisher 
_citation.pdbx_database_id_PubMed 
_citation.pdbx_database_id_DOI 
primary 'Crystal Structure of PH1978 from Pyrococcus horikoshii OT3 (form II)'       'To be Published' ?   ?   ?   ?    ?      ?  
?         0353 ? ?        ?                         
1       'Dimeric Core Structure of Modular Stator Subunit E of Archaeal H(+)-ATPase' J.Mol.Biol.       366 933 944 2007 JMOBAK UK 
0022-2836 0070 ? 17189637 10.1016/j.jmb.2006.11.088 
# 
loop_
_citation_author.citation_id 
_citation_author.name 
_citation_author.ordinal 
_citation_author.identifier_ORCID 
primary 'Lokanath, N.K.' 1 ? 
primary 'Kunishima, N.'  2 ? 
1       'Lokanath, N.K.' 3 ? 
1       'Matsuura, Y.'   4 ? 
1       'Kuroishi, C.'   5 ? 
1       'Takahashi, N.'  6 ? 
1       'Kunishima, N.'  7 ? 
# 
loop_
_entity.id 
_entity.type 
_entity.src_method 
_entity.pdbx_description 
_entity.formula_weight 
_entity.pdbx_number_of_molecules 
_entity.pdbx_ec 
_entity.pdbx_mutation 
_entity.pdbx_fragment 
_entity.details 
1 polymer man 'V-type ATP synthase subunit E' 23159.746 1  3.6.3.14 ? ? ? 
2 water   nat water                           18.015    77 ?        ? ? ? 
# 
_entity_name_com.entity_id   1 
_entity_name_com.name        'A-ATPase, V-type ATPase subunit E' 
# 
_entity_poly.entity_id                      1 
_entity_poly.type                           'polypeptide(L)' 
_entity_poly.nstd_linkage                   no 
_entity_poly.nstd_monomer                   yes 
_entity_poly.pdbx_seq_one_letter_code       
;(MSE)NGAELIIQEINKEAERKIEYILNEARQQAEKIKEEARRNAEAKAEWIIRRAKTQAELEKQRIIANARLEVRRKRL
AIQEEIISSVLEEVKRRLET(MSE)SEDEYFESVKALLKEAIKELNEKKVRV(MSE)SNEKTLGLIASRIEEIKSELGDV
SIELGETVDT(MSE)GGVIVETEDGRIRIDNTFEAR(MSE)ERFEGEIRSTIAKVLFG
;
_entity_poly.pdbx_seq_one_letter_code_can   
;MNGAELIIQEINKEAERKIEYILNEARQQAEKIKEEARRNAEAKAEWIIRRAKTQAELEKQRIIANARLEVRRKRLAIQE
EIISSVLEEVKRRLETMSEDEYFESVKALLKEAIKELNEKKVRVMSNEKTLGLIASRIEEIKSELGDVSIELGETVDTMG
GVIVETEDGRIRIDNTFEARMERFEGEIRSTIAKVLFG
;
_entity_poly.pdbx_strand_id                 A 
_entity_poly.pdbx_target_identifier         pho001001978.2 
# 
_pdbx_entity_nonpoly.entity_id   2 
_pdbx_entity_nonpoly.name        water 
_pdbx_entity_nonpoly.comp_id     HOH 
# 
loop_
_entity_poly_seq.entity_id 
_entity_poly_seq.num 
_entity_poly_seq.mon_id 
_entity_poly_seq.hetero 
1 1   MSE n 
1 2   ASN n 
1 3   GLY n 
1 4   ALA n 
1 5   GLU n 
1 6   LEU n 
1 7   ILE n 
1 8   ILE n 
1 9   GLN n 
1 10  GLU n 
1 11  ILE n 
1 12  ASN n 
1 13  LYS n 
1 14  GLU n 
1 15  ALA n 
1 16  GLU n 
1 17  ARG n 
1 18  LYS n 
1 19  ILE n 
1 20  GLU n 
1 21  TYR n 
1 22  ILE n 
1 23  LEU n 
1 24  ASN n 
1 25  GLU n 
1 26  ALA n 
1 27  ARG n 
1 28  GLN n 
1 29  GLN n 
1 30  ALA n 
1 31  GLU n 
1 32  LYS n 
1 33  ILE n 
1 34  LYS n 
1 35  GLU n 
1 36  GLU n 
1 37  ALA n 
1 38  ARG n 
1 39  ARG n 
1 40  ASN n 
1 41  ALA n 
1 42  GLU n 
1 43  ALA n 
1 44  LYS n 
1 45  ALA n 
1 46  GLU n 
1 47  TRP n 
1 48  ILE n 
1 49  ILE n 
1 50  ARG n 
1 51  ARG n 
1 52  ALA n 
1 53  LYS n 
1 54  THR n 
1 55  GLN n 
1 56  ALA n 
1 57  GLU n 
1 58  LEU n 
1 59  GLU n 
1 60  LYS n 
1 61  GLN n 
1 62  ARG n 
1 63  ILE n 
1 64  ILE n 
1 65  ALA n 
1 66  ASN n 
1 67  ALA n 
1 68  ARG n 
1 69  LEU n 
1 70  GLU n 
1 71  VAL n 
1 72  ARG n 
1 73  ARG n 
1 74  LYS n 
1 75  ARG n 
1 76  LEU n 
1 77  ALA n 
1 78  ILE n 
1 79  GLN n 
1 80  GLU n 
1 81  GLU n 
1 82  ILE n 
1 83  ILE n 
1 84  SER n 
1 85  SER n 
1 86  VAL n 
1 87  LEU n 
1 88  GLU n 
1 89  GLU n 
1 90  VAL n 
1 91  LYS n 
1 92  ARG n 
1 93  ARG n 
1 94  LEU n 
1 95  GLU n 
1 96  THR n 
1 97  MSE n 
1 98  SER n 
1 99  GLU n 
1 100 ASP n 
1 101 GLU n 
1 102 TYR n 
1 103 PHE n 
1 104 GLU n 
1 105 SER n 
1 106 VAL n 
1 107 LYS n 
1 108 ALA n 
1 109 LEU n 
1 110 LEU n 
1 111 LYS n 
1 112 GLU n 
1 113 ALA n 
1 114 ILE n 
1 115 LYS n 
1 116 GLU n 
1 117 LEU n 
1 118 ASN n 
1 119 GLU n 
1 120 LYS n 
1 121 LYS n 
1 122 VAL n 
1 123 ARG n 
1 124 VAL n 
1 125 MSE n 
1 126 SER n 
1 127 ASN n 
1 128 GLU n 
1 129 LYS n 
1 130 THR n 
1 131 LEU n 
1 132 GLY n 
1 133 LEU n 
1 134 ILE n 
1 135 ALA n 
1 136 SER n 
1 137 ARG n 
1 138 ILE n 
1 139 GLU n 
1 140 GLU n 
1 141 ILE n 
1 142 LYS n 
1 143 SER n 
1 144 GLU n 
1 145 LEU n 
1 146 GLY n 
1 147 ASP n 
1 148 VAL n 
1 149 SER n 
1 150 ILE n 
1 151 GLU n 
1 152 LEU n 
1 153 GLY n 
1 154 GLU n 
1 155 THR n 
1 156 VAL n 
1 157 ASP n 
1 158 THR n 
1 159 MSE n 
1 160 GLY n 
1 161 GLY n 
1 162 VAL n 
1 163 ILE n 
1 164 VAL n 
1 165 GLU n 
1 166 THR n 
1 167 GLU n 
1 168 ASP n 
1 169 GLY n 
1 170 ARG n 
1 171 ILE n 
1 172 ARG n 
1 173 ILE n 
1 174 ASP n 
1 175 ASN n 
1 176 THR n 
1 177 PHE n 
1 178 GLU n 
1 179 ALA n 
1 180 ARG n 
1 181 MSE n 
1 182 GLU n 
1 183 ARG n 
1 184 PHE n 
1 185 GLU n 
1 186 GLY n 
1 187 GLU n 
1 188 ILE n 
1 189 ARG n 
1 190 SER n 
1 191 THR n 
1 192 ILE n 
1 193 ALA n 
1 194 LYS n 
1 195 VAL n 
1 196 LEU n 
1 197 PHE n 
1 198 GLY n 
# 
_entity_src_gen.entity_id                          1 
_entity_src_gen.pdbx_src_id                        1 
_entity_src_gen.pdbx_alt_source_flag               sample 
_entity_src_gen.pdbx_seq_type                      ? 
_entity_src_gen.pdbx_beg_seq_num                   ? 
_entity_src_gen.pdbx_end_seq_num                   ? 
_entity_src_gen.gene_src_common_name               ? 
_entity_src_gen.gene_src_genus                     Pyrococcus 
_entity_src_gen.pdbx_gene_src_gene                 atpE 
_entity_src_gen.gene_src_species                   'Pyrococcus horikoshii' 
_entity_src_gen.gene_src_strain                    OT3 
_entity_src_gen.gene_src_tissue                    ? 
_entity_src_gen.gene_src_tissue_fraction           ? 
_entity_src_gen.gene_src_details                   ? 
_entity_src_gen.pdbx_gene_src_fragment             ? 
_entity_src_gen.pdbx_gene_src_scientific_name      'Pyrococcus horikoshii' 
_entity_src_gen.pdbx_gene_src_ncbi_taxonomy_id     70601 
_entity_src_gen.pdbx_gene_src_variant              ? 
_entity_src_gen.pdbx_gene_src_cell_line            ? 
_entity_src_gen.pdbx_gene_src_atcc                 ? 
_entity_src_gen.pdbx_gene_src_organ                ? 
_entity_src_gen.pdbx_gene_src_organelle            ? 
_entity_src_gen.pdbx_gene_src_cell                 ? 
_entity_src_gen.pdbx_gene_src_cellular_location    ? 
_entity_src_gen.host_org_common_name               ? 
_entity_src_gen.pdbx_host_org_scientific_name      'Escherichia coli' 
_entity_src_gen.pdbx_host_org_ncbi_taxonomy_id     562 
_entity_src_gen.host_org_genus                     Escherichia 
_entity_src_gen.pdbx_host_org_gene                 ? 
_entity_src_gen.pdbx_host_org_organ                ? 
_entity_src_gen.host_org_species                   ? 
_entity_src_gen.pdbx_host_org_tissue               ? 
_entity_src_gen.pdbx_host_org_tissue_fraction      ? 
_entity_src_gen.pdbx_host_org_strain               'BL21 Codon Plus (DE3)-RIL' 
_entity_src_gen.pdbx_host_org_variant              ? 
_entity_src_gen.pdbx_host_org_cell_line            ? 
_entity_src_gen.pdbx_host_org_atcc                 ? 
_entity_src_gen.pdbx_host_org_culture_collection   ? 
_entity_src_gen.pdbx_host_org_cell                 ? 
_entity_src_gen.pdbx_host_org_organelle            ? 
_entity_src_gen.pdbx_host_org_cellular_location    ? 
_entity_src_gen.pdbx_host_org_vector_type          plasmid 
_entity_src_gen.pdbx_host_org_vector               ? 
_entity_src_gen.host_org_details                   ? 
_entity_src_gen.expression_system_id               ? 
_entity_src_gen.plasmid_name                       pET11a 
_entity_src_gen.plasmid_details                    ? 
_entity_src_gen.pdbx_description                   ? 
# 
loop_
_chem_comp.id 
_chem_comp.type 
_chem_comp.mon_nstd_flag 
_chem_comp.name 
_chem_comp.pdbx_synonyms 
_chem_comp.formula 
_chem_comp.formula_weight 
ALA 'L-peptide linking' y ALANINE          ? 'C3 H7 N O2'     89.093  
ARG 'L-peptide linking' y ARGININE         ? 'C6 H15 N4 O2 1' 175.209 
ASN 'L-peptide linking' y ASPARAGINE       ? 'C4 H8 N2 O3'    132.118 
ASP 'L-peptide linking' y 'ASPARTIC ACID'  ? 'C4 H7 N O4'     133.103 
GLN 'L-peptide linking' y GLUTAMINE        ? 'C5 H10 N2 O3'   146.144 
GLU 'L-peptide linking' y 'GLUTAMIC ACID'  ? 'C5 H9 N O4'     147.129 
GLY 'peptide linking'   y GLYCINE          ? 'C2 H5 N O2'     75.067  
HOH non-polymer         . WATER            ? 'H2 O'           18.015  
ILE 'L-peptide linking' y ISOLEUCINE       ? 'C6 H13 N O2'    131.173 
LEU 'L-peptide linking' y LEUCINE          ? 'C6 H13 N O2'    131.173 
LYS 'L-peptide linking' y LYSINE           ? 'C6 H15 N2 O2 1' 147.195 
MET 'L-peptide linking' y METHIONINE       ? 'C5 H11 N O2 S'  149.211 
MSE 'L-peptide linking' n SELENOMETHIONINE ? 'C5 H11 N O2 Se' 196.106 
PHE 'L-peptide linking' y PHENYLALANINE    ? 'C9 H11 N O2'    165.189 
SER 'L-peptide linking' y SERINE           ? 'C3 H7 N O3'     105.093 
THR 'L-peptide linking' y THREONINE        ? 'C4 H9 N O3'     119.119 
TRP 'L-peptide linking' y TRYPTOPHAN       ? 'C11 H12 N2 O2'  204.225 
TYR 'L-peptide linking' y TYROSINE         ? 'C9 H11 N O3'    181.189 
VAL 'L-peptide linking' y VALINE           ? 'C5 H11 N O2'    117.146 
# 
loop_
_pdbx_poly_seq_scheme.asym_id 
_pdbx_poly_seq_scheme.entity_id 
_pdbx_poly_seq_scheme.seq_id 
_pdbx_poly_seq_scheme.mon_id 
_pdbx_poly_seq_scheme.ndb_seq_num 
_pdbx_poly_seq_scheme.pdb_seq_num 
_pdbx_poly_seq_scheme.auth_seq_num 
_pdbx_poly_seq_scheme.pdb_mon_id 
_pdbx_poly_seq_scheme.auth_mon_id 
_pdbx_poly_seq_scheme.pdb_strand_id 
_pdbx_poly_seq_scheme.pdb_ins_code 
_pdbx_poly_seq_scheme.hetero 
A 1 1   MSE 1   1   ?   ?   ?   A . n 
A 1 2   ASN 2   2   ?   ?   ?   A . n 
A 1 3   GLY 3   3   ?   ?   ?   A . n 
A 1 4   ALA 4   4   ?   ?   ?   A . n 
A 1 5   GLU 5   5   ?   ?   ?   A . n 
A 1 6   LEU 6   6   ?   ?   ?   A . n 
A 1 7   ILE 7   7   ?   ?   ?   A . n 
A 1 8   ILE 8   8   ?   ?   ?   A . n 
A 1 9   GLN 9   9   ?   ?   ?   A . n 
A 1 10  GLU 10  10  ?   ?   ?   A . n 
A 1 11  ILE 11  11  ?   ?   ?   A . n 
A 1 12  ASN 12  12  ?   ?   ?   A . n 
A 1 13  LYS 13  13  ?   ?   ?   A . n 
A 1 14  GLU 14  14  ?   ?   ?   A . n 
A 1 15  ALA 15  15  ?   ?   ?   A . n 
A 1 16  GLU 16  16  ?   ?   ?   A . n 
A 1 17  ARG 17  17  ?   ?   ?   A . n 
A 1 18  LYS 18  18  ?   ?   ?   A . n 
A 1 19  ILE 19  19  ?   ?   ?   A . n 
A 1 20  GLU 20  20  ?   ?   ?   A . n 
A 1 21  TYR 21  21  ?   ?   ?   A . n 
A 1 22  ILE 22  22  ?   ?   ?   A . n 
A 1 23  LEU 23  23  ?   ?   ?   A . n 
A 1 24  ASN 24  24  ?   ?   ?   A . n 
A 1 25  GLU 25  25  ?   ?   ?   A . n 
A 1 26  ALA 26  26  ?   ?   ?   A . n 
A 1 27  ARG 27  27  ?   ?   ?   A . n 
A 1 28  GLN 28  28  ?   ?   ?   A . n 
A 1 29  GLN 29  29  ?   ?   ?   A . n 
A 1 30  ALA 30  30  ?   ?   ?   A . n 
A 1 31  GLU 31  31  ?   ?   ?   A . n 
A 1 32  LYS 32  32  ?   ?   ?   A . n 
A 1 33  ILE 33  33  ?   ?   ?   A . n 
A 1 34  LYS 34  34  ?   ?   ?   A . n 
A 1 35  GLU 35  35  ?   ?   ?   A . n 
A 1 36  GLU 36  36  ?   ?   ?   A . n 
A 1 37  ALA 37  37  ?   ?   ?   A . n 
A 1 38  ARG 38  38  ?   ?   ?   A . n 
A 1 39  ARG 39  39  ?   ?   ?   A . n 
A 1 40  ASN 40  40  ?   ?   ?   A . n 
A 1 41  ALA 41  41  ?   ?   ?   A . n 
A 1 42  GLU 42  42  ?   ?   ?   A . n 
A 1 43  ALA 43  43  ?   ?   ?   A . n 
A 1 44  LYS 44  44  ?   ?   ?   A . n 
A 1 45  ALA 45  45  ?   ?   ?   A . n 
A 1 46  GLU 46  46  ?   ?   ?   A . n 
A 1 47  TRP 47  47  ?   ?   ?   A . n 
A 1 48  ILE 48  48  ?   ?   ?   A . n 
A 1 49  ILE 49  49  ?   ?   ?   A . n 
A 1 50  ARG 50  50  ?   ?   ?   A . n 
A 1 51  ARG 51  51  ?   ?   ?   A . n 
A 1 52  ALA 52  52  ?   ?   ?   A . n 
A 1 53  LYS 53  53  ?   ?   ?   A . n 
A 1 54  THR 54  54  ?   ?   ?   A . n 
A 1 55  GLN 55  55  ?   ?   ?   A . n 
A 1 56  ALA 56  56  ?   ?   ?   A . n 
A 1 57  GLU 57  57  ?   ?   ?   A . n 
A 1 58  LEU 58  58  ?   ?   ?   A . n 
A 1 59  GLU 59  59  ?   ?   ?   A . n 
A 1 60  LYS 60  60  ?   ?   ?   A . n 
A 1 61  GLN 61  61  ?   ?   ?   A . n 
A 1 62  ARG 62  62  ?   ?   ?   A . n 
A 1 63  ILE 63  63  ?   ?   ?   A . n 
A 1 64  ILE 64  64  ?   ?   ?   A . n 
A 1 65  ALA 65  65  ?   ?   ?   A . n 
A 1 66  ASN 66  66  ?   ?   ?   A . n 
A 1 67  ALA 67  67  ?   ?   ?   A . n 
A 1 68  ARG 68  68  ?   ?   ?   A . n 
A 1 69  LEU 69  69  ?   ?   ?   A . n 
A 1 70  GLU 70  70  ?   ?   ?   A . n 
A 1 71  VAL 71  71  ?   ?   ?   A . n 
A 1 72  ARG 72  72  ?   ?   ?   A . n 
A 1 73  ARG 73  73  ?   ?   ?   A . n 
A 1 74  LYS 74  74  ?   ?   ?   A . n 
A 1 75  ARG 75  75  ?   ?   ?   A . n 
A 1 76  LEU 76  76  ?   ?   ?   A . n 
A 1 77  ALA 77  77  ?   ?   ?   A . n 
A 1 78  ILE 78  78  ?   ?   ?   A . n 
A 1 79  GLN 79  79  ?   ?   ?   A . n 
A 1 80  GLU 80  80  ?   ?   ?   A . n 
A 1 81  GLU 81  81  81  GLU GLU A . n 
A 1 82  ILE 82  82  82  ILE ILE A . n 
A 1 83  ILE 83  83  83  ILE ILE A . n 
A 1 84  SER 84  84  84  SER SER A . n 
A 1 85  SER 85  85  85  SER SER A . n 
A 1 86  VAL 86  86  86  VAL VAL A . n 
A 1 87  LEU 87  87  87  LEU LEU A . n 
A 1 88  GLU 88  88  88  GLU GLU A . n 
A 1 89  GLU 89  89  89  GLU GLU A . n 
A 1 90  VAL 90  90  90  VAL VAL A . n 
A 1 91  LYS 91  91  91  LYS LYS A . n 
A 1 92  ARG 92  92  92  ARG ARG A . n 
A 1 93  ARG 93  93  93  ARG ARG A . n 
A 1 94  LEU 94  94  94  LEU LEU A . n 
A 1 95  GLU 95  95  95  GLU GLU A . n 
A 1 96  THR 96  96  96  THR THR A . n 
A 1 97  MSE 97  97  97  MSE MSE A . n 
A 1 98  SER 98  98  98  SER SER A . n 
A 1 99  GLU 99  99  99  GLU GLU A . n 
A 1 100 ASP 100 100 100 ASP ASP A . n 
A 1 101 GLU 101 101 101 GLU GLU A . n 
A 1 102 TYR 102 102 102 TYR TYR A . n 
A 1 103 PHE 103 103 103 PHE PHE A . n 
A 1 104 GLU 104 104 104 GLU GLU A . n 
A 1 105 SER 105 105 105 SER SER A . n 
A 1 106 VAL 106 106 106 VAL VAL A . n 
A 1 107 LYS 107 107 107 LYS LYS A . n 
A 1 108 ALA 108 108 108 ALA ALA A . n 
A 1 109 LEU 109 109 109 LEU LEU A . n 
A 1 110 LEU 110 110 110 LEU LEU A . n 
A 1 111 LYS 111 111 111 LYS LYS A . n 
A 1 112 GLU 112 112 112 GLU GLU A . n 
A 1 113 ALA 113 113 113 ALA ALA A . n 
A 1 114 ILE 114 114 114 ILE ILE A . n 
A 1 115 LYS 115 115 115 LYS LYS A . n 
A 1 116 GLU 116 116 116 GLU GLU A . n 
A 1 117 LEU 117 117 117 LEU LEU A . n 
A 1 118 ASN 118 118 118 ASN ASN A . n 
A 1 119 GLU 119 119 119 GLU GLU A . n 
A 1 120 LYS 120 120 120 LYS LYS A . n 
A 1 121 LYS 121 121 121 LYS LYS A . n 
A 1 122 VAL 122 122 122 VAL VAL A . n 
A 1 123 ARG 123 123 123 ARG ARG A . n 
A 1 124 VAL 124 124 124 VAL VAL A . n 
A 1 125 MSE 125 125 125 MSE MSE A . n 
A 1 126 SER 126 126 126 SER SER A . n 
A 1 127 ASN 127 127 127 ASN ASN A . n 
A 1 128 GLU 128 128 128 GLU GLU A . n 
A 1 129 LYS 129 129 129 LYS LYS A . n 
A 1 130 THR 130 130 130 THR THR A . n 
A 1 131 LEU 131 131 131 LEU LEU A . n 
A 1 132 GLY 132 132 132 GLY GLY A . n 
A 1 133 LEU 133 133 133 LEU LEU A . n 
A 1 134 ILE 134 134 134 ILE ILE A . n 
A 1 135 ALA 135 135 135 ALA ALA A . n 
A 1 136 SER 136 136 136 SER SER A . n 
A 1 137 ARG 137 137 137 ARG ARG A . n 
A 1 138 ILE 138 138 138 ILE ILE A . n 
A 1 139 GLU 139 139 139 GLU GLU A . n 
A 1 140 GLU 140 140 140 GLU GLU A . n 
A 1 141 ILE 141 141 141 ILE ILE A . n 
A 1 142 LYS 142 142 142 LYS LYS A . n 
A 1 143 SER 143 143 143 SER SER A . n 
A 1 144 GLU 144 144 144 GLU GLU A . n 
A 1 145 LEU 145 145 145 LEU LEU A . n 
A 1 146 GLY 146 146 146 GLY GLY A . n 
A 1 147 ASP 147 147 147 ASP ASP A . n 
A 1 148 VAL 148 148 148 VAL VAL A . n 
A 1 149 SER 149 149 149 SER SER A . n 
A 1 150 ILE 150 150 150 ILE ILE A . n 
A 1 151 GLU 151 151 151 GLU GLU A . n 
A 1 152 LEU 152 152 152 LEU LEU A . n 
A 1 153 GLY 153 153 153 GLY GLY A . n 
A 1 154 GLU 154 154 154 GLU GLU A . n 
A 1 155 THR 155 155 155 THR THR A . n 
A 1 156 VAL 156 156 156 VAL VAL A . n 
A 1 157 ASP 157 157 157 ASP ASP A . n 
A 1 158 THR 158 158 158 THR THR A . n 
A 1 159 MSE 159 159 159 MSE MSE A . n 
A 1 160 GLY 160 160 160 GLY GLY A . n 
A 1 161 GLY 161 161 161 GLY GLY A . n 
A 1 162 VAL 162 162 162 VAL VAL A . n 
A 1 163 ILE 163 163 163 ILE ILE A . n 
A 1 164 VAL 164 164 164 VAL VAL A . n 
A 1 165 GLU 165 165 165 GLU GLU A . n 
A 1 166 THR 166 166 166 THR THR A . n 
A 1 167 GLU 167 167 167 GLU GLU A . n 
A 1 168 ASP 168 168 168 ASP ASP A . n 
A 1 169 GLY 169 169 169 GLY GLY A . n 
A 1 170 ARG 170 170 170 ARG ARG A . n 
A 1 171 ILE 171 171 171 ILE ILE A . n 
A 1 172 ARG 172 172 172 ARG ARG A . n 
A 1 173 ILE 173 173 173 ILE ILE A . n 
A 1 174 ASP 174 174 174 ASP ASP A . n 
A 1 175 ASN 175 175 175 ASN ASN A . n 
A 1 176 THR 176 176 176 THR THR A . n 
A 1 177 PHE 177 177 177 PHE PHE A . n 
A 1 178 GLU 178 178 178 GLU GLU A . n 
A 1 179 ALA 179 179 179 ALA ALA A . n 
A 1 180 ARG 180 180 180 ARG ARG A . n 
A 1 181 MSE 181 181 181 MSE MSE A . n 
A 1 182 GLU 182 182 182 GLU GLU A . n 
A 1 183 ARG 183 183 183 ARG ARG A . n 
A 1 184 PHE 184 184 184 PHE PHE A . n 
A 1 185 GLU 185 185 185 GLU GLU A . n 
A 1 186 GLY 186 186 186 GLY GLY A . n 
A 1 187 GLU 187 187 187 GLU GLU A . n 
A 1 188 ILE 188 188 188 ILE ILE A . n 
A 1 189 ARG 189 189 189 ARG ARG A . n 
A 1 190 SER 190 190 190 SER SER A . n 
A 1 191 THR 191 191 191 THR THR A . n 
A 1 192 ILE 192 192 192 ILE ILE A . n 
A 1 193 ALA 193 193 193 ALA ALA A . n 
A 1 194 LYS 194 194 194 LYS LYS A . n 
A 1 195 VAL 195 195 195 VAL VAL A . n 
A 1 196 LEU 196 196 196 LEU LEU A . n 
A 1 197 PHE 197 197 197 PHE PHE A . n 
A 1 198 GLY 198 198 198 GLY GLY A . n 
# 
loop_
_pdbx_nonpoly_scheme.asym_id 
_pdbx_nonpoly_scheme.entity_id 
_pdbx_nonpoly_scheme.mon_id 
_pdbx_nonpoly_scheme.ndb_seq_num 
_pdbx_nonpoly_scheme.pdb_seq_num 
_pdbx_nonpoly_scheme.auth_seq_num 
_pdbx_nonpoly_scheme.pdb_mon_id 
_pdbx_nonpoly_scheme.auth_mon_id 
_pdbx_nonpoly_scheme.pdb_strand_id 
_pdbx_nonpoly_scheme.pdb_ins_code 
B 2 HOH 1  199 1  HOH HOH A . 
B 2 HOH 2  200 2  HOH HOH A . 
B 2 HOH 3  201 3  HOH HOH A . 
B 2 HOH 4  202 4  HOH HOH A . 
B 2 HOH 5  203 5  HOH HOH A . 
B 2 HOH 6  204 6  HOH HOH A . 
B 2 HOH 7  205 7  HOH HOH A . 
B 2 HOH 8  206 8  HOH HOH A . 
B 2 HOH 9  207 9  HOH HOH A . 
B 2 HOH 10 208 10 HOH HOH A . 
B 2 HOH 11 209 11 HOH HOH A . 
B 2 HOH 12 210 12 HOH HOH A . 
B 2 HOH 13 211 13 HOH HOH A . 
B 2 HOH 14 212 14 HOH HOH A . 
B 2 HOH 15 213 15 HOH HOH A . 
B 2 HOH 16 214 16 HOH HOH A . 
B 2 HOH 17 215 17 HOH HOH A . 
B 2 HOH 18 216 18 HOH HOH A . 
B 2 HOH 19 217 19 HOH HOH A . 
B 2 HOH 20 218 20 HOH HOH A . 
B 2 HOH 21 219 21 HOH HOH A . 
B 2 HOH 22 220 22 HOH HOH A . 
B 2 HOH 23 221 23 HOH HOH A . 
B 2 HOH 24 222 24 HOH HOH A . 
B 2 HOH 25 223 25 HOH HOH A . 
B 2 HOH 26 224 26 HOH HOH A . 
B 2 HOH 27 225 27 HOH HOH A . 
B 2 HOH 28 226 28 HOH HOH A . 
B 2 HOH 29 227 29 HOH HOH A . 
B 2 HOH 30 228 30 HOH HOH A . 
B 2 HOH 31 229 31 HOH HOH A . 
B 2 HOH 32 230 32 HOH HOH A . 
B 2 HOH 33 231 33 HOH HOH A . 
B 2 HOH 34 232 34 HOH HOH A . 
B 2 HOH 35 233 35 HOH HOH A . 
B 2 HOH 36 234 36 HOH HOH A . 
B 2 HOH 37 235 37 HOH HOH A . 
B 2 HOH 38 236 38 HOH HOH A . 
B 2 HOH 39 237 39 HOH HOH A . 
B 2 HOH 40 238 40 HOH HOH A . 
B 2 HOH 41 239 41 HOH HOH A . 
B 2 HOH 42 240 42 HOH HOH A . 
B 2 HOH 43 241 43 HOH HOH A . 
B 2 HOH 44 242 44 HOH HOH A . 
B 2 HOH 45 243 46 HOH HOH A . 
B 2 HOH 46 244 47 HOH HOH A . 
B 2 HOH 47 245 48 HOH HOH A . 
B 2 HOH 48 246 49 HOH HOH A . 
B 2 HOH 49 247 50 HOH HOH A . 
B 2 HOH 50 248 51 HOH HOH A . 
B 2 HOH 51 249 52 HOH HOH A . 
B 2 HOH 52 250 53 HOH HOH A . 
B 2 HOH 53 251 54 HOH HOH A . 
B 2 HOH 54 252 55 HOH HOH A . 
B 2 HOH 55 253 56 HOH HOH A . 
B 2 HOH 56 254 57 HOH HOH A . 
B 2 HOH 57 255 59 HOH HOH A . 
B 2 HOH 58 256 60 HOH HOH A . 
B 2 HOH 59 257 61 HOH HOH A . 
B 2 HOH 60 258 62 HOH HOH A . 
B 2 HOH 61 259 63 HOH HOH A . 
B 2 HOH 62 260 64 HOH HOH A . 
B 2 HOH 63 261 65 HOH HOH A . 
B 2 HOH 64 262 66 HOH HOH A . 
B 2 HOH 65 263 67 HOH HOH A . 
B 2 HOH 66 264 68 HOH HOH A . 
B 2 HOH 67 265 69 HOH HOH A . 
B 2 HOH 68 266 70 HOH HOH A . 
B 2 HOH 69 267 72 HOH HOH A . 
B 2 HOH 70 268 73 HOH HOH A . 
B 2 HOH 71 269 74 HOH HOH A . 
B 2 HOH 72 270 75 HOH HOH A . 
B 2 HOH 73 271 76 HOH HOH A . 
B 2 HOH 74 272 77 HOH HOH A . 
B 2 HOH 75 273 78 HOH HOH A . 
B 2 HOH 76 274 79 HOH HOH A . 
B 2 HOH 77 275 80 HOH HOH A . 
# 
loop_
_software.name 
_software.classification 
_software.version 
_software.citation_id 
_software.pdbx_ordinal 
CNS       refinement       1.1 ? 1 
HKL-2000  'data reduction' .   ? 2 
SCALEPACK 'data scaling'   .   ? 3 
CNS       phasing          .   ? 4 
# 
_cell.entry_id           2DMA 
_cell.length_a           71.235 
_cell.length_b           78.067 
_cell.length_c           52.829 
_cell.angle_alpha        90.00 
_cell.angle_beta         90.00 
_cell.angle_gamma        90.00 
_cell.Z_PDB              8 
_cell.pdbx_unique_axis   ? 
_cell.length_a_esd       ? 
_cell.length_b_esd       ? 
_cell.length_c_esd       ? 
_cell.angle_alpha_esd    ? 
_cell.angle_beta_esd     ? 
_cell.angle_gamma_esd    ? 
# 
_symmetry.entry_id                         2DMA 
_symmetry.space_group_name_H-M             'C 2 2 21' 
_symmetry.pdbx_full_space_group_name_H-M   ? 
_symmetry.cell_setting                     ? 
_symmetry.Int_Tables_number                20 
_symmetry.space_group_name_Hall            ? 
# 
_exptl.entry_id          2DMA 
_exptl.method            'X-RAY DIFFRACTION' 
_exptl.crystals_number   1 
# 
_exptl_crystal.id                    1 
_exptl_crystal.density_meas          ? 
_exptl_crystal.density_Matthews      1.60 
_exptl_crystal.density_percent_sol   28 
_exptl_crystal.description           ? 
_exptl_crystal.F_000                 ? 
_exptl_crystal.preparation           ? 
# 
_exptl_crystal_grow.crystal_id      1 
_exptl_crystal_grow.method          MICROBATCH 
_exptl_crystal_grow.temp            295 
_exptl_crystal_grow.temp_details    ? 
_exptl_crystal_grow.pH              9.0 
_exptl_crystal_grow.pdbx_details    'PEG-MME 550, Bicine-HCl, NaCl, pH 9.0,  microbatch, temperature 295K' 
_exptl_crystal_grow.pdbx_pH_range   . 
# 
_diffrn.id                     1 
_diffrn.ambient_temp           100.0 
_diffrn.ambient_temp_details   ? 
_diffrn.crystal_id             1 
# 
_diffrn_detector.diffrn_id              1 
_diffrn_detector.detector               'IMAGE PLATE' 
_diffrn_detector.type                   'RIGAKU RAXIS V' 
_diffrn_detector.pdbx_collection_date   2004-10-14 
_diffrn_detector.details                'RH coated bent-cylindrical mirror' 
# 
_diffrn_radiation.diffrn_id                        1 
_diffrn_radiation.wavelength_id                    1 
_diffrn_radiation.pdbx_monochromatic_or_laue_m_l   M 
_diffrn_radiation.monochromator                    'SI111 double crystal monochromator' 
_diffrn_radiation.pdbx_diffrn_protocol             'SINGLE WAVELENGTH' 
_diffrn_radiation.pdbx_scattering_type             x-ray 
# 
_diffrn_radiation_wavelength.id           1 
_diffrn_radiation_wavelength.wavelength   1.0 
_diffrn_radiation_wavelength.wt           1.0 
# 
_diffrn_source.diffrn_id                   1 
_diffrn_source.source                      SYNCHROTRON 
_diffrn_source.type                        'SPRING-8 BEAMLINE BL26B1' 
_diffrn_source.pdbx_synchrotron_site       SPring-8 
_diffrn_source.pdbx_synchrotron_beamline   BL26B1 
_diffrn_source.pdbx_wavelength             ? 
_diffrn_source.pdbx_wavelength_list        1.0 
# 
_reflns.entry_id                     2DMA 
_reflns.observed_criterion_sigma_I   0.0 
_reflns.observed_criterion_sigma_F   0.0 
_reflns.d_resolution_low             40.0 
_reflns.d_resolution_high            2.05 
_reflns.number_obs                   9552 
_reflns.number_all                   9568 
_reflns.percent_possible_obs         99.9 
_reflns.pdbx_Rmerge_I_obs            0.079 
_reflns.pdbx_Rsym_value              ? 
_reflns.pdbx_netI_over_sigmaI        13.1 
_reflns.B_iso_Wilson_estimate        14.1 
_reflns.pdbx_redundancy              5.4 
_reflns.R_free_details               ? 
_reflns.limit_h_max                  ? 
_reflns.limit_h_min                  ? 
_reflns.limit_k_max                  ? 
_reflns.limit_k_min                  ? 
_reflns.limit_l_max                  ? 
_reflns.limit_l_min                  ? 
_reflns.observed_criterion_F_max     ? 
_reflns.observed_criterion_F_min     ? 
_reflns.pdbx_chi_squared             ? 
_reflns.pdbx_scaling_rejects         ? 
_reflns.pdbx_ordinal                 1 
_reflns.pdbx_diffrn_id               1 
# 
_reflns_shell.d_res_high             2.05 
_reflns_shell.d_res_low              2.12 
_reflns_shell.percent_possible_all   100.0 
_reflns_shell.Rmerge_I_obs           ? 
_reflns_shell.pdbx_Rsym_value        ? 
_reflns_shell.meanI_over_sigI_obs    ? 
_reflns_shell.pdbx_redundancy        ? 
_reflns_shell.percent_possible_obs   ? 
_reflns_shell.number_unique_all      ? 
_reflns_shell.number_measured_all    ? 
_reflns_shell.number_measured_obs    ? 
_reflns_shell.number_unique_obs      ? 
_reflns_shell.pdbx_chi_squared       ? 
_reflns_shell.pdbx_ordinal           1 
_reflns_shell.pdbx_diffrn_id         1 
# 
_refine.entry_id                                 2DMA 
_refine.ls_number_reflns_obs                     9552 
_refine.ls_number_reflns_all                     9568 
_refine.pdbx_ls_sigma_I                          ? 
_refine.pdbx_ls_sigma_F                          0.0 
_refine.pdbx_data_cutoff_high_absF               2110625.22 
_refine.pdbx_data_cutoff_low_absF                0.000000 
_refine.pdbx_data_cutoff_high_rms_absF           ? 
_refine.ls_d_res_low                             39.03 
_refine.ls_d_res_high                            2.05 
_refine.ls_percent_reflns_obs                    99.9 
_refine.ls_R_factor_obs                          0.224 
_refine.ls_R_factor_all                          ? 
_refine.ls_R_factor_R_work                       0.224 
_refine.ls_R_factor_R_free                       0.261 
_refine.ls_R_factor_R_free_error                 0.012 
_refine.ls_R_factor_R_free_error_details         ? 
_refine.ls_percent_reflns_R_free                 5.3 
_refine.ls_number_reflns_R_free                  506 
_refine.ls_number_parameters                     ? 
_refine.ls_number_restraints                     ? 
_refine.occupancy_min                            ? 
_refine.occupancy_max                            ? 
_refine.correlation_coeff_Fo_to_Fc               ? 
_refine.correlation_coeff_Fo_to_Fc_free          ? 
_refine.B_iso_mean                               33.2 
_refine.aniso_B[1][1]                            21.17 
_refine.aniso_B[2][2]                            -9.68 
_refine.aniso_B[3][3]                            -11.49 
_refine.aniso_B[1][2]                            0.00 
_refine.aniso_B[1][3]                            0.00 
_refine.aniso_B[2][3]                            0.00 
_refine.solvent_model_details                    'FLAT MODEL' 
_refine.solvent_model_param_ksol                 0.371595 
_refine.solvent_model_param_bsol                 47.3537 
_refine.pdbx_solvent_vdw_probe_radii             ? 
_refine.pdbx_solvent_ion_probe_radii             ? 
_refine.pdbx_solvent_shrinkage_radii             ? 
_refine.pdbx_ls_cross_valid_method               THROUGHOUT 
_refine.details                                  ? 
_refine.pdbx_starting_model                      2DM9 
_refine.pdbx_method_to_determine_struct          'MOLECULAR REPLACEMENT' 
_refine.pdbx_isotropic_thermal_model             RESTRAINED 
_refine.pdbx_stereochemistry_target_values       'Engh & Huber' 
_refine.pdbx_stereochem_target_val_spec_case     ? 
_refine.pdbx_R_Free_selection_details            RANDOM 
_refine.pdbx_overall_ESU_R                       ? 
_refine.pdbx_overall_ESU_R_Free                  ? 
_refine.overall_SU_ML                            ? 
_refine.overall_SU_B                             ? 
_refine.ls_redundancy_reflns_obs                 ? 
_refine.B_iso_min                                ? 
_refine.B_iso_max                                ? 
_refine.overall_SU_R_Cruickshank_DPI             ? 
_refine.overall_SU_R_free                        ? 
_refine.ls_wR_factor_R_free                      ? 
_refine.ls_wR_factor_R_work                      ? 
_refine.overall_FOM_free_R_set                   ? 
_refine.overall_FOM_work_R_set                   ? 
_refine.pdbx_refine_id                           'X-RAY DIFFRACTION' 
_refine.pdbx_diffrn_id                           1 
_refine.pdbx_TLS_residual_ADP_flag               ? 
_refine.pdbx_overall_phase_error                 ? 
_refine.pdbx_overall_SU_R_free_Cruickshank_DPI   ? 
_refine.pdbx_overall_SU_R_Blow_DPI               ? 
_refine.pdbx_overall_SU_R_free_Blow_DPI          ? 
# 
_refine_analyze.entry_id                        2DMA 
_refine_analyze.Luzzati_coordinate_error_obs    0.26 
_refine_analyze.Luzzati_sigma_a_obs             0.27 
_refine_analyze.Luzzati_d_res_low_obs           5.00 
_refine_analyze.Luzzati_coordinate_error_free   0.32 
_refine_analyze.Luzzati_sigma_a_free            0.29 
_refine_analyze.Luzzati_d_res_low_free          ? 
_refine_analyze.number_disordered_residues      ? 
_refine_analyze.occupancy_sum_hydrogen          ? 
_refine_analyze.occupancy_sum_non_hydrogen      ? 
_refine_analyze.pdbx_Luzzati_d_res_high_obs     ? 
_refine_analyze.pdbx_refine_id                  'X-RAY DIFFRACTION' 
# 
_refine_hist.pdbx_refine_id                   'X-RAY DIFFRACTION' 
_refine_hist.cycle_id                         LAST 
_refine_hist.pdbx_number_atoms_protein        937 
_refine_hist.pdbx_number_atoms_nucleic_acid   0 
_refine_hist.pdbx_number_atoms_ligand         0 
_refine_hist.number_atoms_solvent             77 
_refine_hist.number_atoms_total               1014 
_refine_hist.d_res_high                       2.05 
_refine_hist.d_res_low                        39.03 
# 
loop_
_refine_ls_restr.type 
_refine_ls_restr.dev_ideal 
_refine_ls_restr.dev_ideal_target 
_refine_ls_restr.weight 
_refine_ls_restr.number 
_refine_ls_restr.pdbx_refine_id 
_refine_ls_restr.pdbx_restraint_function 
c_bond_d           0.006 ?    ? ? 'X-RAY DIFFRACTION' ? 
c_angle_deg        1.2   ?    ? ? 'X-RAY DIFFRACTION' ? 
c_dihedral_angle_d 20.5  ?    ? ? 'X-RAY DIFFRACTION' ? 
c_improper_angle_d 0.76  ?    ? ? 'X-RAY DIFFRACTION' ? 
c_mcbond_it        1.43  1.50 ? ? 'X-RAY DIFFRACTION' ? 
c_mcangle_it       2.21  2.00 ? ? 'X-RAY DIFFRACTION' ? 
c_scbond_it        3.12  2.00 ? ? 'X-RAY DIFFRACTION' ? 
c_scangle_it       4.46  2.50 ? ? 'X-RAY DIFFRACTION' ? 
# 
_refine_ls_shell.pdbx_total_number_of_bins_used   6 
_refine_ls_shell.d_res_high                       2.05 
_refine_ls_shell.d_res_low                        2.18 
_refine_ls_shell.number_reflns_R_work             1485 
_refine_ls_shell.R_factor_R_work                  0.29 
_refine_ls_shell.percent_reflns_obs               100.0 
_refine_ls_shell.R_factor_R_free                  0.275 
_refine_ls_shell.R_factor_R_free_error            0.032 
_refine_ls_shell.percent_reflns_R_free            4.7 
_refine_ls_shell.number_reflns_R_free             74 
_refine_ls_shell.number_reflns_all                ? 
_refine_ls_shell.R_factor_all                     ? 
_refine_ls_shell.number_reflns_obs                ? 
_refine_ls_shell.redundancy_reflns_obs            ? 
_refine_ls_shell.pdbx_refine_id                   'X-RAY DIFFRACTION' 
# 
loop_
_pdbx_xplor_file.serial_no 
_pdbx_xplor_file.param_file 
_pdbx_xplor_file.topol_file 
_pdbx_xplor_file.pdbx_refine_id 
1 protein_rep.param protein.top 'X-RAY DIFFRACTION' 
2 water_rep.param   water.top   'X-RAY DIFFRACTION' 
3 ion.param         ion.top     'X-RAY DIFFRACTION' 
# 
_struct.entry_id                  2DMA 
_struct.title                     'Crystal Structure of PH1978 from Pyrococcus horikoshii OT3 (form II)' 
_struct.pdbx_model_details        ? 
_struct.pdbx_CASP_flag            ? 
_struct.pdbx_model_type_details   ? 
# 
_struct_keywords.entry_id        2DMA 
_struct_keywords.pdbx_keywords   HYDROLASE 
_struct_keywords.text            
;A-ATpase, Structural genomics, NPPSFA, National Project on Protein Structural and Functional Analyses, RIKEN Structural Genomics/Proteomics Initiative, RSGI, HYDROLASE
;
# 
loop_
_struct_asym.id 
_struct_asym.pdbx_blank_PDB_chainid_flag 
_struct_asym.pdbx_modified 
_struct_asym.entity_id 
_struct_asym.details 
A N N 1 ? 
B N N 2 ? 
# 
_struct_ref.id                         1 
_struct_ref.db_name                    UNP 
_struct_ref.db_code                    VATE_PYRHO 
_struct_ref.pdbx_db_accession          O57724 
_struct_ref.entity_id                  1 
_struct_ref.pdbx_seq_one_letter_code   
;MNGAELIIQEINKEAERKIEYILNEARQQAEKIKEEARRNAEAKAEWIIRRAKTQAELEKQRIIANARLEVRRKRLAIQE
EIISSVLEEVKRRLETMSEDEYFESVKALLKEAIKELNEKKVRVMSNEKTLGLIASRIEEIKSELGDVSIELGETVDTMG
GVIVETEDGRIRIDNTFEARMERFEGEIRSTIAKVLFG
;
_struct_ref.pdbx_align_begin           1 
_struct_ref.pdbx_db_isoform            ? 
# 
_struct_ref_seq.align_id                      1 
_struct_ref_seq.ref_id                        1 
_struct_ref_seq.pdbx_PDB_id_code              2DMA 
_struct_ref_seq.pdbx_strand_id                A 
_struct_ref_seq.seq_align_beg                 1 
_struct_ref_seq.pdbx_seq_align_beg_ins_code   ? 
_struct_ref_seq.seq_align_end                 198 
_struct_ref_seq.pdbx_seq_align_end_ins_code   ? 
_struct_ref_seq.pdbx_db_accession             O57724 
_struct_ref_seq.db_align_beg                  1 
_struct_ref_seq.pdbx_db_align_beg_ins_code    ? 
_struct_ref_seq.db_align_end                  198 
_struct_ref_seq.pdbx_db_align_end_ins_code    ? 
_struct_ref_seq.pdbx_auth_seq_align_beg       1 
_struct_ref_seq.pdbx_auth_seq_align_end       198 
# 
loop_
_struct_ref_seq_dif.align_id 
_struct_ref_seq_dif.pdbx_pdb_id_code 
_struct_ref_seq_dif.mon_id 
_struct_ref_seq_dif.pdbx_pdb_strand_id 
_struct_ref_seq_dif.seq_num 
_struct_ref_seq_dif.pdbx_pdb_ins_code 
_struct_ref_seq_dif.pdbx_seq_db_name 
_struct_ref_seq_dif.pdbx_seq_db_accession_code 
_struct_ref_seq_dif.db_mon_id 
_struct_ref_seq_dif.pdbx_seq_db_seq_num 
_struct_ref_seq_dif.details 
_struct_ref_seq_dif.pdbx_auth_seq_num 
_struct_ref_seq_dif.pdbx_ordinal 
1 2DMA MSE A 1   ? UNP O57724 MET 1   'modified residue' 1   1 
1 2DMA MSE A 97  ? UNP O57724 MET 97  'modified residue' 97  2 
1 2DMA MSE A 125 ? UNP O57724 MET 125 'modified residue' 125 3 
1 2DMA MSE A 159 ? UNP O57724 MET 159 'modified residue' 159 4 
1 2DMA MSE A 181 ? UNP O57724 MET 181 'modified residue' 181 5 
# 
_pdbx_struct_assembly.id                   1 
_pdbx_struct_assembly.details              author_and_software_defined_assembly 
_pdbx_struct_assembly.method_details       PISA,PQS 
_pdbx_struct_assembly.oligomeric_details   dimeric 
_pdbx_struct_assembly.oligomeric_count     2 
# 
loop_
_pdbx_struct_assembly_prop.biol_id 
_pdbx_struct_assembly_prop.type 
_pdbx_struct_assembly_prop.value 
_pdbx_struct_assembly_prop.details 
1 'ABSA (A^2)' 2710  ? 
1 MORE         -20   ? 
1 'SSA (A^2)'  12010 ? 
# 
_pdbx_struct_assembly_gen.assembly_id       1 
_pdbx_struct_assembly_gen.oper_expression   1,2 
_pdbx_struct_assembly_gen.asym_id_list      A,B 
# 
loop_
_pdbx_struct_oper_list.id 
_pdbx_struct_oper_list.type 
_pdbx_struct_oper_list.name 
_pdbx_struct_oper_list.symmetry_operation 
_pdbx_struct_oper_list.matrix[1][1] 
_pdbx_struct_oper_list.matrix[1][2] 
_pdbx_struct_oper_list.matrix[1][3] 
_pdbx_struct_oper_list.vector[1] 
_pdbx_struct_oper_list.matrix[2][1] 
_pdbx_struct_oper_list.matrix[2][2] 
_pdbx_struct_oper_list.matrix[2][3] 
_pdbx_struct_oper_list.vector[2] 
_pdbx_struct_oper_list.matrix[3][1] 
_pdbx_struct_oper_list.matrix[3][2] 
_pdbx_struct_oper_list.matrix[3][3] 
_pdbx_struct_oper_list.vector[3] 
1 'identity operation'         1_555 x,y,z     1.0000000000  0.0000000000  0.0000000000 0.0000000000 0.0000000000  1.0000000000  0.0000000000  0.0000000000   0.0000000000 0.0000000000  1.0000000000 0.0000000000   
2 'crystal symmetry operation' 4_556 x,-y,-z+1 -0.5498307778 -0.2818593586 0.7862832936 7.7987132366 -0.2818593586 -0.8235225908 -0.4923066568 -32.4199750158 0.7862832936 -0.4923066568 0.3733533686 -16.0865862712 
# 
_struct_biol.id   1 
# 
loop_
_struct_conf.conf_type_id 
_struct_conf.id 
_struct_conf.pdbx_PDB_helix_id 
_struct_conf.beg_label_comp_id 
_struct_conf.beg_label_asym_id 
_struct_conf.beg_label_seq_id 
_struct_conf.pdbx_beg_PDB_ins_code 
_struct_conf.end_label_comp_id 
_struct_conf.end_label_asym_id 
_struct_conf.end_label_seq_id 
_struct_conf.pdbx_end_PDB_ins_code 
_struct_conf.beg_auth_comp_id 
_struct_conf.beg_auth_asym_id 
_struct_conf.beg_auth_seq_id 
_struct_conf.end_auth_comp_id 
_struct_conf.end_auth_asym_id 
_struct_conf.end_auth_seq_id 
_struct_conf.pdbx_PDB_helix_class 
_struct_conf.details 
_struct_conf.pdbx_PDB_helix_length 
HELX_P HELX_P1 1 GLU A 81  ? MSE A 97  ? GLU A 81  MSE A 97  1 ? 17 
HELX_P HELX_P2 2 SER A 98  ? ASN A 118 ? SER A 98  ASN A 118 1 ? 21 
HELX_P HELX_P3 3 ASN A 127 ? ARG A 137 ? ASN A 127 ARG A 137 1 ? 11 
HELX_P HELX_P4 4 ARG A 137 ? GLY A 146 ? ARG A 137 GLY A 146 1 ? 10 
HELX_P HELX_P5 5 PHE A 177 ? PHE A 184 ? PHE A 177 PHE A 184 1 ? 8  
HELX_P HELX_P6 6 PHE A 184 ? GLY A 198 ? PHE A 184 GLY A 198 1 ? 15 
# 
_struct_conf_type.id          HELX_P 
_struct_conf_type.criteria    ? 
_struct_conf_type.reference   ? 
# 
loop_
_struct_conn.id 
_struct_conn.conn_type_id 
_struct_conn.pdbx_leaving_atom_flag 
_struct_conn.pdbx_PDB_id 
_struct_conn.ptnr1_label_asym_id 
_struct_conn.ptnr1_label_comp_id 
_struct_conn.ptnr1_label_seq_id 
_struct_conn.ptnr1_label_atom_id 
_struct_conn.pdbx_ptnr1_label_alt_id 
_struct_conn.pdbx_ptnr1_PDB_ins_code 
_struct_conn.pdbx_ptnr1_standard_comp_id 
_struct_conn.ptnr1_symmetry 
_struct_conn.ptnr2_label_asym_id 
_struct_conn.ptnr2_label_comp_id 
_struct_conn.ptnr2_label_seq_id 
_struct_conn.ptnr2_label_atom_id 
_struct_conn.pdbx_ptnr2_label_alt_id 
_struct_conn.pdbx_ptnr2_PDB_ins_code 
_struct_conn.ptnr1_auth_asym_id 
_struct_conn.ptnr1_auth_comp_id 
_struct_conn.ptnr1_auth_seq_id 
_struct_conn.ptnr2_auth_asym_id 
_struct_conn.ptnr2_auth_comp_id 
_struct_conn.ptnr2_auth_seq_id 
_struct_conn.ptnr2_symmetry 
_struct_conn.pdbx_ptnr3_label_atom_id 
_struct_conn.pdbx_ptnr3_label_seq_id 
_struct_conn.pdbx_ptnr3_label_comp_id 
_struct_conn.pdbx_ptnr3_label_asym_id 
_struct_conn.pdbx_ptnr3_label_alt_id 
_struct_conn.pdbx_ptnr3_PDB_ins_code 
_struct_conn.details 
_struct_conn.pdbx_dist_value 
_struct_conn.pdbx_value_order 
_struct_conn.pdbx_role 
covale1 covale both ? A THR 96  C ? ? ? 1_555 A MSE 97  N ? ? A THR 96  A MSE 97  1_555 ? ? ? ? ? ? ? 1.328 ? ? 
covale2 covale both ? A MSE 97  C ? ? ? 1_555 A SER 98  N ? ? A MSE 97  A SER 98  1_555 ? ? ? ? ? ? ? 1.327 ? ? 
covale3 covale both ? A VAL 124 C ? ? ? 1_555 A MSE 125 N ? ? A VAL 124 A MSE 125 1_555 ? ? ? ? ? ? ? 1.328 ? ? 
covale4 covale both ? A MSE 125 C ? ? ? 1_555 A SER 126 N ? ? A MSE 125 A SER 126 1_555 ? ? ? ? ? ? ? 1.325 ? ? 
covale5 covale both ? A THR 158 C ? ? ? 1_555 A MSE 159 N ? ? A THR 158 A MSE 159 1_555 ? ? ? ? ? ? ? 1.324 ? ? 
covale6 covale both ? A MSE 159 C ? ? ? 1_555 A GLY 160 N ? ? A MSE 159 A GLY 160 1_555 ? ? ? ? ? ? ? 1.325 ? ? 
covale7 covale both ? A ARG 180 C ? ? ? 1_555 A MSE 181 N ? ? A ARG 180 A MSE 181 1_555 ? ? ? ? ? ? ? 1.327 ? ? 
covale8 covale both ? A MSE 181 C ? ? ? 1_555 A GLU 182 N ? ? A MSE 181 A GLU 182 1_555 ? ? ? ? ? ? ? 1.328 ? ? 
# 
_struct_conn_type.id          covale 
_struct_conn_type.criteria    ? 
_struct_conn_type.reference   ? 
# 
loop_
_pdbx_modification_feature.ordinal 
_pdbx_modification_feature.label_comp_id 
_pdbx_modification_feature.label_asym_id 
_pdbx_modification_feature.label_seq_id 
_pdbx_modification_feature.label_alt_id 
_pdbx_modification_feature.modified_residue_label_comp_id 
_pdbx_modification_feature.modified_residue_label_asym_id 
_pdbx_modification_feature.modified_residue_label_seq_id 
_pdbx_modification_feature.modified_residue_label_alt_id 
_pdbx_modification_feature.auth_comp_id 
_pdbx_modification_feature.auth_asym_id 
_pdbx_modification_feature.auth_seq_id 
_pdbx_modification_feature.PDB_ins_code 
_pdbx_modification_feature.symmetry 
_pdbx_modification_feature.modified_residue_auth_comp_id 
_pdbx_modification_feature.modified_residue_auth_asym_id 
_pdbx_modification_feature.modified_residue_auth_seq_id 
_pdbx_modification_feature.modified_residue_PDB_ins_code 
_pdbx_modification_feature.modified_residue_symmetry 
_pdbx_modification_feature.comp_id_linking_atom 
_pdbx_modification_feature.modified_residue_id_linking_atom 
_pdbx_modification_feature.modified_residue_id 
_pdbx_modification_feature.ref_pcm_id 
_pdbx_modification_feature.ref_comp_id 
_pdbx_modification_feature.type 
_pdbx_modification_feature.category 
1 MSE A 97  ? . . . . MSE A 97  ? 1_555 . . . . . . . MET 1 MSE Selenomethionine 'Named protein modification' 
2 MSE A 125 ? . . . . MSE A 125 ? 1_555 . . . . . . . MET 1 MSE Selenomethionine 'Named protein modification' 
3 MSE A 159 ? . . . . MSE A 159 ? 1_555 . . . . . . . MET 1 MSE Selenomethionine 'Named protein modification' 
4 MSE A 181 ? . . . . MSE A 181 ? 1_555 . . . . . . . MET 1 MSE Selenomethionine 'Named protein modification' 
# 
_struct_sheet.id               A 
_struct_sheet.type             ? 
_struct_sheet.number_strands   4 
_struct_sheet.details          ? 
# 
loop_
_struct_sheet_order.sheet_id 
_struct_sheet_order.range_id_1 
_struct_sheet_order.range_id_2 
_struct_sheet_order.offset 
_struct_sheet_order.sense 
A 1 2 ? parallel      
A 2 3 ? anti-parallel 
A 3 4 ? anti-parallel 
# 
loop_
_struct_sheet_range.sheet_id 
_struct_sheet_range.id 
_struct_sheet_range.beg_label_comp_id 
_struct_sheet_range.beg_label_asym_id 
_struct_sheet_range.beg_label_seq_id 
_struct_sheet_range.pdbx_beg_PDB_ins_code 
_struct_sheet_range.end_label_comp_id 
_struct_sheet_range.end_label_asym_id 
_struct_sheet_range.end_label_seq_id 
_struct_sheet_range.pdbx_end_PDB_ins_code 
_struct_sheet_range.beg_auth_comp_id 
_struct_sheet_range.beg_auth_asym_id 
_struct_sheet_range.beg_auth_seq_id 
_struct_sheet_range.end_auth_comp_id 
_struct_sheet_range.end_auth_asym_id 
_struct_sheet_range.end_auth_seq_id 
A 1 SER A 149 ? LEU A 152 ? SER A 149 LEU A 152 
A 2 LYS A 121 ? MSE A 125 ? LYS A 121 MSE A 125 
A 3 GLY A 161 ? THR A 166 ? GLY A 161 THR A 166 
A 4 ARG A 172 ? THR A 176 ? ARG A 172 THR A 176 
# 
loop_
_pdbx_struct_sheet_hbond.sheet_id 
_pdbx_struct_sheet_hbond.range_id_1 
_pdbx_struct_sheet_hbond.range_id_2 
_pdbx_struct_sheet_hbond.range_1_label_atom_id 
_pdbx_struct_sheet_hbond.range_1_label_comp_id 
_pdbx_struct_sheet_hbond.range_1_label_asym_id 
_pdbx_struct_sheet_hbond.range_1_label_seq_id 
_pdbx_struct_sheet_hbond.range_1_PDB_ins_code 
_pdbx_struct_sheet_hbond.range_1_auth_atom_id 
_pdbx_struct_sheet_hbond.range_1_auth_comp_id 
_pdbx_struct_sheet_hbond.range_1_auth_asym_id 
_pdbx_struct_sheet_hbond.range_1_auth_seq_id 
_pdbx_struct_sheet_hbond.range_2_label_atom_id 
_pdbx_struct_sheet_hbond.range_2_label_comp_id 
_pdbx_struct_sheet_hbond.range_2_label_asym_id 
_pdbx_struct_sheet_hbond.range_2_label_seq_id 
_pdbx_struct_sheet_hbond.range_2_PDB_ins_code 
_pdbx_struct_sheet_hbond.range_2_auth_atom_id 
_pdbx_struct_sheet_hbond.range_2_auth_comp_id 
_pdbx_struct_sheet_hbond.range_2_auth_asym_id 
_pdbx_struct_sheet_hbond.range_2_auth_seq_id 
A 1 2 O SER A 149 ? O SER A 149 N VAL A 122 ? N VAL A 122 
A 2 3 N ARG A 123 ? N ARG A 123 O GLU A 165 ? O GLU A 165 
A 3 4 N VAL A 164 ? N VAL A 164 O ILE A 173 ? O ILE A 173 
# 
_pdbx_entry_details.entry_id                   2DMA 
_pdbx_entry_details.compound_details           ? 
_pdbx_entry_details.source_details             ? 
_pdbx_entry_details.nonpolymer_details         ? 
_pdbx_entry_details.sequence_details           ? 
_pdbx_entry_details.has_ligand_of_interest     ? 
_pdbx_entry_details.has_protein_modification   Y 
# 
_pdbx_validate_torsion.id              1 
_pdbx_validate_torsion.PDB_model_num   1 
_pdbx_validate_torsion.auth_comp_id    SER 
_pdbx_validate_torsion.auth_asym_id    A 
_pdbx_validate_torsion.auth_seq_id     126 
_pdbx_validate_torsion.PDB_ins_code    ? 
_pdbx_validate_torsion.label_alt_id    ? 
_pdbx_validate_torsion.phi             -167.67 
_pdbx_validate_torsion.psi             -168.26 
# 
_pdbx_SG_project.id                    1 
_pdbx_SG_project.project_name          'NPPSFA, National Project on Protein Structural and Functional Analyses' 
_pdbx_SG_project.full_name_of_center   'RIKEN Structural Genomics/Proteomics Initiative' 
_pdbx_SG_project.initial_of_center     RSGI 
# 
loop_
_pdbx_struct_mod_residue.id 
_pdbx_struct_mod_residue.label_asym_id 
_pdbx_struct_mod_residue.label_comp_id 
_pdbx_struct_mod_residue.label_seq_id 
_pdbx_struct_mod_residue.auth_asym_id 
_pdbx_struct_mod_residue.auth_comp_id 
_pdbx_struct_mod_residue.auth_seq_id 
_pdbx_struct_mod_residue.PDB_ins_code 
_pdbx_struct_mod_residue.parent_comp_id 
_pdbx_struct_mod_residue.details 
1 A MSE 97  A MSE 97  ? MET SELENOMETHIONINE 
2 A MSE 125 A MSE 125 ? MET SELENOMETHIONINE 
3 A MSE 159 A MSE 159 ? MET SELENOMETHIONINE 
4 A MSE 181 A MSE 181 ? MET SELENOMETHIONINE 
# 
_pdbx_struct_special_symmetry.id              1 
_pdbx_struct_special_symmetry.PDB_model_num   1 
_pdbx_struct_special_symmetry.auth_asym_id    A 
_pdbx_struct_special_symmetry.auth_comp_id    HOH 
_pdbx_struct_special_symmetry.auth_seq_id     245 
_pdbx_struct_special_symmetry.PDB_ins_code    ? 
_pdbx_struct_special_symmetry.label_asym_id   B 
_pdbx_struct_special_symmetry.label_comp_id   HOH 
_pdbx_struct_special_symmetry.label_seq_id    . 
# 
loop_
_pdbx_unobs_or_zero_occ_residues.id 
_pdbx_unobs_or_zero_occ_residues.PDB_model_num 
_pdbx_unobs_or_zero_occ_residues.polymer_flag 
_pdbx_unobs_or_zero_occ_residues.occupancy_flag 
_pdbx_unobs_or_zero_occ_residues.auth_asym_id 
_pdbx_unobs_or_zero_occ_residues.auth_comp_id 
_pdbx_unobs_or_zero_occ_residues.auth_seq_id 
_pdbx_unobs_or_zero_occ_residues.PDB_ins_code 
_pdbx_unobs_or_zero_occ_residues.label_asym_id 
_pdbx_unobs_or_zero_occ_residues.label_comp_id 
_pdbx_unobs_or_zero_occ_residues.label_seq_id 
1  1 Y 1 A MSE 1  ? A MSE 1  
2  1 Y 1 A ASN 2  ? A ASN 2  
3  1 Y 1 A GLY 3  ? A GLY 3  
4  1 Y 1 A ALA 4  ? A ALA 4  
5  1 Y 1 A GLU 5  ? A GLU 5  
6  1 Y 1 A LEU 6  ? A LEU 6  
7  1 Y 1 A ILE 7  ? A ILE 7  
8  1 Y 1 A ILE 8  ? A ILE 8  
9  1 Y 1 A GLN 9  ? A GLN 9  
10 1 Y 1 A GLU 10 ? A GLU 10 
11 1 Y 1 A ILE 11 ? A ILE 11 
12 1 Y 1 A ASN 12 ? A ASN 12 
13 1 Y 1 A LYS 13 ? A LYS 13 
14 1 Y 1 A GLU 14 ? A GLU 14 
15 1 Y 1 A ALA 15 ? A ALA 15 
16 1 Y 1 A GLU 16 ? A GLU 16 
17 1 Y 1 A ARG 17 ? A ARG 17 
18 1 Y 1 A LYS 18 ? A LYS 18 
19 1 Y 1 A ILE 19 ? A ILE 19 
20 1 Y 1 A GLU 20 ? A GLU 20 
21 1 Y 1 A TYR 21 ? A TYR 21 
22 1 Y 1 A ILE 22 ? A ILE 22 
23 1 Y 1 A LEU 23 ? A LEU 23 
24 1 Y 1 A ASN 24 ? A ASN 24 
25 1 Y 1 A GLU 25 ? A GLU 25 
26 1 Y 1 A ALA 26 ? A ALA 26 
27 1 Y 1 A ARG 27 ? A ARG 27 
28 1 Y 1 A GLN 28 ? A GLN 28 
29 1 Y 1 A GLN 29 ? A GLN 29 
30 1 Y 1 A ALA 30 ? A ALA 30 
31 1 Y 1 A GLU 31 ? A GLU 31 
32 1 Y 1 A LYS 32 ? A LYS 32 
33 1 Y 1 A ILE 33 ? A ILE 33 
34 1 Y 1 A LYS 34 ? A LYS 34 
35 1 Y 1 A GLU 35 ? A GLU 35 
36 1 Y 1 A GLU 36 ? A GLU 36 
37 1 Y 1 A ALA 37 ? A ALA 37 
38 1 Y 1 A ARG 38 ? A ARG 38 
39 1 Y 1 A ARG 39 ? A ARG 39 
40 1 Y 1 A ASN 40 ? A ASN 40 
41 1 Y 1 A ALA 41 ? A ALA 41 
42 1 Y 1 A GLU 42 ? A GLU 42 
43 1 Y 1 A ALA 43 ? A ALA 43 
44 1 Y 1 A LYS 44 ? A LYS 44 
45 1 Y 1 A ALA 45 ? A ALA 45 
46 1 Y 1 A GLU 46 ? A GLU 46 
47 1 Y 1 A TRP 47 ? A TRP 47 
48 1 Y 1 A ILE 48 ? A ILE 48 
49 1 Y 1 A ILE 49 ? A ILE 49 
50 1 Y 1 A ARG 50 ? A ARG 50 
51 1 Y 1 A ARG 51 ? A ARG 51 
52 1 Y 1 A ALA 52 ? A ALA 52 
53 1 Y 1 A LYS 53 ? A LYS 53 
54 1 Y 1 A THR 54 ? A THR 54 
55 1 Y 1 A GLN 55 ? A GLN 55 
56 1 Y 1 A ALA 56 ? A ALA 56 
57 1 Y 1 A GLU 57 ? A GLU 57 
58 1 Y 1 A LEU 58 ? A LEU 58 
59 1 Y 1 A GLU 59 ? A GLU 59 
60 1 Y 1 A LYS 60 ? A LYS 60 
61 1 Y 1 A GLN 61 ? A GLN 61 
62 1 Y 1 A ARG 62 ? A ARG 62 
63 1 Y 1 A ILE 63 ? A ILE 63 
64 1 Y 1 A ILE 64 ? A ILE 64 
65 1 Y 1 A ALA 65 ? A ALA 65 
66 1 Y 1 A ASN 66 ? A ASN 66 
67 1 Y 1 A ALA 67 ? A ALA 67 
68 1 Y 1 A ARG 68 ? A ARG 68 
69 1 Y 1 A LEU 69 ? A LEU 69 
70 1 Y 1 A GLU 70 ? A GLU 70 
71 1 Y 1 A VAL 71 ? A VAL 71 
72 1 Y 1 A ARG 72 ? A ARG 72 
73 1 Y 1 A ARG 73 ? A ARG 73 
74 1 Y 1 A LYS 74 ? A LYS 74 
75 1 Y 1 A ARG 75 ? A ARG 75 
76 1 Y 1 A LEU 76 ? A LEU 76 
77 1 Y 1 A ALA 77 ? A ALA 77 
78 1 Y 1 A ILE 78 ? A ILE 78 
79 1 Y 1 A GLN 79 ? A GLN 79 
80 1 Y 1 A GLU 80 ? A GLU 80 
# 
loop_
_chem_comp_atom.comp_id 
_chem_comp_atom.atom_id 
_chem_comp_atom.type_symbol 
_chem_comp_atom.pdbx_aromatic_flag 
_chem_comp_atom.pdbx_stereo_config 
_chem_comp_atom.pdbx_ordinal 
ALA N    N  N N 1   
ALA CA   C  N S 2   
ALA C    C  N N 3   
ALA O    O  N N 4   
ALA CB   C  N N 5   
ALA OXT  O  N N 6   
ALA H    H  N N 7   
ALA H2   H  N N 8   
ALA HA   H  N N 9   
ALA HB1  H  N N 10  
ALA HB2  H  N N 11  
ALA HB3  H  N N 12  
ALA HXT  H  N N 13  
ARG N    N  N N 14  
ARG CA   C  N S 15  
ARG C    C  N N 16  
ARG O    O  N N 17  
ARG CB   C  N N 18  
ARG CG   C  N N 19  
ARG CD   C  N N 20  
ARG NE   N  N N 21  
ARG CZ   C  N N 22  
ARG NH1  N  N N 23  
ARG NH2  N  N N 24  
ARG OXT  O  N N 25  
ARG H    H  N N 26  
ARG H2   H  N N 27  
ARG HA   H  N N 28  
ARG HB2  H  N N 29  
ARG HB3  H  N N 30  
ARG HG2  H  N N 31  
ARG HG3  H  N N 32  
ARG HD2  H  N N 33  
ARG HD3  H  N N 34  
ARG HE   H  N N 35  
ARG HH11 H  N N 36  
ARG HH12 H  N N 37  
ARG HH21 H  N N 38  
ARG HH22 H  N N 39  
ARG HXT  H  N N 40  
ASN N    N  N N 41  
ASN CA   C  N S 42  
ASN C    C  N N 43  
ASN O    O  N N 44  
ASN CB   C  N N 45  
ASN CG   C  N N 46  
ASN OD1  O  N N 47  
ASN ND2  N  N N 48  
ASN OXT  O  N N 49  
ASN H    H  N N 50  
ASN H2   H  N N 51  
ASN HA   H  N N 52  
ASN HB2  H  N N 53  
ASN HB3  H  N N 54  
ASN HD21 H  N N 55  
ASN HD22 H  N N 56  
ASN HXT  H  N N 57  
ASP N    N  N N 58  
ASP CA   C  N S 59  
ASP C    C  N N 60  
ASP O    O  N N 61  
ASP CB   C  N N 62  
ASP CG   C  N N 63  
ASP OD1  O  N N 64  
ASP OD2  O  N N 65  
ASP OXT  O  N N 66  
ASP H    H  N N 67  
ASP H2   H  N N 68  
ASP HA   H  N N 69  
ASP HB2  H  N N 70  
ASP HB3  H  N N 71  
ASP HD2  H  N N 72  
ASP HXT  H  N N 73  
GLN N    N  N N 74  
GLN CA   C  N S 75  
GLN C    C  N N 76  
GLN O    O  N N 77  
GLN CB   C  N N 78  
GLN CG   C  N N 79  
GLN CD   C  N N 80  
GLN OE1  O  N N 81  
GLN NE2  N  N N 82  
GLN OXT  O  N N 83  
GLN H    H  N N 84  
GLN H2   H  N N 85  
GLN HA   H  N N 86  
GLN HB2  H  N N 87  
GLN HB3  H  N N 88  
GLN HG2  H  N N 89  
GLN HG3  H  N N 90  
GLN HE21 H  N N 91  
GLN HE22 H  N N 92  
GLN HXT  H  N N 93  
GLU N    N  N N 94  
GLU CA   C  N S 95  
GLU C    C  N N 96  
GLU O    O  N N 97  
GLU CB   C  N N 98  
GLU CG   C  N N 99  
GLU CD   C  N N 100 
GLU OE1  O  N N 101 
GLU OE2  O  N N 102 
GLU OXT  O  N N 103 
GLU H    H  N N 104 
GLU H2   H  N N 105 
GLU HA   H  N N 106 
GLU HB2  H  N N 107 
GLU HB3  H  N N 108 
GLU HG2  H  N N 109 
GLU HG3  H  N N 110 
GLU HE2  H  N N 111 
GLU HXT  H  N N 112 
GLY N    N  N N 113 
GLY CA   C  N N 114 
GLY C    C  N N 115 
GLY O    O  N N 116 
GLY OXT  O  N N 117 
GLY H    H  N N 118 
GLY H2   H  N N 119 
GLY HA2  H  N N 120 
GLY HA3  H  N N 121 
GLY HXT  H  N N 122 
HOH O    O  N N 123 
HOH H1   H  N N 124 
HOH H2   H  N N 125 
ILE N    N  N N 126 
ILE CA   C  N S 127 
ILE C    C  N N 128 
ILE O    O  N N 129 
ILE CB   C  N S 130 
ILE CG1  C  N N 131 
ILE CG2  C  N N 132 
ILE CD1  C  N N 133 
ILE OXT  O  N N 134 
ILE H    H  N N 135 
ILE H2   H  N N 136 
ILE HA   H  N N 137 
ILE HB   H  N N 138 
ILE HG12 H  N N 139 
ILE HG13 H  N N 140 
ILE HG21 H  N N 141 
ILE HG22 H  N N 142 
ILE HG23 H  N N 143 
ILE HD11 H  N N 144 
ILE HD12 H  N N 145 
ILE HD13 H  N N 146 
ILE HXT  H  N N 147 
LEU N    N  N N 148 
LEU CA   C  N S 149 
LEU C    C  N N 150 
LEU O    O  N N 151 
LEU CB   C  N N 152 
LEU CG   C  N N 153 
LEU CD1  C  N N 154 
LEU CD2  C  N N 155 
LEU OXT  O  N N 156 
LEU H    H  N N 157 
LEU H2   H  N N 158 
LEU HA   H  N N 159 
LEU HB2  H  N N 160 
LEU HB3  H  N N 161 
LEU HG   H  N N 162 
LEU HD11 H  N N 163 
LEU HD12 H  N N 164 
LEU HD13 H  N N 165 
LEU HD21 H  N N 166 
LEU HD22 H  N N 167 
LEU HD23 H  N N 168 
LEU HXT  H  N N 169 
LYS N    N  N N 170 
LYS CA   C  N S 171 
LYS C    C  N N 172 
LYS O    O  N N 173 
LYS CB   C  N N 174 
LYS CG   C  N N 175 
LYS CD   C  N N 176 
LYS CE   C  N N 177 
LYS NZ   N  N N 178 
LYS OXT  O  N N 179 
LYS H    H  N N 180 
LYS H2   H  N N 181 
LYS HA   H  N N 182 
LYS HB2  H  N N 183 
LYS HB3  H  N N 184 
LYS HG2  H  N N 185 
LYS HG3  H  N N 186 
LYS HD2  H  N N 187 
LYS HD3  H  N N 188 
LYS HE2  H  N N 189 
LYS HE3  H  N N 190 
LYS HZ1  H  N N 191 
LYS HZ2  H  N N 192 
LYS HZ3  H  N N 193 
LYS HXT  H  N N 194 
MET N    N  N N 195 
MET CA   C  N S 196 
MET C    C  N N 197 
MET O    O  N N 198 
MET CB   C  N N 199 
MET CG   C  N N 200 
MET SD   S  N N 201 
MET CE   C  N N 202 
MET OXT  O  N N 203 
MET H    H  N N 204 
MET H2   H  N N 205 
MET HA   H  N N 206 
MET HB2  H  N N 207 
MET HB3  H  N N 208 
MET HG2  H  N N 209 
MET HG3  H  N N 210 
MET HE1  H  N N 211 
MET HE2  H  N N 212 
MET HE3  H  N N 213 
MET HXT  H  N N 214 
MSE N    N  N N 215 
MSE CA   C  N S 216 
MSE C    C  N N 217 
MSE O    O  N N 218 
MSE OXT  O  N N 219 
MSE CB   C  N N 220 
MSE CG   C  N N 221 
MSE SE   SE N N 222 
MSE CE   C  N N 223 
MSE H    H  N N 224 
MSE H2   H  N N 225 
MSE HA   H  N N 226 
MSE HXT  H  N N 227 
MSE HB2  H  N N 228 
MSE HB3  H  N N 229 
MSE HG2  H  N N 230 
MSE HG3  H  N N 231 
MSE HE1  H  N N 232 
MSE HE2  H  N N 233 
MSE HE3  H  N N 234 
PHE N    N  N N 235 
PHE CA   C  N S 236 
PHE C    C  N N 237 
PHE O    O  N N 238 
PHE CB   C  N N 239 
PHE CG   C  Y N 240 
PHE CD1  C  Y N 241 
PHE CD2  C  Y N 242 
PHE CE1  C  Y N 243 
PHE CE2  C  Y N 244 
PHE CZ   C  Y N 245 
PHE OXT  O  N N 246 
PHE H    H  N N 247 
PHE H2   H  N N 248 
PHE HA   H  N N 249 
PHE HB2  H  N N 250 
PHE HB3  H  N N 251 
PHE HD1  H  N N 252 
PHE HD2  H  N N 253 
PHE HE1  H  N N 254 
PHE HE2  H  N N 255 
PHE HZ   H  N N 256 
PHE HXT  H  N N 257 
SER N    N  N N 258 
SER CA   C  N S 259 
SER C    C  N N 260 
SER O    O  N N 261 
SER CB   C  N N 262 
SER OG   O  N N 263 
SER OXT  O  N N 264 
SER H    H  N N 265 
SER H2   H  N N 266 
SER HA   H  N N 267 
SER HB2  H  N N 268 
SER HB3  H  N N 269 
SER HG   H  N N 270 
SER HXT  H  N N 271 
THR N    N  N N 272 
THR CA   C  N S 273 
THR C    C  N N 274 
THR O    O  N N 275 
THR CB   C  N R 276 
THR OG1  O  N N 277 
THR CG2  C  N N 278 
THR OXT  O  N N 279 
THR H    H  N N 280 
THR H2   H  N N 281 
THR HA   H  N N 282 
THR HB   H  N N 283 
THR HG1  H  N N 284 
THR HG21 H  N N 285 
THR HG22 H  N N 286 
THR HG23 H  N N 287 
THR HXT  H  N N 288 
TRP N    N  N N 289 
TRP CA   C  N S 290 
TRP C    C  N N 291 
TRP O    O  N N 292 
TRP CB   C  N N 293 
TRP CG   C  Y N 294 
TRP CD1  C  Y N 295 
TRP CD2  C  Y N 296 
TRP NE1  N  Y N 297 
TRP CE2  C  Y N 298 
TRP CE3  C  Y N 299 
TRP CZ2  C  Y N 300 
TRP CZ3  C  Y N 301 
TRP CH2  C  Y N 302 
TRP OXT  O  N N 303 
TRP H    H  N N 304 
TRP H2   H  N N 305 
TRP HA   H  N N 306 
TRP HB2  H  N N 307 
TRP HB3  H  N N 308 
TRP HD1  H  N N 309 
TRP HE1  H  N N 310 
TRP HE3  H  N N 311 
TRP HZ2  H  N N 312 
TRP HZ3  H  N N 313 
TRP HH2  H  N N 314 
TRP HXT  H  N N 315 
TYR N    N  N N 316 
TYR CA   C  N S 317 
TYR C    C  N N 318 
TYR O    O  N N 319 
TYR CB   C  N N 320 
TYR CG   C  Y N 321 
TYR CD1  C  Y N 322 
TYR CD2  C  Y N 323 
TYR CE1  C  Y N 324 
TYR CE2  C  Y N 325 
TYR CZ   C  Y N 326 
TYR OH   O  N N 327 
TYR OXT  O  N N 328 
TYR H    H  N N 329 
TYR H2   H  N N 330 
TYR HA   H  N N 331 
TYR HB2  H  N N 332 
TYR HB3  H  N N 333 
TYR HD1  H  N N 334 
TYR HD2  H  N N 335 
TYR HE1  H  N N 336 
TYR HE2  H  N N 337 
TYR HH   H  N N 338 
TYR HXT  H  N N 339 
VAL N    N  N N 340 
VAL CA   C  N S 341 
VAL C    C  N N 342 
VAL O    O  N N 343 
VAL CB   C  N N 344 
VAL CG1  C  N N 345 
VAL CG2  C  N N 346 
VAL OXT  O  N N 347 
VAL H    H  N N 348 
VAL H2   H  N N 349 
VAL HA   H  N N 350 
VAL HB   H  N N 351 
VAL HG11 H  N N 352 
VAL HG12 H  N N 353 
VAL HG13 H  N N 354 
VAL HG21 H  N N 355 
VAL HG22 H  N N 356 
VAL HG23 H  N N 357 
VAL HXT  H  N N 358 
# 
loop_
_chem_comp_bond.comp_id 
_chem_comp_bond.atom_id_1 
_chem_comp_bond.atom_id_2 
_chem_comp_bond.value_order 
_chem_comp_bond.pdbx_aromatic_flag 
_chem_comp_bond.pdbx_stereo_config 
_chem_comp_bond.pdbx_ordinal 
ALA N   CA   sing N N 1   
ALA N   H    sing N N 2   
ALA N   H2   sing N N 3   
ALA CA  C    sing N N 4   
ALA CA  CB   sing N N 5   
ALA CA  HA   sing N N 6   
ALA C   O    doub N N 7   
ALA C   OXT  sing N N 8   
ALA CB  HB1  sing N N 9   
ALA CB  HB2  sing N N 10  
ALA CB  HB3  sing N N 11  
ALA OXT HXT  sing N N 12  
ARG N   CA   sing N N 13  
ARG N   H    sing N N 14  
ARG N   H2   sing N N 15  
ARG CA  C    sing N N 16  
ARG CA  CB   sing N N 17  
ARG CA  HA   sing N N 18  
ARG C   O    doub N N 19  
ARG C   OXT  sing N N 20  
ARG CB  CG   sing N N 21  
ARG CB  HB2  sing N N 22  
ARG CB  HB3  sing N N 23  
ARG CG  CD   sing N N 24  
ARG CG  HG2  sing N N 25  
ARG CG  HG3  sing N N 26  
ARG CD  NE   sing N N 27  
ARG CD  HD2  sing N N 28  
ARG CD  HD3  sing N N 29  
ARG NE  CZ   sing N N 30  
ARG NE  HE   sing N N 31  
ARG CZ  NH1  sing N N 32  
ARG CZ  NH2  doub N N 33  
ARG NH1 HH11 sing N N 34  
ARG NH1 HH12 sing N N 35  
ARG NH2 HH21 sing N N 36  
ARG NH2 HH22 sing N N 37  
ARG OXT HXT  sing N N 38  
ASN N   CA   sing N N 39  
ASN N   H    sing N N 40  
ASN N   H2   sing N N 41  
ASN CA  C    sing N N 42  
ASN CA  CB   sing N N 43  
ASN CA  HA   sing N N 44  
ASN C   O    doub N N 45  
ASN C   OXT  sing N N 46  
ASN CB  CG   sing N N 47  
ASN CB  HB2  sing N N 48  
ASN CB  HB3  sing N N 49  
ASN CG  OD1  doub N N 50  
ASN CG  ND2  sing N N 51  
ASN ND2 HD21 sing N N 52  
ASN ND2 HD22 sing N N 53  
ASN OXT HXT  sing N N 54  
ASP N   CA   sing N N 55  
ASP N   H    sing N N 56  
ASP N   H2   sing N N 57  
ASP CA  C    sing N N 58  
ASP CA  CB   sing N N 59  
ASP CA  HA   sing N N 60  
ASP C   O    doub N N 61  
ASP C   OXT  sing N N 62  
ASP CB  CG   sing N N 63  
ASP CB  HB2  sing N N 64  
ASP CB  HB3  sing N N 65  
ASP CG  OD1  doub N N 66  
ASP CG  OD2  sing N N 67  
ASP OD2 HD2  sing N N 68  
ASP OXT HXT  sing N N 69  
GLN N   CA   sing N N 70  
GLN N   H    sing N N 71  
GLN N   H2   sing N N 72  
GLN CA  C    sing N N 73  
GLN CA  CB   sing N N 74  
GLN CA  HA   sing N N 75  
GLN C   O    doub N N 76  
GLN C   OXT  sing N N 77  
GLN CB  CG   sing N N 78  
GLN CB  HB2  sing N N 79  
GLN CB  HB3  sing N N 80  
GLN CG  CD   sing N N 81  
GLN CG  HG2  sing N N 82  
GLN CG  HG3  sing N N 83  
GLN CD  OE1  doub N N 84  
GLN CD  NE2  sing N N 85  
GLN NE2 HE21 sing N N 86  
GLN NE2 HE22 sing N N 87  
GLN OXT HXT  sing N N 88  
GLU N   CA   sing N N 89  
GLU N   H    sing N N 90  
GLU N   H2   sing N N 91  
GLU CA  C    sing N N 92  
GLU CA  CB   sing N N 93  
GLU CA  HA   sing N N 94  
GLU C   O    doub N N 95  
GLU C   OXT  sing N N 96  
GLU CB  CG   sing N N 97  
GLU CB  HB2  sing N N 98  
GLU CB  HB3  sing N N 99  
GLU CG  CD   sing N N 100 
GLU CG  HG2  sing N N 101 
GLU CG  HG3  sing N N 102 
GLU CD  OE1  doub N N 103 
GLU CD  OE2  sing N N 104 
GLU OE2 HE2  sing N N 105 
GLU OXT HXT  sing N N 106 
GLY N   CA   sing N N 107 
GLY N   H    sing N N 108 
GLY N   H2   sing N N 109 
GLY CA  C    sing N N 110 
GLY CA  HA2  sing N N 111 
GLY CA  HA3  sing N N 112 
GLY C   O    doub N N 113 
GLY C   OXT  sing N N 114 
GLY OXT HXT  sing N N 115 
HOH O   H1   sing N N 116 
HOH O   H2   sing N N 117 
ILE N   CA   sing N N 118 
ILE N   H    sing N N 119 
ILE N   H2   sing N N 120 
ILE CA  C    sing N N 121 
ILE CA  CB   sing N N 122 
ILE CA  HA   sing N N 123 
ILE C   O    doub N N 124 
ILE C   OXT  sing N N 125 
ILE CB  CG1  sing N N 126 
ILE CB  CG2  sing N N 127 
ILE CB  HB   sing N N 128 
ILE CG1 CD1  sing N N 129 
ILE CG1 HG12 sing N N 130 
ILE CG1 HG13 sing N N 131 
ILE CG2 HG21 sing N N 132 
ILE CG2 HG22 sing N N 133 
ILE CG2 HG23 sing N N 134 
ILE CD1 HD11 sing N N 135 
ILE CD1 HD12 sing N N 136 
ILE CD1 HD13 sing N N 137 
ILE OXT HXT  sing N N 138 
LEU N   CA   sing N N 139 
LEU N   H    sing N N 140 
LEU N   H2   sing N N 141 
LEU CA  C    sing N N 142 
LEU CA  CB   sing N N 143 
LEU CA  HA   sing N N 144 
LEU C   O    doub N N 145 
LEU C   OXT  sing N N 146 
LEU CB  CG   sing N N 147 
LEU CB  HB2  sing N N 148 
LEU CB  HB3  sing N N 149 
LEU CG  CD1  sing N N 150 
LEU CG  CD2  sing N N 151 
LEU CG  HG   sing N N 152 
LEU CD1 HD11 sing N N 153 
LEU CD1 HD12 sing N N 154 
LEU CD1 HD13 sing N N 155 
LEU CD2 HD21 sing N N 156 
LEU CD2 HD22 sing N N 157 
LEU CD2 HD23 sing N N 158 
LEU OXT HXT  sing N N 159 
LYS N   CA   sing N N 160 
LYS N   H    sing N N 161 
LYS N   H2   sing N N 162 
LYS CA  C    sing N N 163 
LYS CA  CB   sing N N 164 
LYS CA  HA   sing N N 165 
LYS C   O    doub N N 166 
LYS C   OXT  sing N N 167 
LYS CB  CG   sing N N 168 
LYS CB  HB2  sing N N 169 
LYS CB  HB3  sing N N 170 
LYS CG  CD   sing N N 171 
LYS CG  HG2  sing N N 172 
LYS CG  HG3  sing N N 173 
LYS CD  CE   sing N N 174 
LYS CD  HD2  sing N N 175 
LYS CD  HD3  sing N N 176 
LYS CE  NZ   sing N N 177 
LYS CE  HE2  sing N N 178 
LYS CE  HE3  sing N N 179 
LYS NZ  HZ1  sing N N 180 
LYS NZ  HZ2  sing N N 181 
LYS NZ  HZ3  sing N N 182 
LYS OXT HXT  sing N N 183 
MET N   CA   sing N N 184 
MET N   H    sing N N 185 
MET N   H2   sing N N 186 
MET CA  C    sing N N 187 
MET CA  CB   sing N N 188 
MET CA  HA   sing N N 189 
MET C   O    doub N N 190 
MET C   OXT  sing N N 191 
MET CB  CG   sing N N 192 
MET CB  HB2  sing N N 193 
MET CB  HB3  sing N N 194 
MET CG  SD   sing N N 195 
MET CG  HG2  sing N N 196 
MET CG  HG3  sing N N 197 
MET SD  CE   sing N N 198 
MET CE  HE1  sing N N 199 
MET CE  HE2  sing N N 200 
MET CE  HE3  sing N N 201 
MET OXT HXT  sing N N 202 
MSE N   CA   sing N N 203 
MSE N   H    sing N N 204 
MSE N   H2   sing N N 205 
MSE CA  C    sing N N 206 
MSE CA  CB   sing N N 207 
MSE CA  HA   sing N N 208 
MSE C   O    doub N N 209 
MSE C   OXT  sing N N 210 
MSE OXT HXT  sing N N 211 
MSE CB  CG   sing N N 212 
MSE CB  HB2  sing N N 213 
MSE CB  HB3  sing N N 214 
MSE CG  SE   sing N N 215 
MSE CG  HG2  sing N N 216 
MSE CG  HG3  sing N N 217 
MSE SE  CE   sing N N 218 
MSE CE  HE1  sing N N 219 
MSE CE  HE2  sing N N 220 
MSE CE  HE3  sing N N 221 
PHE N   CA   sing N N 222 
PHE N   H    sing N N 223 
PHE N   H2   sing N N 224 
PHE CA  C    sing N N 225 
PHE CA  CB   sing N N 226 
PHE CA  HA   sing N N 227 
PHE C   O    doub N N 228 
PHE C   OXT  sing N N 229 
PHE CB  CG   sing N N 230 
PHE CB  HB2  sing N N 231 
PHE CB  HB3  sing N N 232 
PHE CG  CD1  doub Y N 233 
PHE CG  CD2  sing Y N 234 
PHE CD1 CE1  sing Y N 235 
PHE CD1 HD1  sing N N 236 
PHE CD2 CE2  doub Y N 237 
PHE CD2 HD2  sing N N 238 
PHE CE1 CZ   doub Y N 239 
PHE CE1 HE1  sing N N 240 
PHE CE2 CZ   sing Y N 241 
PHE CE2 HE2  sing N N 242 
PHE CZ  HZ   sing N N 243 
PHE OXT HXT  sing N N 244 
SER N   CA   sing N N 245 
SER N   H    sing N N 246 
SER N   H2   sing N N 247 
SER CA  C    sing N N 248 
SER CA  CB   sing N N 249 
SER CA  HA   sing N N 250 
SER C   O    doub N N 251 
SER C   OXT  sing N N 252 
SER CB  OG   sing N N 253 
SER CB  HB2  sing N N 254 
SER CB  HB3  sing N N 255 
SER OG  HG   sing N N 256 
SER OXT HXT  sing N N 257 
THR N   CA   sing N N 258 
THR N   H    sing N N 259 
THR N   H2   sing N N 260 
THR CA  C    sing N N 261 
THR CA  CB   sing N N 262 
THR CA  HA   sing N N 263 
THR C   O    doub N N 264 
THR C   OXT  sing N N 265 
THR CB  OG1  sing N N 266 
THR CB  CG2  sing N N 267 
THR CB  HB   sing N N 268 
THR OG1 HG1  sing N N 269 
THR CG2 HG21 sing N N 270 
THR CG2 HG22 sing N N 271 
THR CG2 HG23 sing N N 272 
THR OXT HXT  sing N N 273 
TRP N   CA   sing N N 274 
TRP N   H    sing N N 275 
TRP N   H2   sing N N 276 
TRP CA  C    sing N N 277 
TRP CA  CB   sing N N 278 
TRP CA  HA   sing N N 279 
TRP C   O    doub N N 280 
TRP C   OXT  sing N N 281 
TRP CB  CG   sing N N 282 
TRP CB  HB2  sing N N 283 
TRP CB  HB3  sing N N 284 
TRP CG  CD1  doub Y N 285 
TRP CG  CD2  sing Y N 286 
TRP CD1 NE1  sing Y N 287 
TRP CD1 HD1  sing N N 288 
TRP CD2 CE2  doub Y N 289 
TRP CD2 CE3  sing Y N 290 
TRP NE1 CE2  sing Y N 291 
TRP NE1 HE1  sing N N 292 
TRP CE2 CZ2  sing Y N 293 
TRP CE3 CZ3  doub Y N 294 
TRP CE3 HE3  sing N N 295 
TRP CZ2 CH2  doub Y N 296 
TRP CZ2 HZ2  sing N N 297 
TRP CZ3 CH2  sing Y N 298 
TRP CZ3 HZ3  sing N N 299 
TRP CH2 HH2  sing N N 300 
TRP OXT HXT  sing N N 301 
TYR N   CA   sing N N 302 
TYR N   H    sing N N 303 
TYR N   H2   sing N N 304 
TYR CA  C    sing N N 305 
TYR CA  CB   sing N N 306 
TYR CA  HA   sing N N 307 
TYR C   O    doub N N 308 
TYR C   OXT  sing N N 309 
TYR CB  CG   sing N N 310 
TYR CB  HB2  sing N N 311 
TYR CB  HB3  sing N N 312 
TYR CG  CD1  doub Y N 313 
TYR CG  CD2  sing Y N 314 
TYR CD1 CE1  sing Y N 315 
TYR CD1 HD1  sing N N 316 
TYR CD2 CE2  doub Y N 317 
TYR CD2 HD2  sing N N 318 
TYR CE1 CZ   doub Y N 319 
TYR CE1 HE1  sing N N 320 
TYR CE2 CZ   sing Y N 321 
TYR CE2 HE2  sing N N 322 
TYR CZ  OH   sing N N 323 
TYR OH  HH   sing N N 324 
TYR OXT HXT  sing N N 325 
VAL N   CA   sing N N 326 
VAL N   H    sing N N 327 
VAL N   H2   sing N N 328 
VAL CA  C    sing N N 329 
VAL CA  CB   sing N N 330 
VAL CA  HA   sing N N 331 
VAL C   O    doub N N 332 
VAL C   OXT  sing N N 333 
VAL CB  CG1  sing N N 334 
VAL CB  CG2  sing N N 335 
VAL CB  HB   sing N N 336 
VAL CG1 HG11 sing N N 337 
VAL CG1 HG12 sing N N 338 
VAL CG1 HG13 sing N N 339 
VAL CG2 HG21 sing N N 340 
VAL CG2 HG22 sing N N 341 
VAL CG2 HG23 sing N N 342 
VAL OXT HXT  sing N N 343 
# 
_pdbx_initial_refinement_model.id               1 
_pdbx_initial_refinement_model.entity_id_list   ? 
_pdbx_initial_refinement_model.type             'experimental model' 
_pdbx_initial_refinement_model.source_name      PDB 
_pdbx_initial_refinement_model.accession_code   2DM9 
_pdbx_initial_refinement_model.details          ? 
# 
_atom_sites.entry_id                    2DMA 
_atom_sites.fract_transf_matrix[1][1]   0.00666006 
_atom_sites.fract_transf_matrix[1][2]   -0.00416999 
_atom_sites.fract_transf_matrix[1][3]   0.01163272 
_atom_sites.fract_transf_matrix[2][1]   0.00812062 
_atom_sites.fract_transf_matrix[2][2]   0.00984356 
_atom_sites.fract_transf_matrix[2][3]   -0.00112066 
_atom_sites.fract_transf_matrix[3][1]   -0.01156142 
_atom_sites.fract_transf_matrix[3][2]   0.01072925 
_atom_sites.fract_transf_matrix[3][3]   0.01046536 
_atom_sites.fract_transf_vector[1]      0.185660 
_atom_sites.fract_transf_vector[2]      0.118885 
_atom_sites.fract_transf_vector[3]      0.803179 
# 
loop_
_atom_type.symbol 
C  
N  
O  
SE 
# 
loop_
_atom_site.group_PDB 
_atom_site.id 
_atom_site.type_symbol 
_atom_site.label_atom_id 
_atom_site.label_alt_id 
_atom_site.label_comp_id 
_atom_site.label_asym_id 
_atom_site.label_entity_id 
_atom_site.label_seq_id 
_atom_site.pdbx_PDB_ins_code 
_atom_site.Cartn_x 
_atom_site.Cartn_y 
_atom_site.Cartn_z 
_atom_site.occupancy 
_atom_site.B_iso_or_equiv 
_atom_site.pdbx_formal_charge 
_atom_site.auth_seq_id 
_atom_site.auth_comp_id 
_atom_site.auth_asym_id 
_atom_site.auth_atom_id 
_atom_site.pdbx_PDB_model_num 
ATOM   1    N  N   . GLU A 1 81  ? 0.879   -20.454 3.792   1.00 40.02 ? 81  GLU A N   1 
ATOM   2    C  CA  . GLU A 1 81  ? 2.330   -20.454 3.933   1.00 39.76 ? 81  GLU A CA  1 
ATOM   3    C  C   . GLU A 1 81  ? 3.032   -19.903 2.693   1.00 38.45 ? 81  GLU A C   1 
ATOM   4    O  O   . GLU A 1 81  ? 4.102   -19.310 2.758   1.00 36.68 ? 81  GLU A O   1 
ATOM   5    C  CB  . GLU A 1 81  ? 2.800   -21.883 4.196   1.00 42.76 ? 81  GLU A CB  1 
ATOM   6    C  CG  . GLU A 1 81  ? 4.167   -21.922 4.881   1.00 48.01 ? 81  GLU A CG  1 
ATOM   7    C  CD  . GLU A 1 81  ? 4.195   -23.062 5.873   1.00 52.94 ? 81  GLU A CD  1 
ATOM   8    O  OE1 . GLU A 1 81  ? 3.334   -23.924 5.798   1.00 55.43 ? 81  GLU A OE1 1 
ATOM   9    O  OE2 . GLU A 1 81  ? 5.093   -23.078 6.716   1.00 55.57 ? 81  GLU A OE2 1 
ATOM   10   N  N   . ILE A 1 82  ? 2.426   -20.154 1.515   1.00 36.72 ? 82  ILE A N   1 
ATOM   11   C  CA  . ILE A 1 82  ? 3.037   -19.609 0.310   1.00 36.85 ? 82  ILE A CA  1 
ATOM   12   C  C   . ILE A 1 82  ? 2.980   -18.078 0.296   1.00 35.52 ? 82  ILE A C   1 
ATOM   13   O  O   . ILE A 1 82  ? 3.876   -17.401 -0.184  1.00 36.61 ? 82  ILE A O   1 
ATOM   14   C  CB  . ILE A 1 82  ? 2.361   -20.196 -0.935  1.00 37.41 ? 82  ILE A CB  1 
ATOM   15   C  CG1 . ILE A 1 82  ? 2.926   -19.547 -2.200  1.00 36.66 ? 82  ILE A CG1 1 
ATOM   16   C  CG2 . ILE A 1 82  ? 0.842   -19.931 -0.906  1.00 36.72 ? 82  ILE A CG2 1 
ATOM   17   C  CD1 . ILE A 1 82  ? 4.395   -19.905 -2.432  1.00 36.62 ? 82  ILE A CD1 1 
ATOM   18   N  N   . ILE A 1 83  ? 1.865   -17.537 0.823   1.00 35.47 ? 83  ILE A N   1 
ATOM   19   C  CA  . ILE A 1 83  ? 1.769   -16.086 0.984   1.00 34.40 ? 83  ILE A CA  1 
ATOM   20   C  C   . ILE A 1 83  ? 2.894   -15.539 1.869   1.00 33.99 ? 83  ILE A C   1 
ATOM   21   O  O   . ILE A 1 83  ? 3.530   -14.538 1.568   1.00 33.96 ? 83  ILE A O   1 
ATOM   22   C  CB  . ILE A 1 83  ? 0.424   -15.759 1.630   1.00 35.69 ? 83  ILE A CB  1 
ATOM   23   C  CG1 . ILE A 1 83  ? -0.714  -16.022 0.648   1.00 36.46 ? 83  ILE A CG1 1 
ATOM   24   C  CG2 . ILE A 1 83  ? 0.388   -14.270 2.017   1.00 36.17 ? 83  ILE A CG2 1 
ATOM   25   C  CD1 . ILE A 1 83  ? -2.073  -15.625 1.227   1.00 37.47 ? 83  ILE A CD1 1 
ATOM   26   N  N   . SER A 1 84  ? 3.166   -16.204 2.985   1.00 33.63 ? 84  SER A N   1 
ATOM   27   C  CA  . SER A 1 84  ? 4.234   -15.764 3.867   1.00 33.95 ? 84  SER A CA  1 
ATOM   28   C  C   . SER A 1 84  ? 5.592   -15.815 3.170   1.00 33.51 ? 84  SER A C   1 
ATOM   29   O  O   . SER A 1 84  ? 6.381   -14.875 3.266   1.00 33.71 ? 84  SER A O   1 
ATOM   30   C  CB  . SER A 1 84  ? 4.250   -16.619 5.136   1.00 35.61 ? 84  SER A CB  1 
ATOM   31   O  OG  . SER A 1 84  ? 4.009   -17.983 4.832   1.00 41.62 ? 84  SER A OG  1 
ATOM   32   N  N   . SER A 1 85  ? 5.864   -16.899 2.451   1.00 33.54 ? 85  SER A N   1 
ATOM   33   C  CA  . SER A 1 85  ? 7.142   -17.031 1.763   1.00 35.34 ? 85  SER A CA  1 
ATOM   34   C  C   . SER A 1 85  ? 7.345   -16.006 0.642   1.00 33.30 ? 85  SER A C   1 
ATOM   35   O  O   . SER A 1 85  ? 8.457   -15.542 0.421   1.00 34.14 ? 85  SER A O   1 
ATOM   36   C  CB  . SER A 1 85  ? 7.305   -18.457 1.224   1.00 35.94 ? 85  SER A CB  1 
ATOM   37   O  OG  . SER A 1 85  ? 6.194   -18.827 0.437   1.00 45.04 ? 85  SER A OG  1 
ATOM   38   N  N   . VAL A 1 86  ? 6.284   -15.648 -0.074  1.00 33.41 ? 86  VAL A N   1 
ATOM   39   C  CA  . VAL A 1 86  ? 6.434   -14.655 -1.133  1.00 31.14 ? 86  VAL A CA  1 
ATOM   40   C  C   . VAL A 1 86  ? 6.675   -13.286 -0.495  1.00 31.04 ? 86  VAL A C   1 
ATOM   41   O  O   . VAL A 1 86  ? 7.392   -12.450 -1.045  1.00 29.96 ? 86  VAL A O   1 
ATOM   42   C  CB  . VAL A 1 86  ? 5.184   -14.591 -2.041  1.00 31.43 ? 86  VAL A CB  1 
ATOM   43   C  CG1 . VAL A 1 86  ? 5.398   -13.567 -3.148  1.00 30.26 ? 86  VAL A CG1 1 
ATOM   44   C  CG2 . VAL A 1 86  ? 4.917   -15.962 -2.653  1.00 31.17 ? 86  VAL A CG2 1 
ATOM   45   N  N   . LEU A 1 87  ? 6.086   -13.065 0.678   1.00 30.40 ? 87  LEU A N   1 
ATOM   46   C  CA  . LEU A 1 87  ? 6.262   -11.796 1.378   1.00 31.13 ? 87  LEU A CA  1 
ATOM   47   C  C   . LEU A 1 87  ? 7.693   -11.635 1.883   1.00 30.59 ? 87  LEU A C   1 
ATOM   48   O  O   . LEU A 1 87  ? 8.154   -10.521 2.137   1.00 28.33 ? 87  LEU A O   1 
ATOM   49   C  CB  . LEU A 1 87  ? 5.272   -11.675 2.540   1.00 31.50 ? 87  LEU A CB  1 
ATOM   50   C  CG  . LEU A 1 87  ? 3.873   -11.161 2.164   1.00 31.61 ? 87  LEU A CG  1 
ATOM   51   C  CD1 . LEU A 1 87  ? 2.986   -11.128 3.400   1.00 32.90 ? 87  LEU A CD1 1 
ATOM   52   C  CD2 . LEU A 1 87  ? 3.980   -9.768  1.576   1.00 28.01 ? 87  LEU A CD2 1 
ATOM   53   N  N   . GLU A 1 88  ? 8.395   -12.752 2.034   1.00 30.09 ? 88  GLU A N   1 
ATOM   54   C  CA  . GLU A 1 88  ? 9.787   -12.702 2.470   1.00 31.00 ? 88  GLU A CA  1 
ATOM   55   C  C   . GLU A 1 88  ? 10.633  -12.165 1.312   1.00 29.38 ? 88  GLU A C   1 
ATOM   56   O  O   . GLU A 1 88  ? 11.660  -11.524 1.524   1.00 27.30 ? 88  GLU A O   1 
ATOM   57   C  CB  . GLU A 1 88  ? 10.261  -14.099 2.878   1.00 33.27 ? 88  GLU A CB  1 
ATOM   58   C  CG  . GLU A 1 88  ? 9.830   -14.497 4.286   1.00 39.33 ? 88  GLU A CG  1 
ATOM   59   C  CD  . GLU A 1 88  ? 9.949   -15.987 4.537   1.00 43.32 ? 88  GLU A CD  1 
ATOM   60   O  OE1 . GLU A 1 88  ? 10.954  -16.589 4.100   1.00 45.61 ? 88  GLU A OE1 1 
ATOM   61   O  OE2 . GLU A 1 88  ? 9.039   -16.558 5.179   1.00 46.99 ? 88  GLU A OE2 1 
ATOM   62   N  N   . GLU A 1 89  ? 10.190  -12.435 0.088   1.00 28.29 ? 89  GLU A N   1 
ATOM   63   C  CA  . GLU A 1 89  ? 10.888  -11.954 -1.098  1.00 28.96 ? 89  GLU A CA  1 
ATOM   64   C  C   . GLU A 1 89  ? 10.628  -10.460 -1.179  1.00 27.81 ? 89  GLU A C   1 
ATOM   65   O  O   . GLU A 1 89  ? 11.525  -9.684  -1.494  1.00 28.62 ? 89  GLU A O   1 
ATOM   66   C  CB  . GLU A 1 89  ? 10.370  -12.659 -2.354  1.00 30.43 ? 89  GLU A CB  1 
ATOM   67   C  CG  . GLU A 1 89  ? 10.990  -12.177 -3.673  1.00 32.63 ? 89  GLU A CG  1 
ATOM   68   C  CD  . GLU A 1 89  ? 12.513  -12.190 -3.671  1.00 36.43 ? 89  GLU A CD  1 
ATOM   69   O  OE1 . GLU A 1 89  ? 13.115  -13.187 -3.207  1.00 35.72 ? 89  GLU A OE1 1 
ATOM   70   O  OE2 . GLU A 1 89  ? 13.112  -11.201 -4.148  1.00 38.05 ? 89  GLU A OE2 1 
ATOM   71   N  N   . VAL A 1 90  ? 9.397   -10.059 -0.879  1.00 27.62 ? 90  VAL A N   1 
ATOM   72   C  CA  . VAL A 1 90  ? 9.040   -8.644  -0.880  1.00 26.86 ? 90  VAL A CA  1 
ATOM   73   C  C   . VAL A 1 90  ? 9.929   -7.958  0.152   1.00 27.20 ? 90  VAL A C   1 
ATOM   74   O  O   . VAL A 1 90  ? 10.507  -6.907  -0.101  1.00 25.23 ? 90  VAL A O   1 
ATOM   75   C  CB  . VAL A 1 90  ? 7.569   -8.437  -0.474  1.00 28.08 ? 90  VAL A CB  1 
ATOM   76   C  CG1 . VAL A 1 90  ? 7.304   -6.957  -0.193  1.00 25.81 ? 90  VAL A CG1 1 
ATOM   77   C  CG2 . VAL A 1 90  ? 6.646   -8.942  -1.589  1.00 28.51 ? 90  VAL A CG2 1 
ATOM   78   N  N   . LYS A 1 91  ? 10.036  -8.584  1.316   1.00 26.80 ? 91  LYS A N   1 
ATOM   79   C  CA  . LYS A 1 91  ? 10.820  -7.920  2.366   1.00 30.02 ? 91  LYS A CA  1 
ATOM   80   C  C   . LYS A 1 91  ? 12.292  -7.862  1.936   1.00 29.83 ? 91  LYS A C   1 
ATOM   81   O  O   . LYS A 1 91  ? 12.955  -6.877  2.217   1.00 28.73 ? 91  LYS A O   1 
ATOM   82   C  CB  . LYS A 1 91  ? 10.678  -8.835  3.620   1.00 31.49 ? 91  LYS A CB  1 
ATOM   83   C  CG  . LYS A 1 91  ? 11.229  -8.342  4.981   1.00 37.62 ? 91  LYS A CG  1 
ATOM   84   C  CD  . LYS A 1 91  ? 10.981  -9.422  6.057   1.00 41.17 ? 91  LYS A CD  1 
ATOM   85   C  CE  . LYS A 1 91  ? 9.506   -9.782  6.077   1.00 42.77 ? 91  LYS A CE  1 
ATOM   86   N  NZ  . LYS A 1 91  ? 9.283   -11.197 5.800   1.00 45.23 ? 91  LYS A NZ  1 
ATOM   87   N  N   . ARG A 1 92  ? 12.811  -8.834  1.192   1.00 28.95 ? 92  ARG A N   1 
ATOM   88   C  CA  . ARG A 1 92  ? 14.177  -8.757  0.688   1.00 30.95 ? 92  ARG A CA  1 
ATOM   89   C  C   . ARG A 1 92  ? 14.350  -7.577  -0.263  1.00 31.52 ? 92  ARG A C   1 
ATOM   90   O  O   . ARG A 1 92  ? 15.342  -6.854  -0.188  1.00 31.81 ? 92  ARG A O   1 
ATOM   91   C  CB  . ARG A 1 92  ? 14.568  -10.059 -0.030  1.00 33.30 ? 92  ARG A CB  1 
ATOM   92   C  CG  . ARG A 1 92  ? 14.864  -11.236 0.912   1.00 33.35 ? 92  ARG A CG  1 
ATOM   93   C  CD  . ARG A 1 92  ? 15.425  -12.445 0.155   1.00 34.46 ? 92  ARG A CD  1 
ATOM   94   N  NE  . ARG A 1 92  ? 14.402  -13.183 -0.589  1.00 34.60 ? 92  ARG A NE  1 
ATOM   95   C  CZ  . ARG A 1 92  ? 13.736  -14.235 -0.117  1.00 33.90 ? 92  ARG A CZ  1 
ATOM   96   N  NH1 . ARG A 1 92  ? 13.980  -14.690 1.106   1.00 34.64 ? 92  ARG A NH1 1 
ATOM   97   N  NH2 . ARG A 1 92  ? 12.820  -14.832 -0.867  1.00 31.75 ? 92  ARG A NH2 1 
ATOM   98   N  N   . ARG A 1 93  ? 13.382  -7.379  -1.149  1.00 30.45 ? 93  ARG A N   1 
ATOM   99   C  CA  . ARG A 1 93  ? 13.462  -6.282  -2.104  1.00 30.74 ? 93  ARG A CA  1 
ATOM   100  C  C   . ARG A 1 93  ? 13.378  -4.917  -1.422  1.00 30.63 ? 93  ARG A C   1 
ATOM   101  O  O   . ARG A 1 93  ? 13.998  -3.951  -1.871  1.00 29.68 ? 93  ARG A O   1 
ATOM   102  C  CB  . ARG A 1 93  ? 12.361  -6.415  -3.156  1.00 30.99 ? 93  ARG A CB  1 
ATOM   103  C  CG  . ARG A 1 93  ? 12.464  -5.364  -4.252  1.00 39.13 ? 93  ARG A CG  1 
ATOM   104  C  CD  . ARG A 1 93  ? 11.592  -5.694  -5.459  1.00 41.29 ? 93  ARG A CD  1 
ATOM   105  N  NE  . ARG A 1 93  ? 11.655  -4.627  -6.455  1.00 42.48 ? 93  ARG A NE  1 
ATOM   106  C  CZ  . ARG A 1 93  ? 10.977  -4.621  -7.597  1.00 44.01 ? 93  ARG A CZ  1 
ATOM   107  N  NH1 . ARG A 1 93  ? 10.179  -5.635  -7.904  1.00 44.49 ? 93  ARG A NH1 1 
ATOM   108  N  NH2 . ARG A 1 93  ? 11.083  -3.586  -8.424  1.00 44.93 ? 93  ARG A NH2 1 
ATOM   109  N  N   . LEU A 1 94  ? 12.613  -4.842  -0.336  1.00 28.63 ? 94  LEU A N   1 
ATOM   110  C  CA  . LEU A 1 94  ? 12.469  -3.596  0.409   1.00 29.86 ? 94  LEU A CA  1 
ATOM   111  C  C   . LEU A 1 94  ? 13.750  -3.263  1.173   1.00 29.96 ? 94  LEU A C   1 
ATOM   112  O  O   . LEU A 1 94  ? 13.981  -2.113  1.532   1.00 29.89 ? 94  LEU A O   1 
ATOM   113  C  CB  . LEU A 1 94  ? 11.300  -3.700  1.396   1.00 26.99 ? 94  LEU A CB  1 
ATOM   114  C  CG  . LEU A 1 94  ? 9.899   -3.791  0.785   1.00 27.24 ? 94  LEU A CG  1 
ATOM   115  C  CD1 . LEU A 1 94  ? 8.882   -4.128  1.862   1.00 25.09 ? 94  LEU A CD1 1 
ATOM   116  C  CD2 . LEU A 1 94  ? 9.556   -2.464  0.114   1.00 23.77 ? 94  LEU A CD2 1 
ATOM   117  N  N   . GLU A 1 95  ? 14.583  -4.272  1.413   1.00 31.37 ? 95  GLU A N   1 
ATOM   118  C  CA  . GLU A 1 95  ? 15.835  -4.075  2.141   1.00 32.48 ? 95  GLU A CA  1 
ATOM   119  C  C   . GLU A 1 95  ? 16.820  -3.100  1.495   1.00 30.63 ? 95  GLU A C   1 
ATOM   120  O  O   . GLU A 1 95  ? 17.563  -2.414  2.191   1.00 30.00 ? 95  GLU A O   1 
ATOM   121  C  CB  . GLU A 1 95  ? 16.538  -5.415  2.351   1.00 35.82 ? 95  GLU A CB  1 
ATOM   122  C  CG  . GLU A 1 95  ? 16.287  -6.027  3.711   1.00 43.56 ? 95  GLU A CG  1 
ATOM   123  C  CD  . GLU A 1 95  ? 17.160  -7.235  3.969   1.00 46.02 ? 95  GLU A CD  1 
ATOM   124  O  OE1 . GLU A 1 95  ? 16.925  -8.286  3.337   1.00 48.01 ? 95  GLU A OE1 1 
ATOM   125  O  OE2 . GLU A 1 95  ? 18.088  -7.127  4.801   1.00 48.56 ? 95  GLU A OE2 1 
ATOM   126  N  N   . THR A 1 96  ? 16.833  -3.042  0.171   1.00 28.98 ? 96  THR A N   1 
ATOM   127  C  CA  . THR A 1 96  ? 17.746  -2.147  -0.534  1.00 28.78 ? 96  THR A CA  1 
ATOM   128  C  C   . THR A 1 96  ? 17.034  -1.053  -1.321  1.00 28.37 ? 96  THR A C   1 
ATOM   129  O  O   . THR A 1 96  ? 17.682  -0.175  -1.884  1.00 28.00 ? 96  THR A O   1 
ATOM   130  C  CB  . THR A 1 96  ? 18.624  -2.919  -1.532  1.00 29.81 ? 96  THR A CB  1 
ATOM   131  O  OG1 . THR A 1 96  ? 17.791  -3.541  -2.521  1.00 28.63 ? 96  THR A OG1 1 
ATOM   132  C  CG2 . THR A 1 96  ? 19.440  -3.982  -0.815  1.00 29.37 ? 96  THR A CG2 1 
HETATM 133  N  N   . MSE A 1 97  ? 15.707  -1.100  -1.352  1.00 26.93 ? 97  MSE A N   1 
HETATM 134  C  CA  . MSE A 1 97  ? 14.938  -0.124  -2.113  1.00 27.25 ? 97  MSE A CA  1 
HETATM 135  C  C   . MSE A 1 97  ? 15.164  1.323   -1.694  1.00 26.29 ? 97  MSE A C   1 
HETATM 136  O  O   . MSE A 1 97  ? 15.144  1.652   -0.513  1.00 26.07 ? 97  MSE A O   1 
HETATM 137  C  CB  . MSE A 1 97  ? 13.443  -0.452  -2.034  1.00 27.44 ? 97  MSE A CB  1 
HETATM 138  C  CG  . MSE A 1 97  ? 12.600  0.354   -3.003  1.00 28.02 ? 97  MSE A CG  1 
HETATM 139  SE SE  . MSE A 1 97  ? 10.749  -0.206  -3.028  1.00 30.65 ? 97  MSE A SE  1 
HETATM 140  C  CE  . MSE A 1 97  ? 10.939  -1.859  -4.000  1.00 25.91 ? 97  MSE A CE  1 
ATOM   141  N  N   . SER A 1 98  ? 15.377  2.189   -2.676  1.00 27.57 ? 98  SER A N   1 
ATOM   142  C  CA  . SER A 1 98  ? 15.593  3.602   -2.402  1.00 29.68 ? 98  SER A CA  1 
ATOM   143  C  C   . SER A 1 98  ? 14.278  4.233   -1.972  1.00 30.13 ? 98  SER A C   1 
ATOM   144  O  O   . SER A 1 98  ? 13.202  3.693   -2.230  1.00 28.28 ? 98  SER A O   1 
ATOM   145  C  CB  . SER A 1 98  ? 16.114  4.317   -3.646  1.00 31.05 ? 98  SER A CB  1 
ATOM   146  O  OG  . SER A 1 98  ? 15.145  4.293   -4.680  1.00 34.44 ? 98  SER A OG  1 
ATOM   147  N  N   . GLU A 1 99  ? 14.370  5.379   -1.312  1.00 31.00 ? 99  GLU A N   1 
ATOM   148  C  CA  . GLU A 1 99  ? 13.190  6.076   -0.841  1.00 31.70 ? 99  GLU A CA  1 
ATOM   149  C  C   . GLU A 1 99  ? 12.317  6.466   -2.030  1.00 31.83 ? 99  GLU A C   1 
ATOM   150  O  O   . GLU A 1 99  ? 11.088  6.348   -1.978  1.00 28.58 ? 99  GLU A O   1 
ATOM   151  C  CB  . GLU A 1 99  ? 13.601  7.326   -0.063  1.00 35.42 ? 99  GLU A CB  1 
ATOM   152  C  CG  . GLU A 1 99  ? 12.506  7.904   0.810   1.00 39.35 ? 99  GLU A CG  1 
ATOM   153  C  CD  . GLU A 1 99  ? 12.914  9.214   1.461   1.00 43.39 ? 99  GLU A CD  1 
ATOM   154  O  OE1 . GLU A 1 99  ? 12.863  10.258  0.774   1.00 42.38 ? 99  GLU A OE1 1 
ATOM   155  O  OE2 . GLU A 1 99  ? 13.294  9.196   2.655   1.00 43.29 ? 99  GLU A OE2 1 
ATOM   156  N  N   . ASP A 1 100 ? 12.953  6.935   -3.098  1.00 29.61 ? 100 ASP A N   1 
ATOM   157  C  CA  . ASP A 1 100 ? 12.209  7.336   -4.280  1.00 30.85 ? 100 ASP A CA  1 
ATOM   158  C  C   . ASP A 1 100 ? 11.427  6.182   -4.889  1.00 30.70 ? 100 ASP A C   1 
ATOM   159  O  O   . ASP A 1 100 ? 10.284  6.366   -5.300  1.00 33.16 ? 100 ASP A O   1 
ATOM   160  C  CB  . ASP A 1 100 ? 13.139  7.948   -5.331  1.00 31.35 ? 100 ASP A CB  1 
ATOM   161  C  CG  . ASP A 1 100 ? 13.660  9.310   -4.917  1.00 33.81 ? 100 ASP A CG  1 
ATOM   162  O  OD1 . ASP A 1 100 ? 13.109  9.895   -3.958  1.00 33.17 ? 100 ASP A OD1 1 
ATOM   163  O  OD2 . ASP A 1 100 ? 14.613  9.801   -5.560  1.00 37.62 ? 100 ASP A OD2 1 
ATOM   164  N  N   . GLU A 1 101 ? 12.025  4.997   -4.960  1.00 29.38 ? 101 GLU A N   1 
ATOM   165  C  CA  . GLU A 1 101 ? 11.297  3.868   -5.526  1.00 29.24 ? 101 GLU A CA  1 
ATOM   166  C  C   . GLU A 1 101 ? 10.160  3.492   -4.580  1.00 28.38 ? 101 GLU A C   1 
ATOM   167  O  O   . GLU A 1 101 ? 9.039   3.224   -5.021  1.00 25.99 ? 101 GLU A O   1 
ATOM   168  C  CB  . GLU A 1 101 ? 12.211  2.653   -5.743  1.00 30.13 ? 101 GLU A CB  1 
ATOM   169  C  CG  . GLU A 1 101 ? 11.741  1.754   -6.887  1.00 32.75 ? 101 GLU A CG  1 
ATOM   170  C  CD  . GLU A 1 101 ? 12.451  0.409   -6.933  1.00 36.55 ? 101 GLU A CD  1 
ATOM   171  O  OE1 . GLU A 1 101 ? 13.593  0.310   -6.437  1.00 38.81 ? 101 GLU A OE1 1 
ATOM   172  O  OE2 . GLU A 1 101 ? 11.872  -0.551  -7.480  1.00 36.38 ? 101 GLU A OE2 1 
ATOM   173  N  N   . TYR A 1 102 ? 10.439  3.471   -3.278  1.00 25.60 ? 102 TYR A N   1 
ATOM   174  C  CA  . TYR A 1 102 ? 9.397   3.126   -2.325  1.00 25.31 ? 102 TYR A CA  1 
ATOM   175  C  C   . TYR A 1 102 ? 8.246   4.124   -2.397  1.00 26.18 ? 102 TYR A C   1 
ATOM   176  O  O   . TYR A 1 102 ? 7.080   3.748   -2.280  1.00 24.80 ? 102 TYR A O   1 
ATOM   177  C  CB  . TYR A 1 102 ? 9.930   3.083   -0.889  1.00 24.73 ? 102 TYR A CB  1 
ATOM   178  C  CG  . TYR A 1 102 ? 8.846   2.687   0.099   1.00 24.63 ? 102 TYR A CG  1 
ATOM   179  C  CD1 . TYR A 1 102 ? 8.223   1.440   0.012   1.00 24.27 ? 102 TYR A CD1 1 
ATOM   180  C  CD2 . TYR A 1 102 ? 8.388   3.581   1.063   1.00 24.16 ? 102 TYR A CD2 1 
ATOM   181  C  CE1 . TYR A 1 102 ? 7.168   1.096   0.856   1.00 23.13 ? 102 TYR A CE1 1 
ATOM   182  C  CE2 . TYR A 1 102 ? 7.328   3.247   1.913   1.00 23.38 ? 102 TYR A CE2 1 
ATOM   183  C  CZ  . TYR A 1 102 ? 6.725   2.004   1.797   1.00 22.68 ? 102 TYR A CZ  1 
ATOM   184  O  OH  . TYR A 1 102 ? 5.656   1.680   2.592   1.00 24.20 ? 102 TYR A OH  1 
ATOM   185  N  N   . PHE A 1 103 ? 8.570   5.398   -2.598  1.00 26.73 ? 103 PHE A N   1 
ATOM   186  C  CA  . PHE A 1 103 ? 7.535   6.410   -2.676  1.00 26.39 ? 103 PHE A CA  1 
ATOM   187  C  C   . PHE A 1 103 ? 6.626   6.212   -3.884  1.00 24.36 ? 103 PHE A C   1 
ATOM   188  O  O   . PHE A 1 103 ? 5.467   6.606   -3.858  1.00 24.66 ? 103 PHE A O   1 
ATOM   189  C  CB  . PHE A 1 103 ? 8.133   7.811   -2.708  1.00 28.15 ? 103 PHE A CB  1 
ATOM   190  C  CG  . PHE A 1 103 ? 7.134   8.882   -2.401  1.00 30.29 ? 103 PHE A CG  1 
ATOM   191  C  CD1 . PHE A 1 103 ? 6.363   8.806   -1.247  1.00 30.99 ? 103 PHE A CD1 1 
ATOM   192  C  CD2 . PHE A 1 103 ? 6.930   9.939   -3.274  1.00 32.65 ? 103 PHE A CD2 1 
ATOM   193  C  CE1 . PHE A 1 103 ? 5.397   9.769   -0.969  1.00 33.50 ? 103 PHE A CE1 1 
ATOM   194  C  CE2 . PHE A 1 103 ? 5.963   10.909  -3.001  1.00 33.38 ? 103 PHE A CE2 1 
ATOM   195  C  CZ  . PHE A 1 103 ? 5.197   10.819  -1.849  1.00 32.03 ? 103 PHE A CZ  1 
ATOM   196  N  N   . GLU A 1 104 ? 7.148   5.608   -4.944  1.00 24.34 ? 104 GLU A N   1 
ATOM   197  C  CA  . GLU A 1 104 ? 6.333   5.348   -6.126  1.00 23.98 ? 104 GLU A CA  1 
ATOM   198  C  C   . GLU A 1 104 ? 5.266   4.327   -5.739  1.00 24.51 ? 104 GLU A C   1 
ATOM   199  O  O   . GLU A 1 104 ? 4.133   4.376   -6.230  1.00 23.54 ? 104 GLU A O   1 
ATOM   200  C  CB  . GLU A 1 104 ? 7.200   4.807   -7.264  1.00 28.10 ? 104 GLU A CB  1 
ATOM   201  C  CG  . GLU A 1 104 ? 8.051   5.877   -7.946  1.00 31.46 ? 104 GLU A CG  1 
ATOM   202  C  CD  . GLU A 1 104 ? 7.214   7.049   -8.438  1.00 32.77 ? 104 GLU A CD  1 
ATOM   203  O  OE1 . GLU A 1 104 ? 6.185   6.809   -9.105  1.00 35.97 ? 104 GLU A OE1 1 
ATOM   204  O  OE2 . GLU A 1 104 ? 7.585   8.209   -8.160  1.00 33.73 ? 104 GLU A OE2 1 
ATOM   205  N  N   . SER A 1 105 ? 5.638   3.404   -4.854  1.00 22.26 ? 105 SER A N   1 
ATOM   206  C  CA  . SER A 1 105 ? 4.712   2.384   -4.364  1.00 21.71 ? 105 SER A CA  1 
ATOM   207  C  C   . SER A 1 105 ? 3.660   3.066   -3.499  1.00 22.52 ? 105 SER A C   1 
ATOM   208  O  O   . SER A 1 105 ? 2.463   2.811   -3.632  1.00 23.70 ? 105 SER A O   1 
ATOM   209  C  CB  . SER A 1 105 ? 5.457   1.342   -3.521  1.00 22.34 ? 105 SER A CB  1 
ATOM   210  O  OG  . SER A 1 105 ? 4.539   0.479   -2.862  1.00 25.17 ? 105 SER A OG  1 
ATOM   211  N  N   . VAL A 1 106 ? 4.118   3.937   -2.609  1.00 22.66 ? 106 VAL A N   1 
ATOM   212  C  CA  . VAL A 1 106 ? 3.220   4.660   -1.725  1.00 22.56 ? 106 VAL A CA  1 
ATOM   213  C  C   . VAL A 1 106 ? 2.164   5.445   -2.508  1.00 22.96 ? 106 VAL A C   1 
ATOM   214  O  O   . VAL A 1 106 ? 0.972   5.354   -2.220  1.00 23.12 ? 106 VAL A O   1 
ATOM   215  C  CB  . VAL A 1 106 ? 4.001   5.632   -0.828  1.00 21.85 ? 106 VAL A CB  1 
ATOM   216  C  CG1 . VAL A 1 106 ? 3.025   6.511   -0.043  1.00 20.68 ? 106 VAL A CG1 1 
ATOM   217  C  CG2 . VAL A 1 106 ? 4.904   4.842   0.126   1.00 19.56 ? 106 VAL A CG2 1 
ATOM   218  N  N   . LYS A 1 107 ? 2.609   6.211   -3.495  1.00 23.20 ? 107 LYS A N   1 
ATOM   219  C  CA  . LYS A 1 107 ? 1.703   7.016   -4.310  1.00 23.63 ? 107 LYS A CA  1 
ATOM   220  C  C   . LYS A 1 107 ? 0.699   6.164   -5.071  1.00 22.23 ? 107 LYS A C   1 
ATOM   221  O  O   . LYS A 1 107 ? -0.483  6.493   -5.128  1.00 25.00 ? 107 LYS A O   1 
ATOM   222  C  CB  . LYS A 1 107 ? 2.509   7.857   -5.299  1.00 25.17 ? 107 LYS A CB  1 
ATOM   223  C  CG  . LYS A 1 107 ? 3.306   8.964   -4.643  1.00 31.23 ? 107 LYS A CG  1 
ATOM   224  C  CD  . LYS A 1 107 ? 4.584   9.263   -5.415  1.00 33.24 ? 107 LYS A CD  1 
ATOM   225  C  CE  . LYS A 1 107 ? 4.304   9.750   -6.810  1.00 34.82 ? 107 LYS A CE  1 
ATOM   226  N  NZ  . LYS A 1 107 ? 5.576   10.082  -7.525  1.00 34.60 ? 107 LYS A NZ  1 
ATOM   227  N  N   . ALA A 1 108 ? 1.174   5.075   -5.664  1.00 21.23 ? 108 ALA A N   1 
ATOM   228  C  CA  . ALA A 1 108 ? 0.306   4.187   -6.424  1.00 22.93 ? 108 ALA A CA  1 
ATOM   229  C  C   . ALA A 1 108 ? -0.763  3.523   -5.557  1.00 22.87 ? 108 ALA A C   1 
ATOM   230  O  O   . ALA A 1 108 ? -1.932  3.443   -5.950  1.00 23.31 ? 108 ALA A O   1 
ATOM   231  C  CB  . ALA A 1 108 ? 1.141   3.124   -7.135  1.00 19.21 ? 108 ALA A CB  1 
ATOM   232  N  N   . LEU A 1 109 ? -0.380  3.052   -4.374  1.00 22.16 ? 109 LEU A N   1 
ATOM   233  C  CA  . LEU A 1 109 ? -1.349  2.391   -3.512  1.00 21.63 ? 109 LEU A CA  1 
ATOM   234  C  C   . LEU A 1 109 ? -2.305  3.401   -2.884  1.00 21.91 ? 109 LEU A C   1 
ATOM   235  O  O   . LEU A 1 109 ? -3.481  3.106   -2.675  1.00 22.17 ? 109 LEU A O   1 
ATOM   236  C  CB  . LEU A 1 109 ? -0.629  1.551   -2.446  1.00 21.85 ? 109 LEU A CB  1 
ATOM   237  C  CG  . LEU A 1 109 ? 0.333   0.481   -3.001  1.00 23.27 ? 109 LEU A CG  1 
ATOM   238  C  CD1 . LEU A 1 109 ? 0.698   -0.522  -1.909  1.00 20.59 ? 109 LEU A CD1 1 
ATOM   239  C  CD2 . LEU A 1 109 ? -0.311  -0.250  -4.162  1.00 23.39 ? 109 LEU A CD2 1 
ATOM   240  N  N   . LEU A 1 110 ? -1.806  4.597   -2.593  1.00 21.30 ? 110 LEU A N   1 
ATOM   241  C  CA  . LEU A 1 110 ? -2.646  5.650   -2.029  1.00 22.47 ? 110 LEU A CA  1 
ATOM   242  C  C   . LEU A 1 110 ? -3.710  6.067   -3.053  1.00 22.62 ? 110 LEU A C   1 
ATOM   243  O  O   . LEU A 1 110 ? -4.895  6.154   -2.744  1.00 21.37 ? 110 LEU A O   1 
ATOM   244  C  CB  . LEU A 1 110 ? -1.801  6.879   -1.689  1.00 23.25 ? 110 LEU A CB  1 
ATOM   245  C  CG  . LEU A 1 110 ? -1.254  7.061   -0.275  1.00 24.32 ? 110 LEU A CG  1 
ATOM   246  C  CD1 . LEU A 1 110 ? -0.336  8.276   -0.254  1.00 22.89 ? 110 LEU A CD1 1 
ATOM   247  C  CD2 . LEU A 1 110 ? -2.415  7.243   0.706   1.00 21.06 ? 110 LEU A CD2 1 
ATOM   248  N  N   . LYS A 1 111 ? -3.258  6.339   -4.273  1.00 23.26 ? 111 LYS A N   1 
ATOM   249  C  CA  . LYS A 1 111 ? -4.139  6.769   -5.355  1.00 25.54 ? 111 LYS A CA  1 
ATOM   250  C  C   . LYS A 1 111 ? -5.227  5.745   -5.641  1.00 24.36 ? 111 LYS A C   1 
ATOM   251  O  O   . LYS A 1 111 ? -6.399  6.085   -5.780  1.00 25.20 ? 111 LYS A O   1 
ATOM   252  C  CB  . LYS A 1 111 ? -3.313  7.016   -6.620  1.00 27.76 ? 111 LYS A CB  1 
ATOM   253  C  CG  . LYS A 1 111 ? -4.131  7.445   -7.827  1.00 33.91 ? 111 LYS A CG  1 
ATOM   254  C  CD  . LYS A 1 111 ? -3.229  7.745   -9.018  1.00 37.49 ? 111 LYS A CD  1 
ATOM   255  C  CE  . LYS A 1 111 ? -4.040  8.183   -10.223 1.00 40.03 ? 111 LYS A CE  1 
ATOM   256  N  NZ  . LYS A 1 111 ? -3.167  8.468   -11.396 1.00 42.93 ? 111 LYS A NZ  1 
ATOM   257  N  N   . GLU A 1 112 ? -4.834  4.484   -5.730  1.00 24.36 ? 112 GLU A N   1 
ATOM   258  C  CA  . GLU A 1 112 ? -5.786  3.420   -5.993  1.00 26.28 ? 112 GLU A CA  1 
ATOM   259  C  C   . GLU A 1 112 ? -6.881  3.383   -4.925  1.00 26.46 ? 112 GLU A C   1 
ATOM   260  O  O   . GLU A 1 112 ? -8.069  3.293   -5.247  1.00 26.40 ? 112 GLU A O   1 
ATOM   261  C  CB  . GLU A 1 112 ? -5.043  2.083   -6.043  1.00 29.35 ? 112 GLU A CB  1 
ATOM   262  C  CG  . GLU A 1 112 ? -5.925  0.863   -6.217  1.00 35.82 ? 112 GLU A CG  1 
ATOM   263  C  CD  . GLU A 1 112 ? -5.110  -0.410  -6.294  1.00 39.79 ? 112 GLU A CD  1 
ATOM   264  O  OE1 . GLU A 1 112 ? -4.460  -0.642  -7.339  1.00 45.09 ? 112 GLU A OE1 1 
ATOM   265  O  OE2 . GLU A 1 112 ? -5.100  -1.171  -5.305  1.00 38.99 ? 112 GLU A OE2 1 
ATOM   266  N  N   . ALA A 1 113 ? -6.484  3.465   -3.656  1.00 24.68 ? 113 ALA A N   1 
ATOM   267  C  CA  . ALA A 1 113 ? -7.446  3.425   -2.553  1.00 25.55 ? 113 ALA A CA  1 
ATOM   268  C  C   . ALA A 1 113 ? -8.345  4.655   -2.523  1.00 24.75 ? 113 ALA A C   1 
ATOM   269  O  O   . ALA A 1 113 ? -9.540  4.554   -2.244  1.00 26.03 ? 113 ALA A O   1 
ATOM   270  C  CB  . ALA A 1 113 ? -6.717  3.282   -1.217  1.00 23.06 ? 113 ALA A CB  1 
ATOM   271  N  N   . ILE A 1 114 ? -7.767  5.816   -2.799  1.00 26.14 ? 114 ILE A N   1 
ATOM   272  C  CA  . ILE A 1 114 ? -8.523  7.061   -2.806  1.00 28.57 ? 114 ILE A CA  1 
ATOM   273  C  C   . ILE A 1 114 ? -9.531  7.077   -3.958  1.00 28.66 ? 114 ILE A C   1 
ATOM   274  O  O   . ILE A 1 114 ? -10.651 7.563   -3.800  1.00 28.11 ? 114 ILE A O   1 
ATOM   275  C  CB  . ILE A 1 114 ? -7.564  8.274   -2.886  1.00 28.44 ? 114 ILE A CB  1 
ATOM   276  C  CG1 . ILE A 1 114 ? -6.747  8.350   -1.585  1.00 27.91 ? 114 ILE A CG1 1 
ATOM   277  C  CG2 . ILE A 1 114 ? -8.350  9.566   -3.083  1.00 29.33 ? 114 ILE A CG2 1 
ATOM   278  C  CD1 . ILE A 1 114 ? -5.635  9.392   -1.582  1.00 26.53 ? 114 ILE A CD1 1 
ATOM   279  N  N   . LYS A 1 115 ? -9.142  6.537   -5.110  1.00 29.91 ? 115 LYS A N   1 
ATOM   280  C  CA  . LYS A 1 115 ? -10.053 6.478   -6.253  1.00 33.34 ? 115 LYS A CA  1 
ATOM   281  C  C   . LYS A 1 115 ? -11.257 5.617   -5.898  1.00 33.03 ? 115 LYS A C   1 
ATOM   282  O  O   . LYS A 1 115 ? -12.392 5.963   -6.208  1.00 34.80 ? 115 LYS A O   1 
ATOM   283  C  CB  . LYS A 1 115 ? -9.372  5.860   -7.478  1.00 35.02 ? 115 LYS A CB  1 
ATOM   284  C  CG  . LYS A 1 115 ? -8.586  6.820   -8.361  1.00 39.93 ? 115 LYS A CG  1 
ATOM   285  C  CD  . LYS A 1 115 ? -8.103  6.074   -9.600  1.00 42.84 ? 115 LYS A CD  1 
ATOM   286  C  CE  . LYS A 1 115 ? -7.140  6.895   -10.428 1.00 47.42 ? 115 LYS A CE  1 
ATOM   287  N  NZ  . LYS A 1 115 ? -6.526  6.062   -11.507 1.00 49.71 ? 115 LYS A NZ  1 
ATOM   288  N  N   . GLU A 1 116 ? -10.989 4.492   -5.248  1.00 34.03 ? 116 GLU A N   1 
ATOM   289  C  CA  . GLU A 1 116 ? -12.023 3.549   -4.844  1.00 35.52 ? 116 GLU A CA  1 
ATOM   290  C  C   . GLU A 1 116 ? -13.015 4.157   -3.859  1.00 35.50 ? 116 GLU A C   1 
ATOM   291  O  O   . GLU A 1 116 ? -14.226 3.969   -3.995  1.00 35.74 ? 116 GLU A O   1 
ATOM   292  C  CB  . GLU A 1 116 ? -11.375 2.309   -4.226  1.00 38.74 ? 116 GLU A CB  1 
ATOM   293  C  CG  . GLU A 1 116 ? -12.343 1.193   -3.856  1.00 44.81 ? 116 GLU A CG  1 
ATOM   294  C  CD  . GLU A 1 116 ? -12.466 0.139   -4.940  1.00 50.53 ? 116 GLU A CD  1 
ATOM   295  O  OE1 . GLU A 1 116 ? -12.979 0.460   -6.036  1.00 52.45 ? 116 GLU A OE1 1 
ATOM   296  O  OE2 . GLU A 1 116 ? -12.041 -1.014  -4.696  1.00 54.37 ? 116 GLU A OE2 1 
ATOM   297  N  N   . LEU A 1 117 ? -12.505 4.873   -2.859  1.00 35.33 ? 117 LEU A N   1 
ATOM   298  C  CA  . LEU A 1 117 ? -13.364 5.506   -1.860  1.00 34.81 ? 117 LEU A CA  1 
ATOM   299  C  C   . LEU A 1 117 ? -14.115 6.679   -2.481  1.00 36.22 ? 117 LEU A C   1 
ATOM   300  O  O   . LEU A 1 117 ? -15.224 7.015   -2.065  1.00 35.20 ? 117 LEU A O   1 
ATOM   301  C  CB  . LEU A 1 117 ? -12.535 6.021   -0.684  1.00 32.22 ? 117 LEU A CB  1 
ATOM   302  C  CG  . LEU A 1 117 ? -11.794 5.002   0.187   1.00 33.32 ? 117 LEU A CG  1 
ATOM   303  C  CD1 . LEU A 1 117 ? -10.920 5.737   1.176   1.00 28.09 ? 117 LEU A CD1 1 
ATOM   304  C  CD2 . LEU A 1 117 ? -12.785 4.106   0.915   1.00 31.29 ? 117 LEU A CD2 1 
ATOM   305  N  N   . ASN A 1 118 ? -13.487 7.308   -3.468  1.00 37.33 ? 118 ASN A N   1 
ATOM   306  C  CA  . ASN A 1 118 ? -14.079 8.445   -4.151  1.00 40.83 ? 118 ASN A CA  1 
ATOM   307  C  C   . ASN A 1 118 ? -14.466 9.537   -3.159  1.00 42.59 ? 118 ASN A C   1 
ATOM   308  O  O   . ASN A 1 118 ? -15.600 10.014  -3.147  1.00 43.07 ? 118 ASN A O   1 
ATOM   309  C  CB  . ASN A 1 118 ? -15.304 7.992   -4.948  1.00 42.07 ? 118 ASN A CB  1 
ATOM   310  C  CG  . ASN A 1 118 ? -15.873 9.094   -5.807  1.00 41.91 ? 118 ASN A CG  1 
ATOM   311  O  OD1 . ASN A 1 118 ? -15.159 9.711   -6.592  1.00 42.45 ? 118 ASN A OD1 1 
ATOM   312  N  ND2 . ASN A 1 118 ? -17.169 9.347   -5.665  1.00 44.01 ? 118 ASN A ND2 1 
ATOM   313  N  N   . GLU A 1 119 ? -13.504 9.919   -2.323  1.00 45.04 ? 119 GLU A N   1 
ATOM   314  C  CA  . GLU A 1 119 ? -13.689 10.960  -1.317  1.00 47.44 ? 119 GLU A CA  1 
ATOM   315  C  C   . GLU A 1 119 ? -12.463 11.865  -1.358  1.00 47.50 ? 119 GLU A C   1 
ATOM   316  O  O   . GLU A 1 119 ? -11.374 11.416  -1.705  1.00 47.33 ? 119 GLU A O   1 
ATOM   317  C  CB  . GLU A 1 119 ? -13.827 10.337  0.076   1.00 49.37 ? 119 GLU A CB  1 
ATOM   318  C  CG  . GLU A 1 119 ? -15.122 9.566   0.294   1.00 52.90 ? 119 GLU A CG  1 
ATOM   319  C  CD  . GLU A 1 119 ? -16.250 10.438  0.821   1.00 55.38 ? 119 GLU A CD  1 
ATOM   320  O  OE1 . GLU A 1 119 ? -16.540 11.490  0.204   1.00 56.23 ? 119 GLU A OE1 1 
ATOM   321  O  OE2 . GLU A 1 119 ? -16.851 10.066  1.856   1.00 55.57 ? 119 GLU A OE2 1 
ATOM   322  N  N   . LYS A 1 120 ? -12.641 13.136  -1.010  1.00 48.96 ? 120 LYS A N   1 
ATOM   323  C  CA  . LYS A 1 120 ? -11.536 14.095  -1.024  1.00 49.25 ? 120 LYS A CA  1 
ATOM   324  C  C   . LYS A 1 120 ? -10.740 14.099  0.281   1.00 48.47 ? 120 LYS A C   1 
ATOM   325  O  O   . LYS A 1 120 ? -9.543  14.391  0.284   1.00 48.90 ? 120 LYS A O   1 
ATOM   326  C  CB  . LYS A 1 120 ? -12.067 15.503  -1.300  1.00 50.64 ? 120 LYS A CB  1 
ATOM   327  C  CG  . LYS A 1 120 ? -12.845 15.624  -2.602  1.00 54.36 ? 120 LYS A CG  1 
ATOM   328  C  CD  . LYS A 1 120 ? -11.971 15.279  -3.798  1.00 55.74 ? 120 LYS A CD  1 
ATOM   329  C  CE  . LYS A 1 120 ? -12.780 15.261  -5.086  1.00 58.50 ? 120 LYS A CE  1 
ATOM   330  N  NZ  . LYS A 1 120 ? -13.837 14.205  -5.061  1.00 59.15 ? 120 LYS A NZ  1 
ATOM   331  N  N   . LYS A 1 121 ? -11.404 13.776  1.387   1.00 46.03 ? 121 LYS A N   1 
ATOM   332  C  CA  . LYS A 1 121 ? -10.746 13.756  2.690   1.00 44.56 ? 121 LYS A CA  1 
ATOM   333  C  C   . LYS A 1 121 ? -10.596 12.341  3.239   1.00 41.46 ? 121 LYS A C   1 
ATOM   334  O  O   . LYS A 1 121 ? -11.587 11.658  3.502   1.00 40.74 ? 121 LYS A O   1 
ATOM   335  C  CB  . LYS A 1 121 ? -11.536 14.615  3.683   1.00 46.36 ? 121 LYS A CB  1 
ATOM   336  C  CG  . LYS A 1 121 ? -11.711 16.061  3.237   1.00 49.91 ? 121 LYS A CG  1 
ATOM   337  C  CD  . LYS A 1 121 ? -12.463 16.889  4.272   1.00 52.33 ? 121 LYS A CD  1 
ATOM   338  C  CE  . LYS A 1 121 ? -13.896 16.411  4.452   1.00 54.50 ? 121 LYS A CE  1 
ATOM   339  N  NZ  . LYS A 1 121 ? -14.638 17.239  5.452   1.00 55.55 ? 121 LYS A NZ  1 
ATOM   340  N  N   . VAL A 1 122 ? -9.350  11.907  3.420   1.00 37.35 ? 122 VAL A N   1 
ATOM   341  C  CA  . VAL A 1 122 ? -9.083  10.567  3.937   1.00 34.09 ? 122 VAL A CA  1 
ATOM   342  C  C   . VAL A 1 122 ? -8.032  10.555  5.044   1.00 31.59 ? 122 VAL A C   1 
ATOM   343  O  O   . VAL A 1 122 ? -7.272  11.511  5.205   1.00 30.23 ? 122 VAL A O   1 
ATOM   344  C  CB  . VAL A 1 122 ? -8.584  9.617   2.825   1.00 34.02 ? 122 VAL A CB  1 
ATOM   345  C  CG1 . VAL A 1 122 ? -9.634  9.482   1.725   1.00 33.85 ? 122 VAL A CG1 1 
ATOM   346  C  CG2 . VAL A 1 122 ? -7.273  10.138  2.255   1.00 32.25 ? 122 VAL A CG2 1 
ATOM   347  N  N   . ARG A 1 123 ? -8.007  9.459   5.799   1.00 27.86 ? 123 ARG A N   1 
ATOM   348  C  CA  . ARG A 1 123 ? -7.040  9.258   6.871   1.00 25.73 ? 123 ARG A CA  1 
ATOM   349  C  C   . ARG A 1 123 ? -6.199  8.056   6.464   1.00 25.40 ? 123 ARG A C   1 
ATOM   350  O  O   . ARG A 1 123 ? -6.734  7.045   6.004   1.00 23.69 ? 123 ARG A O   1 
ATOM   351  C  CB  . ARG A 1 123 ? -7.734  8.959   8.203   1.00 26.53 ? 123 ARG A CB  1 
ATOM   352  C  CG  . ARG A 1 123 ? -6.747  8.614   9.324   1.00 29.77 ? 123 ARG A CG  1 
ATOM   353  C  CD  . ARG A 1 123 ? -7.426  8.418   10.678  1.00 30.31 ? 123 ARG A CD  1 
ATOM   354  N  NE  . ARG A 1 123 ? -8.231  9.576   11.051  1.00 30.36 ? 123 ARG A NE  1 
ATOM   355  C  CZ  . ARG A 1 123 ? -9.523  9.713   10.773  1.00 30.41 ? 123 ARG A CZ  1 
ATOM   356  N  NH1 . ARG A 1 123 ? -10.173 8.758   10.123  1.00 31.39 ? 123 ARG A NH1 1 
ATOM   357  N  NH2 . ARG A 1 123 ? -10.160 10.817  11.128  1.00 30.05 ? 123 ARG A NH2 1 
ATOM   358  N  N   . VAL A 1 124 ? -4.888  8.157   6.638   1.00 24.95 ? 124 VAL A N   1 
ATOM   359  C  CA  . VAL A 1 124 ? -4.005  7.069   6.248   1.00 25.44 ? 124 VAL A CA  1 
ATOM   360  C  C   . VAL A 1 124 ? -3.227  6.482   7.420   1.00 27.44 ? 124 VAL A C   1 
ATOM   361  O  O   . VAL A 1 124 ? -2.807  7.201   8.333   1.00 26.09 ? 124 VAL A O   1 
ATOM   362  C  CB  . VAL A 1 124 ? -3.008  7.549   5.172   1.00 26.20 ? 124 VAL A CB  1 
ATOM   363  C  CG1 . VAL A 1 124 ? -2.163  6.383   4.671   1.00 26.21 ? 124 VAL A CG1 1 
ATOM   364  C  CG2 . VAL A 1 124 ? -3.768  8.185   4.019   1.00 28.01 ? 124 VAL A CG2 1 
HETATM 365  N  N   . MSE A 1 125 ? -3.051  5.166   7.394   1.00 26.16 ? 125 MSE A N   1 
HETATM 366  C  CA  . MSE A 1 125 ? -2.295  4.485   8.430   1.00 30.31 ? 125 MSE A CA  1 
HETATM 367  C  C   . MSE A 1 125 ? -1.303  3.533   7.787   1.00 28.03 ? 125 MSE A C   1 
HETATM 368  O  O   . MSE A 1 125 ? -1.617  2.858   6.807   1.00 26.88 ? 125 MSE A O   1 
HETATM 369  C  CB  . MSE A 1 125 ? -3.219  3.708   9.371   1.00 34.54 ? 125 MSE A CB  1 
HETATM 370  C  CG  . MSE A 1 125 ? -4.179  4.588   10.145  1.00 42.95 ? 125 MSE A CG  1 
HETATM 371  SE SE  . MSE A 1 125 ? -5.983  4.385   9.500   1.00 59.43 ? 125 MSE A SE  1 
HETATM 372  C  CE  . MSE A 1 125 ? -6.410  2.826   10.546  1.00 51.27 ? 125 MSE A CE  1 
ATOM   373  N  N   . SER A 1 126 ? -0.101  3.495   8.344   1.00 24.38 ? 126 SER A N   1 
ATOM   374  C  CA  . SER A 1 126 ? 0.960   2.628   7.844   1.00 24.69 ? 126 SER A CA  1 
ATOM   375  C  C   . SER A 1 126 ? 2.044   2.638   8.909   1.00 24.22 ? 126 SER A C   1 
ATOM   376  O  O   . SER A 1 126 ? 1.811   3.114   10.021  1.00 24.41 ? 126 SER A O   1 
ATOM   377  C  CB  . SER A 1 126 ? 1.521   3.173   6.527   1.00 21.28 ? 126 SER A CB  1 
ATOM   378  O  OG  . SER A 1 126 ? 2.435   2.254   5.944   1.00 22.23 ? 126 SER A OG  1 
ATOM   379  N  N   . ASN A 1 127 ? 3.220   2.114   8.583   1.00 25.77 ? 127 ASN A N   1 
ATOM   380  C  CA  . ASN A 1 127 ? 4.309   2.121   9.551   1.00 26.34 ? 127 ASN A CA  1 
ATOM   381  C  C   . ASN A 1 127 ? 4.839   3.550   9.651   1.00 27.55 ? 127 ASN A C   1 
ATOM   382  O  O   . ASN A 1 127 ? 4.532   4.396   8.809   1.00 25.43 ? 127 ASN A O   1 
ATOM   383  C  CB  . ASN A 1 127 ? 5.428   1.152   9.140   1.00 26.05 ? 127 ASN A CB  1 
ATOM   384  C  CG  . ASN A 1 127 ? 5.949   1.402   7.737   1.00 26.66 ? 127 ASN A CG  1 
ATOM   385  O  OD1 . ASN A 1 127 ? 6.172   2.541   7.335   1.00 29.88 ? 127 ASN A OD1 1 
ATOM   386  N  ND2 . ASN A 1 127 ? 6.171   0.328   6.994   1.00 27.54 ? 127 ASN A ND2 1 
ATOM   387  N  N   . GLU A 1 128 ? 5.626   3.809   10.687  1.00 28.39 ? 128 GLU A N   1 
ATOM   388  C  CA  . GLU A 1 128 ? 6.192   5.127   10.951  1.00 30.73 ? 128 GLU A CA  1 
ATOM   389  C  C   . GLU A 1 128 ? 6.910   5.762   9.757   1.00 28.40 ? 128 GLU A C   1 
ATOM   390  O  O   . GLU A 1 128 ? 6.675   6.923   9.419   1.00 26.42 ? 128 GLU A O   1 
ATOM   391  C  CB  . GLU A 1 128 ? 7.156   5.015   12.136  1.00 35.99 ? 128 GLU A CB  1 
ATOM   392  C  CG  . GLU A 1 128 ? 7.481   6.327   12.818  1.00 45.09 ? 128 GLU A CG  1 
ATOM   393  C  CD  . GLU A 1 128 ? 8.419   6.137   13.997  1.00 50.35 ? 128 GLU A CD  1 
ATOM   394  O  OE1 . GLU A 1 128 ? 8.468   7.031   14.868  1.00 54.22 ? 128 GLU A OE1 1 
ATOM   395  O  OE2 . GLU A 1 128 ? 9.112   5.095   14.049  1.00 52.73 ? 128 GLU A OE2 1 
ATOM   396  N  N   . LYS A 1 129 ? 7.791   4.992   9.132   1.00 29.15 ? 129 LYS A N   1 
ATOM   397  C  CA  . LYS A 1 129 ? 8.562   5.448   7.981   1.00 30.57 ? 129 LYS A CA  1 
ATOM   398  C  C   . LYS A 1 129 ? 7.667   5.954   6.849   1.00 29.76 ? 129 LYS A C   1 
ATOM   399  O  O   . LYS A 1 129 ? 7.910   7.021   6.278   1.00 28.65 ? 129 LYS A O   1 
ATOM   400  C  CB  . LYS A 1 129 ? 9.426   4.295   7.469   1.00 34.06 ? 129 LYS A CB  1 
ATOM   401  C  CG  . LYS A 1 129 ? 10.198  4.582   6.191   1.00 40.12 ? 129 LYS A CG  1 
ATOM   402  C  CD  . LYS A 1 129 ? 11.471  5.369   6.457   1.00 44.44 ? 129 LYS A CD  1 
ATOM   403  C  CE  . LYS A 1 129 ? 12.385  5.343   5.230   1.00 48.36 ? 129 LYS A CE  1 
ATOM   404  N  NZ  . LYS A 1 129 ? 13.672  6.069   5.438   1.00 50.41 ? 129 LYS A NZ  1 
ATOM   405  N  N   . THR A 1 130 ? 6.632   5.180   6.531   1.00 27.80 ? 130 THR A N   1 
ATOM   406  C  CA  . THR A 1 130 ? 5.704   5.531   5.461   1.00 25.66 ? 130 THR A CA  1 
ATOM   407  C  C   . THR A 1 130 ? 4.914   6.797   5.771   1.00 26.30 ? 130 THR A C   1 
ATOM   408  O  O   . THR A 1 130 ? 4.805   7.692   4.929   1.00 25.44 ? 130 THR A O   1 
ATOM   409  C  CB  . THR A 1 130 ? 4.715   4.386   5.186   1.00 25.83 ? 130 THR A CB  1 
ATOM   410  O  OG1 . THR A 1 130 ? 5.441   3.202   4.840   1.00 25.95 ? 130 THR A OG1 1 
ATOM   411  C  CG2 . THR A 1 130 ? 3.787   4.752   4.037   1.00 24.30 ? 130 THR A CG2 1 
ATOM   412  N  N   . LEU A 1 131 ? 4.355   6.881   6.971   1.00 26.34 ? 131 LEU A N   1 
ATOM   413  C  CA  . LEU A 1 131 ? 3.598   8.073   7.330   1.00 26.56 ? 131 LEU A CA  1 
ATOM   414  C  C   . LEU A 1 131 ? 4.522   9.287   7.279   1.00 27.20 ? 131 LEU A C   1 
ATOM   415  O  O   . LEU A 1 131 ? 4.097   10.388  6.917   1.00 26.37 ? 131 LEU A O   1 
ATOM   416  C  CB  . LEU A 1 131 ? 2.976   7.919   8.721   1.00 29.21 ? 131 LEU A CB  1 
ATOM   417  C  CG  . LEU A 1 131 ? 1.879   6.847   8.814   1.00 30.23 ? 131 LEU A CG  1 
ATOM   418  C  CD1 . LEU A 1 131 ? 1.336   6.776   10.239  1.00 29.75 ? 131 LEU A CD1 1 
ATOM   419  C  CD2 . LEU A 1 131 ? 0.766   7.173   7.831   1.00 29.02 ? 131 LEU A CD2 1 
ATOM   420  N  N   . GLY A 1 132 ? 5.792   9.073   7.622   1.00 26.02 ? 132 GLY A N   1 
ATOM   421  C  CA  . GLY A 1 132 ? 6.763   10.154  7.588   1.00 27.07 ? 132 GLY A CA  1 
ATOM   422  C  C   . GLY A 1 132 ? 7.008   10.635  6.166   1.00 29.50 ? 132 GLY A C   1 
ATOM   423  O  O   . GLY A 1 132 ? 7.186   11.828  5.925   1.00 29.45 ? 132 GLY A O   1 
ATOM   424  N  N   . LEU A 1 133 ? 7.018   9.698   5.222   1.00 29.99 ? 133 LEU A N   1 
ATOM   425  C  CA  . LEU A 1 133 ? 7.225   10.015  3.811   1.00 30.20 ? 133 LEU A CA  1 
ATOM   426  C  C   . LEU A 1 133 ? 6.046   10.822  3.289   1.00 29.64 ? 133 LEU A C   1 
ATOM   427  O  O   . LEU A 1 133 ? 6.215   11.868  2.667   1.00 31.36 ? 133 LEU A O   1 
ATOM   428  C  CB  . LEU A 1 133 ? 7.338   8.726   2.995   1.00 32.37 ? 133 LEU A CB  1 
ATOM   429  C  CG  . LEU A 1 133 ? 8.707   8.382   2.423   1.00 34.90 ? 133 LEU A CG  1 
ATOM   430  C  CD1 . LEU A 1 133 ? 8.670   6.979   1.828   1.00 36.29 ? 133 LEU A CD1 1 
ATOM   431  C  CD2 . LEU A 1 133 ? 9.090   9.419   1.371   1.00 34.40 ? 133 LEU A CD2 1 
ATOM   432  N  N   . ILE A 1 134 ? 4.848   10.310  3.537   1.00 26.39 ? 134 ILE A N   1 
ATOM   433  C  CA  . ILE A 1 134 ? 3.623   10.967  3.115   1.00 25.59 ? 134 ILE A CA  1 
ATOM   434  C  C   . ILE A 1 134 ? 3.586   12.402  3.633   1.00 27.52 ? 134 ILE A C   1 
ATOM   435  O  O   . ILE A 1 134 ? 3.220   13.322  2.904   1.00 28.15 ? 134 ILE A O   1 
ATOM   436  C  CB  . ILE A 1 134 ? 2.397   10.190  3.642   1.00 23.88 ? 134 ILE A CB  1 
ATOM   437  C  CG1 . ILE A 1 134 ? 2.385   8.790   3.014   1.00 23.83 ? 134 ILE A CG1 1 
ATOM   438  C  CG2 . ILE A 1 134 ? 1.106   10.958  3.340   1.00 23.48 ? 134 ILE A CG2 1 
ATOM   439  C  CD1 . ILE A 1 134 ? 1.328   7.853   3.575   1.00 24.22 ? 134 ILE A CD1 1 
ATOM   440  N  N   . ALA A 1 135 ? 3.972   12.587  4.891   1.00 28.44 ? 135 ALA A N   1 
ATOM   441  C  CA  . ALA A 1 135 ? 3.987   13.910  5.507   1.00 29.03 ? 135 ALA A CA  1 
ATOM   442  C  C   . ALA A 1 135 ? 5.017   14.807  4.832   1.00 30.74 ? 135 ALA A C   1 
ATOM   443  O  O   . ALA A 1 135 ? 4.750   15.976  4.548   1.00 29.00 ? 135 ALA A O   1 
ATOM   444  C  CB  . ALA A 1 135 ? 4.309   13.788  6.995   1.00 29.09 ? 135 ALA A CB  1 
ATOM   445  N  N   . SER A 1 136 ? 6.194   14.243  4.570   1.00 33.01 ? 136 SER A N   1 
ATOM   446  C  CA  . SER A 1 136 ? 7.286   14.978  3.940   1.00 34.22 ? 136 SER A CA  1 
ATOM   447  C  C   . SER A 1 136 ? 7.027   15.354  2.483   1.00 34.18 ? 136 SER A C   1 
ATOM   448  O  O   . SER A 1 136 ? 7.460   16.418  2.034   1.00 34.35 ? 136 SER A O   1 
ATOM   449  C  CB  . SER A 1 136 ? 8.578   14.163  4.011   1.00 35.05 ? 136 SER A CB  1 
ATOM   450  O  OG  . SER A 1 136 ? 8.911   13.847  5.351   1.00 41.10 ? 136 SER A OG  1 
ATOM   451  N  N   . ARG A 1 137 ? 6.324   14.498  1.747   1.00 32.00 ? 137 ARG A N   1 
ATOM   452  C  CA  . ARG A 1 137 ? 6.063   14.772  0.337   1.00 31.31 ? 137 ARG A CA  1 
ATOM   453  C  C   . ARG A 1 137 ? 4.607   15.006  -0.034  1.00 30.41 ? 137 ARG A C   1 
ATOM   454  O  O   . ARG A 1 137 ? 4.186   14.670  -1.145  1.00 28.94 ? 137 ARG A O   1 
ATOM   455  C  CB  . ARG A 1 137 ? 6.601   13.631  -0.520  1.00 33.19 ? 137 ARG A CB  1 
ATOM   456  C  CG  . ARG A 1 137 ? 8.043   13.276  -0.263  1.00 34.87 ? 137 ARG A CG  1 
ATOM   457  C  CD  . ARG A 1 137 ? 8.588   12.548  -1.464  1.00 36.39 ? 137 ARG A CD  1 
ATOM   458  N  NE  . ARG A 1 137 ? 9.801   11.810  -1.160  1.00 39.08 ? 137 ARG A NE  1 
ATOM   459  C  CZ  . ARG A 1 137 ? 10.518  11.169  -2.072  1.00 38.27 ? 137 ARG A CZ  1 
ATOM   460  N  NH1 . ARG A 1 137 ? 10.139  11.187  -3.343  1.00 36.51 ? 137 ARG A NH1 1 
ATOM   461  N  NH2 . ARG A 1 137 ? 11.599  10.494  -1.709  1.00 38.05 ? 137 ARG A NH2 1 
ATOM   462  N  N   . ILE A 1 138 ? 3.842   15.590  0.878   1.00 29.42 ? 138 ILE A N   1 
ATOM   463  C  CA  . ILE A 1 138 ? 2.435   15.840  0.618   1.00 30.98 ? 138 ILE A CA  1 
ATOM   464  C  C   . ILE A 1 138 ? 2.209   16.681  -0.646  1.00 33.34 ? 138 ILE A C   1 
ATOM   465  O  O   . ILE A 1 138 ? 1.219   16.488  -1.352  1.00 32.93 ? 138 ILE A O   1 
ATOM   466  C  CB  . ILE A 1 138 ? 1.761   16.526  1.831   1.00 30.69 ? 138 ILE A CB  1 
ATOM   467  C  CG1 . ILE A 1 138 ? 0.253   16.633  1.592   1.00 30.84 ? 138 ILE A CG1 1 
ATOM   468  C  CG2 . ILE A 1 138 ? 2.380   17.902  2.076   1.00 27.90 ? 138 ILE A CG2 1 
ATOM   469  C  CD1 . ILE A 1 138 ? -0.447  15.293  1.470   1.00 30.24 ? 138 ILE A CD1 1 
ATOM   470  N  N   . GLU A 1 139 ? 3.118   17.610  -0.935  1.00 36.27 ? 139 GLU A N   1 
ATOM   471  C  CA  . GLU A 1 139 ? 2.976   18.441  -2.128  1.00 37.43 ? 139 GLU A CA  1 
ATOM   472  C  C   . GLU A 1 139 ? 3.030   17.545  -3.366  1.00 37.55 ? 139 GLU A C   1 
ATOM   473  O  O   . GLU A 1 139 ? 2.177   17.632  -4.250  1.00 35.72 ? 139 GLU A O   1 
ATOM   474  C  CB  . GLU A 1 139 ? 4.098   19.482  -2.209  1.00 41.33 ? 139 GLU A CB  1 
ATOM   475  C  CG  . GLU A 1 139 ? 4.121   20.516  -1.084  1.00 47.98 ? 139 GLU A CG  1 
ATOM   476  C  CD  . GLU A 1 139 ? 2.832   21.310  -0.967  1.00 52.12 ? 139 GLU A CD  1 
ATOM   477  O  OE1 . GLU A 1 139 ? 2.295   21.748  -2.008  1.00 55.08 ? 139 GLU A OE1 1 
ATOM   478  O  OE2 . GLU A 1 139 ? 2.361   21.510  0.176   1.00 55.31 ? 139 GLU A OE2 1 
ATOM   479  N  N   . GLU A 1 140 ? 4.037   16.679  -3.414  1.00 37.43 ? 140 GLU A N   1 
ATOM   480  C  CA  . GLU A 1 140 ? 4.204   15.761  -4.531  1.00 39.16 ? 140 GLU A CA  1 
ATOM   481  C  C   . GLU A 1 140 ? 2.960   14.883  -4.668  1.00 38.78 ? 140 GLU A C   1 
ATOM   482  O  O   . GLU A 1 140 ? 2.502   14.609  -5.777  1.00 38.48 ? 140 GLU A O   1 
ATOM   483  C  CB  . GLU A 1 140 ? 5.442   14.887  -4.309  1.00 41.45 ? 140 GLU A CB  1 
ATOM   484  C  CG  . GLU A 1 140 ? 5.880   14.081  -5.525  1.00 45.86 ? 140 GLU A CG  1 
ATOM   485  C  CD  . GLU A 1 140 ? 7.157   13.291  -5.271  1.00 48.49 ? 140 GLU A CD  1 
ATOM   486  O  OE1 . GLU A 1 140 ? 8.151   13.892  -4.807  1.00 49.96 ? 140 GLU A OE1 1 
ATOM   487  O  OE2 . GLU A 1 140 ? 7.169   12.070  -5.538  1.00 50.47 ? 140 GLU A OE2 1 
ATOM   488  N  N   . ILE A 1 141 ? 2.412   14.449  -3.534  1.00 37.89 ? 141 ILE A N   1 
ATOM   489  C  CA  . ILE A 1 141 ? 1.221   13.605  -3.543  1.00 36.32 ? 141 ILE A CA  1 
ATOM   490  C  C   . ILE A 1 141 ? 0.011   14.336  -4.105  1.00 36.36 ? 141 ILE A C   1 
ATOM   491  O  O   . ILE A 1 141 ? -0.730  13.786  -4.920  1.00 35.96 ? 141 ILE A O   1 
ATOM   492  C  CB  . ILE A 1 141 ? 0.877   13.095  -2.124  1.00 35.25 ? 141 ILE A CB  1 
ATOM   493  C  CG1 . ILE A 1 141 ? 1.946   12.104  -1.656  1.00 34.29 ? 141 ILE A CG1 1 
ATOM   494  C  CG2 . ILE A 1 141 ? -0.495  12.429  -2.122  1.00 35.19 ? 141 ILE A CG2 1 
ATOM   495  C  CD1 . ILE A 1 141 ? 1.695   11.534  -0.276  1.00 33.72 ? 141 ILE A CD1 1 
ATOM   496  N  N   . LYS A 1 142 ? -0.195  15.575  -3.670  1.00 37.58 ? 142 LYS A N   1 
ATOM   497  C  CA  . LYS A 1 142 ? -1.342  16.350  -4.144  1.00 40.64 ? 142 LYS A CA  1 
ATOM   498  C  C   . LYS A 1 142 ? -1.227  16.684  -5.635  1.00 40.88 ? 142 LYS A C   1 
ATOM   499  O  O   . LYS A 1 142 ? -2.205  16.738  -6.372  1.00 41.16 ? 142 LYS A O   1 
ATOM   500  C  CB  . LYS A 1 142 ? -1.417  17.649  -3.341  1.00 41.02 ? 142 LYS A CB  1 
ATOM   501  C  CG  . LYS A 1 142 ? -1.761  17.425  -1.866  1.00 44.91 ? 142 LYS A CG  1 
ATOM   502  C  CD  . LYS A 1 142 ? -1.923  18.750  -1.112  1.00 46.88 ? 142 LYS A CD  1 
ATOM   503  C  CE  . LYS A 1 142 ? -2.986  18.675  -0.013  1.00 48.98 ? 142 LYS A CE  1 
ATOM   504  N  NZ  . LYS A 1 142 ? -4.209  19.332  -0.466  1.00 49.24 ? 142 LYS A NZ  1 
ATOM   505  N  N   . SER A 1 143 ? -0.009  16.906  -6.117  1.00 42.67 ? 143 SER A N   1 
ATOM   506  C  CA  . SER A 1 143 ? 0.184   17.225  -7.529  1.00 44.23 ? 143 SER A CA  1 
ATOM   507  C  C   . SER A 1 143 ? -0.186  16.045  -8.446  1.00 45.11 ? 143 SER A C   1 
ATOM   508  O  O   . SER A 1 143 ? -0.823  16.196  -9.480  1.00 44.73 ? 143 SER A O   1 
ATOM   509  C  CB  . SER A 1 143 ? 1.661   17.581  -7.725  1.00 43.74 ? 143 SER A CB  1 
ATOM   510  O  OG  . SER A 1 143 ? 1.966   18.768  -6.988  1.00 47.65 ? 143 SER A OG  1 
ATOM   511  N  N   . GLU A 1 144 ? 0.265   14.844  -8.034  1.00 45.60 ? 144 GLU A N   1 
ATOM   512  C  CA  . GLU A 1 144 ? 0.068   13.680  -8.887  1.00 47.58 ? 144 GLU A CA  1 
ATOM   513  C  C   . GLU A 1 144 ? -1.309  13.035  -8.694  1.00 47.75 ? 144 GLU A C   1 
ATOM   514  O  O   . GLU A 1 144 ? -1.776  12.255  -9.515  1.00 48.12 ? 144 GLU A O   1 
ATOM   515  C  CB  . GLU A 1 144 ? 1.182   12.663  -8.592  1.00 49.20 ? 144 GLU A CB  1 
ATOM   516  C  CG  . GLU A 1 144 ? 2.546   13.106  -9.132  1.00 52.86 ? 144 GLU A CG  1 
ATOM   517  C  CD  . GLU A 1 144 ? 3.593   12.043  -8.856  1.00 55.57 ? 144 GLU A CD  1 
ATOM   518  O  OE1 . GLU A 1 144 ? 3.367   10.888  -9.201  1.00 56.55 ? 144 GLU A OE1 1 
ATOM   519  O  OE2 . GLU A 1 144 ? 4.653   12.392  -8.328  1.00 56.79 ? 144 GLU A OE2 1 
ATOM   520  N  N   . LEU A 1 145 ? -1.952  13.377  -7.556  1.00 49.09 ? 145 LEU A N   1 
ATOM   521  C  CA  . LEU A 1 145 ? -3.171  12.670  -7.152  1.00 50.87 ? 145 LEU A CA  1 
ATOM   522  C  C   . LEU A 1 145 ? -4.442  13.517  -7.333  1.00 51.46 ? 145 LEU A C   1 
ATOM   523  O  O   . LEU A 1 145 ? -5.566  13.042  -7.235  1.00 52.35 ? 145 LEU A O   1 
ATOM   524  C  CB  . LEU A 1 145 ? -3.012  12.318  -5.666  1.00 51.56 ? 145 LEU A CB  1 
ATOM   525  C  CG  . LEU A 1 145 ? -3.126  10.818  -5.387  1.00 52.03 ? 145 LEU A CG  1 
ATOM   526  C  CD1 . LEU A 1 145 ? -1.876  10.046  -5.812  1.00 54.08 ? 145 LEU A CD1 1 
ATOM   527  C  CD2 . LEU A 1 145 ? -3.334  10.513  -3.902  1.00 53.63 ? 145 LEU A CD2 1 
ATOM   528  N  N   . GLY A 1 146 ? -4.237  14.829  -7.550  1.00 52.06 ? 146 GLY A N   1 
ATOM   529  C  CA  . GLY A 1 146 ? -5.389  15.721  -7.651  1.00 52.97 ? 146 GLY A CA  1 
ATOM   530  C  C   . GLY A 1 146 ? -5.669  16.449  -6.328  1.00 53.74 ? 146 GLY A C   1 
ATOM   531  O  O   . GLY A 1 146 ? -4.785  16.691  -5.516  1.00 52.53 ? 146 GLY A O   1 
ATOM   532  N  N   . ASP A 1 147 ? -6.938  16.818  -6.188  1.00 55.09 ? 147 ASP A N   1 
ATOM   533  C  CA  . ASP A 1 147 ? -7.411  17.564  -5.036  1.00 55.86 ? 147 ASP A CA  1 
ATOM   534  C  C   . ASP A 1 147 ? -7.934  16.651  -3.944  1.00 55.22 ? 147 ASP A C   1 
ATOM   535  O  O   . ASP A 1 147 ? -9.131  16.375  -3.862  1.00 56.65 ? 147 ASP A O   1 
ATOM   536  C  CB  . ASP A 1 147 ? -8.515  18.534  -5.456  1.00 58.24 ? 147 ASP A CB  1 
ATOM   537  C  CG  . ASP A 1 147 ? -9.150  19.236  -4.272  1.00 59.96 ? 147 ASP A CG  1 
ATOM   538  O  OD1 . ASP A 1 147 ? -8.404  19.842  -3.472  1.00 61.68 ? 147 ASP A OD1 1 
ATOM   539  O  OD2 . ASP A 1 147 ? -10.394 19.181  -4.143  1.00 60.63 ? 147 ASP A OD2 1 
ATOM   540  N  N   . VAL A 1 148 ? -7.027  16.178  -3.102  1.00 52.99 ? 148 VAL A N   1 
ATOM   541  C  CA  . VAL A 1 148 ? -7.414  15.302  -1.976  1.00 49.78 ? 148 VAL A CA  1 
ATOM   542  C  C   . VAL A 1 148 ? -6.728  15.813  -0.746  1.00 46.48 ? 148 VAL A C   1 
ATOM   543  O  O   . VAL A 1 148 ? -5.682  16.437  -0.800  1.00 45.27 ? 148 VAL A O   1 
ATOM   544  C  CB  . VAL A 1 148 ? -7.061  13.789  -2.179  1.00 49.96 ? 148 VAL A CB  1 
ATOM   545  C  CG1 . VAL A 1 148 ? -7.876  13.117  -3.301  1.00 50.84 ? 148 VAL A CG1 1 
ATOM   546  C  CG2 . VAL A 1 148 ? -5.562  13.535  -2.351  1.00 49.80 ? 148 VAL A CG2 1 
ATOM   547  N  N   . SER A 1 149 ? -7.346  15.550  0.400   1.00 43.61 ? 149 SER A N   1 
ATOM   548  C  CA  . SER A 1 149 ? -6.798  15.967  1.683   1.00 41.71 ? 149 SER A CA  1 
ATOM   549  C  C   . SER A 1 149 ? -6.472  14.732  2.508   1.00 38.66 ? 149 SER A C   1 
ATOM   550  O  O   . SER A 1 149 ? -7.333  13.883  2.728   1.00 39.73 ? 149 SER A O   1 
ATOM   551  C  CB  . SER A 1 149 ? -7.805  16.836  2.438   1.00 41.87 ? 149 SER A CB  1 
ATOM   552  O  OG  . SER A 1 149 ? -8.134  17.993  1.691   1.00 45.54 ? 149 SER A OG  1 
ATOM   553  N  N   . ILE A 1 150 ? -5.229  14.639  2.962   1.00 34.82 ? 150 ILE A N   1 
ATOM   554  C  CA  . ILE A 1 150 ? -4.795  13.503  3.761   1.00 32.12 ? 150 ILE A CA  1 
ATOM   555  C  C   . ILE A 1 150 ? -4.430  13.881  5.193   1.00 30.79 ? 150 ILE A C   1 
ATOM   556  O  O   . ILE A 1 150 ? -3.740  14.872  5.437   1.00 27.46 ? 150 ILE A O   1 
ATOM   557  C  CB  . ILE A 1 150 ? -3.568  12.808  3.130   1.00 31.61 ? 150 ILE A CB  1 
ATOM   558  C  CG1 . ILE A 1 150 ? -3.969  12.108  1.830   1.00 32.36 ? 150 ILE A CG1 1 
ATOM   559  C  CG2 . ILE A 1 150 ? -2.970  11.806  4.111   1.00 32.53 ? 150 ILE A CG2 1 
ATOM   560  C  CD1 . ILE A 1 150 ? -2.810  11.452  1.104   1.00 30.18 ? 150 ILE A CD1 1 
ATOM   561  N  N   . GLU A 1 151 ? -4.907  13.078  6.135   1.00 29.81 ? 151 GLU A N   1 
ATOM   562  C  CA  . GLU A 1 151 ? -4.600  13.275  7.540   1.00 31.85 ? 151 GLU A CA  1 
ATOM   563  C  C   . GLU A 1 151 ? -3.941  11.987  8.018   1.00 30.74 ? 151 GLU A C   1 
ATOM   564  O  O   . GLU A 1 151 ? -4.442  10.895  7.755   1.00 31.07 ? 151 GLU A O   1 
ATOM   565  C  CB  . GLU A 1 151 ? -5.876  13.550  8.344   1.00 34.62 ? 151 GLU A CB  1 
ATOM   566  C  CG  . GLU A 1 151 ? -5.670  13.572  9.858   1.00 38.48 ? 151 GLU A CG  1 
ATOM   567  C  CD  . GLU A 1 151 ? -6.959  13.829  10.624  1.00 43.50 ? 151 GLU A CD  1 
ATOM   568  O  OE1 . GLU A 1 151 ? -8.023  13.342  10.178  1.00 43.57 ? 151 GLU A OE1 1 
ATOM   569  O  OE2 . GLU A 1 151 ? -6.911  14.503  11.679  1.00 46.44 ? 151 GLU A OE2 1 
ATOM   570  N  N   . LEU A 1 152 ? -2.805  12.108  8.692   1.00 28.02 ? 152 LEU A N   1 
ATOM   571  C  CA  . LEU A 1 152 ? -2.116  10.930  9.190   1.00 27.91 ? 152 LEU A CA  1 
ATOM   572  C  C   . LEU A 1 152 ? -2.927  10.307  10.317  1.00 27.57 ? 152 LEU A C   1 
ATOM   573  O  O   . LEU A 1 152 ? -3.538  11.016  11.116  1.00 27.87 ? 152 LEU A O   1 
ATOM   574  C  CB  . LEU A 1 152 ? -0.718  11.296  9.697   1.00 28.05 ? 152 LEU A CB  1 
ATOM   575  C  CG  . LEU A 1 152 ? 0.240   11.949  8.699   1.00 29.69 ? 152 LEU A CG  1 
ATOM   576  C  CD1 . LEU A 1 152 ? 1.598   12.134  9.357   1.00 30.98 ? 152 LEU A CD1 1 
ATOM   577  C  CD2 . LEU A 1 152 ? 0.369   11.083  7.444   1.00 30.15 ? 152 LEU A CD2 1 
ATOM   578  N  N   . GLY A 1 153 ? -2.945  8.979   10.353  1.00 27.77 ? 153 GLY A N   1 
ATOM   579  C  CA  . GLY A 1 153 ? -3.663  8.257   11.383  1.00 29.14 ? 153 GLY A CA  1 
ATOM   580  C  C   . GLY A 1 153 ? -2.644  7.533   12.238  1.00 31.40 ? 153 GLY A C   1 
ATOM   581  O  O   . GLY A 1 153 ? -1.455  7.844   12.178  1.00 31.24 ? 153 GLY A O   1 
ATOM   582  N  N   . GLU A 1 154 ? -3.088  6.558   13.020  1.00 34.44 ? 154 GLU A N   1 
ATOM   583  C  CA  . GLU A 1 154 ? -2.177  5.826   13.887  1.00 36.00 ? 154 GLU A CA  1 
ATOM   584  C  C   . GLU A 1 154 ? -1.221  4.926   13.096  1.00 36.51 ? 154 GLU A C   1 
ATOM   585  O  O   . GLU A 1 154 ? -1.507  4.483   11.992  1.00 35.77 ? 154 GLU A O   1 
ATOM   586  C  CB  . GLU A 1 154 ? -3.017  5.005   14.874  1.00 42.03 ? 154 GLU A CB  1 
ATOM   587  C  CG  . GLU A 1 154 ? -3.702  3.800   14.226  1.00 49.06 ? 154 GLU A CG  1 
ATOM   588  C  CD  . GLU A 1 154 ? -4.452  3.012   15.286  1.00 53.75 ? 154 GLU A CD  1 
ATOM   589  O  OE1 . GLU A 1 154 ? -3.943  1.998   15.739  1.00 55.72 ? 154 GLU A OE1 1 
ATOM   590  O  OE2 . GLU A 1 154 ? -5.541  3.435   15.661  1.00 55.92 ? 154 GLU A OE2 1 
ATOM   591  N  N   . THR A 1 155 ? -0.051  4.667   13.673  1.00 35.74 ? 155 THR A N   1 
ATOM   592  C  CA  . THR A 1 155 ? 0.932   3.820   13.027  1.00 37.89 ? 155 THR A CA  1 
ATOM   593  C  C   . THR A 1 155 ? 0.507   2.385   13.261  1.00 37.41 ? 155 THR A C   1 
ATOM   594  O  O   . THR A 1 155 ? -0.007  2.047   14.326  1.00 37.64 ? 155 THR A O   1 
ATOM   595  C  CB  . THR A 1 155 ? 2.344   4.007   13.621  1.00 39.98 ? 155 THR A CB  1 
ATOM   596  O  OG1 . THR A 1 155 ? 2.332   3.623   15.003  1.00 44.79 ? 155 THR A OG1 1 
ATOM   597  C  CG2 . THR A 1 155 ? 2.790   5.458   13.505  1.00 38.22 ? 155 THR A CG2 1 
ATOM   598  N  N   . VAL A 1 156 ? 0.702   1.545   12.255  1.00 36.23 ? 156 VAL A N   1 
ATOM   599  C  CA  . VAL A 1 156 ? 0.341   0.150   12.380  1.00 34.62 ? 156 VAL A CA  1 
ATOM   600  C  C   . VAL A 1 156 ? 1.554   -0.684  12.016  1.00 35.27 ? 156 VAL A C   1 
ATOM   601  O  O   . VAL A 1 156 ? 2.437   -0.228  11.286  1.00 34.50 ? 156 VAL A O   1 
ATOM   602  C  CB  . VAL A 1 156 ? -0.850  -0.215  11.458  1.00 34.13 ? 156 VAL A CB  1 
ATOM   603  C  CG1 . VAL A 1 156 ? -2.041  0.660   11.795  1.00 32.54 ? 156 VAL A CG1 1 
ATOM   604  C  CG2 . VAL A 1 156 ? -0.465  -0.053  9.995   1.00 32.06 ? 156 VAL A CG2 1 
ATOM   605  N  N   . ASP A 1 157 ? 1.614   -1.897  12.542  1.00 36.28 ? 157 ASP A N   1 
ATOM   606  C  CA  . ASP A 1 157 ? 2.735   -2.766  12.240  1.00 37.15 ? 157 ASP A CA  1 
ATOM   607  C  C   . ASP A 1 157 ? 2.524   -3.387  10.872  1.00 35.30 ? 157 ASP A C   1 
ATOM   608  O  O   . ASP A 1 157 ? 1.684   -4.265  10.696  1.00 35.74 ? 157 ASP A O   1 
ATOM   609  C  CB  . ASP A 1 157 ? 2.873   -3.864  13.299  1.00 40.67 ? 157 ASP A CB  1 
ATOM   610  C  CG  . ASP A 1 157 ? 3.954   -4.874  12.950  1.00 45.22 ? 157 ASP A CG  1 
ATOM   611  O  OD1 . ASP A 1 157 ? 5.097   -4.457  12.653  1.00 48.55 ? 157 ASP A OD1 1 
ATOM   612  O  OD2 . ASP A 1 157 ? 3.663   -6.089  12.975  1.00 48.34 ? 157 ASP A OD2 1 
ATOM   613  N  N   . THR A 1 158 ? 3.282   -2.908  9.896   1.00 33.33 ? 158 THR A N   1 
ATOM   614  C  CA  . THR A 1 158 ? 3.182   -3.427  8.546   1.00 29.97 ? 158 THR A CA  1 
ATOM   615  C  C   . THR A 1 158 ? 4.513   -3.286  7.841   1.00 29.30 ? 158 THR A C   1 
ATOM   616  O  O   . THR A 1 158 ? 5.342   -2.466  8.216   1.00 30.07 ? 158 THR A O   1 
ATOM   617  C  CB  . THR A 1 158 ? 2.102   -2.686  7.720   1.00 29.21 ? 158 THR A CB  1 
ATOM   618  O  OG1 . THR A 1 158 ? 2.083   -3.209  6.386   1.00 28.73 ? 158 THR A OG1 1 
ATOM   619  C  CG2 . THR A 1 158 ? 2.399   -1.203  7.656   1.00 25.92 ? 158 THR A CG2 1 
HETATM 620  N  N   . MSE A 1 159 ? 4.696   -4.096  6.810   1.00 30.90 ? 159 MSE A N   1 
HETATM 621  C  CA  . MSE A 1 159 ? 5.907   -4.113  5.997   1.00 31.43 ? 159 MSE A CA  1 
HETATM 622  C  C   . MSE A 1 159 ? 5.922   -2.907  5.060   1.00 29.03 ? 159 MSE A C   1 
HETATM 623  O  O   . MSE A 1 159 ? 6.977   -2.441  4.630   1.00 29.90 ? 159 MSE A O   1 
HETATM 624  C  CB  . MSE A 1 159 ? 5.913   -5.405  5.187   1.00 34.73 ? 159 MSE A CB  1 
HETATM 625  C  CG  . MSE A 1 159 ? 7.157   -5.694  4.398   1.00 38.22 ? 159 MSE A CG  1 
HETATM 626  SE SE  . MSE A 1 159 ? 6.891   -7.387  3.502   1.00 47.17 ? 159 MSE A SE  1 
HETATM 627  C  CE  . MSE A 1 159 ? 6.360   -8.420  5.042   1.00 25.72 ? 159 MSE A CE  1 
ATOM   628  N  N   . GLY A 1 160 ? 4.737   -2.404  4.746   1.00 26.61 ? 160 GLY A N   1 
ATOM   629  C  CA  . GLY A 1 160 ? 4.638   -1.267  3.855   1.00 24.21 ? 160 GLY A CA  1 
ATOM   630  C  C   . GLY A 1 160 ? 3.245   -1.193  3.271   1.00 23.63 ? 160 GLY A C   1 
ATOM   631  O  O   . GLY A 1 160 ? 2.392   -2.031  3.571   1.00 23.04 ? 160 GLY A O   1 
ATOM   632  N  N   . GLY A 1 161 ? 3.016   -0.198  2.426   1.00 21.81 ? 161 GLY A N   1 
ATOM   633  C  CA  . GLY A 1 161 ? 1.703   -0.028  1.843   1.00 22.91 ? 161 GLY A CA  1 
ATOM   634  C  C   . GLY A 1 161 ? 0.906   0.912   2.723   1.00 22.69 ? 161 GLY A C   1 
ATOM   635  O  O   . GLY A 1 161 ? 1.458   1.543   3.630   1.00 22.29 ? 161 GLY A O   1 
ATOM   636  N  N   . VAL A 1 162 ? -0.392  1.011   2.477   1.00 21.78 ? 162 VAL A N   1 
ATOM   637  C  CA  . VAL A 1 162 ? -1.221  1.908   3.270   1.00 21.26 ? 162 VAL A CA  1 
ATOM   638  C  C   . VAL A 1 162 ? -2.640  1.422   3.497   1.00 21.12 ? 162 VAL A C   1 
ATOM   639  O  O   . VAL A 1 162 ? -3.192  0.651   2.714   1.00 20.93 ? 162 VAL A O   1 
ATOM   640  C  CB  . VAL A 1 162 ? -1.345  3.289   2.600   1.00 23.38 ? 162 VAL A CB  1 
ATOM   641  C  CG1 . VAL A 1 162 ? -0.003  4.001   2.582   1.00 22.16 ? 162 VAL A CG1 1 
ATOM   642  C  CG2 . VAL A 1 162 ? -1.881  3.112   1.172   1.00 22.06 ? 162 VAL A CG2 1 
ATOM   643  N  N   . ILE A 1 163 ? -3.218  1.893   4.591   1.00 19.97 ? 163 ILE A N   1 
ATOM   644  C  CA  . ILE A 1 163 ? -4.598  1.608   4.924   1.00 20.69 ? 163 ILE A CA  1 
ATOM   645  C  C   . ILE A 1 163 ? -5.214  2.992   4.796   1.00 20.94 ? 163 ILE A C   1 
ATOM   646  O  O   . ILE A 1 163 ? -4.731  3.939   5.402   1.00 20.67 ? 163 ILE A O   1 
ATOM   647  C  CB  . ILE A 1 163 ? -4.747  1.116   6.365   1.00 23.14 ? 163 ILE A CB  1 
ATOM   648  C  CG1 . ILE A 1 163 ? -4.013  -0.219  6.528   1.00 22.63 ? 163 ILE A CG1 1 
ATOM   649  C  CG2 . ILE A 1 163 ? -6.226  0.981   6.707   1.00 22.55 ? 163 ILE A CG2 1 
ATOM   650  C  CD1 . ILE A 1 163 ? -4.054  -0.783  7.940   1.00 28.73 ? 163 ILE A CD1 1 
ATOM   651  N  N   . VAL A 1 164 ? -6.254  3.116   3.983   1.00 21.05 ? 164 VAL A N   1 
ATOM   652  C  CA  . VAL A 1 164 ? -6.904  4.407   3.771   1.00 21.25 ? 164 VAL A CA  1 
ATOM   653  C  C   . VAL A 1 164 ? -8.387  4.305   4.118   1.00 22.46 ? 164 VAL A C   1 
ATOM   654  O  O   . VAL A 1 164 ? -9.063  3.369   3.693   1.00 21.27 ? 164 VAL A O   1 
ATOM   655  C  CB  . VAL A 1 164 ? -6.768  4.845   2.286   1.00 22.44 ? 164 VAL A CB  1 
ATOM   656  C  CG1 . VAL A 1 164 ? -7.286  6.256   2.099   1.00 22.92 ? 164 VAL A CG1 1 
ATOM   657  C  CG2 . VAL A 1 164 ? -5.309  4.746   1.844   1.00 21.02 ? 164 VAL A CG2 1 
ATOM   658  N  N   . GLU A 1 165 ? -8.895  5.263   4.890   1.00 21.76 ? 165 GLU A N   1 
ATOM   659  C  CA  . GLU A 1 165 ? -10.305 5.252   5.261   1.00 24.98 ? 165 GLU A CA  1 
ATOM   660  C  C   . GLU A 1 165 ? -10.896 6.651   5.157   1.00 26.53 ? 165 GLU A C   1 
ATOM   661  O  O   . GLU A 1 165 ? -10.168 7.649   5.165   1.00 25.73 ? 165 GLU A O   1 
ATOM   662  C  CB  . GLU A 1 165 ? -10.484 4.736   6.693   1.00 25.89 ? 165 GLU A CB  1 
ATOM   663  C  CG  . GLU A 1 165 ? -10.006 5.704   7.752   1.00 28.83 ? 165 GLU A CG  1 
ATOM   664  C  CD  . GLU A 1 165 ? -10.152 5.164   9.165   1.00 32.83 ? 165 GLU A CD  1 
ATOM   665  O  OE1 . GLU A 1 165 ? -9.839  5.922   10.108  1.00 32.94 ? 165 GLU A OE1 1 
ATOM   666  O  OE2 . GLU A 1 165 ? -10.570 3.995   9.337   1.00 29.38 ? 165 GLU A OE2 1 
ATOM   667  N  N   . THR A 1 166 ? -12.216 6.719   5.047   1.00 26.41 ? 166 THR A N   1 
ATOM   668  C  CA  . THR A 1 166 ? -12.899 8.000   4.963   1.00 27.43 ? 166 THR A CA  1 
ATOM   669  C  C   . THR A 1 166 ? -12.653 8.696   6.293   1.00 28.23 ? 166 THR A C   1 
ATOM   670  O  O   . THR A 1 166 ? -12.441 8.033   7.314   1.00 25.73 ? 166 THR A O   1 
ATOM   671  C  CB  . THR A 1 166 ? -14.415 7.811   4.748   1.00 26.14 ? 166 THR A CB  1 
ATOM   672  O  OG1 . THR A 1 166 ? -14.931 6.921   5.743   1.00 25.47 ? 166 THR A OG1 1 
ATOM   673  C  CG2 . THR A 1 166 ? -14.685 7.212   3.373   1.00 26.46 ? 166 THR A CG2 1 
ATOM   674  N  N   . GLU A 1 167 ? -12.679 10.025  6.290   1.00 28.55 ? 167 GLU A N   1 
ATOM   675  C  CA  . GLU A 1 167 ? -12.430 10.768  7.516   1.00 31.78 ? 167 GLU A CA  1 
ATOM   676  C  C   . GLU A 1 167 ? -13.291 10.328  8.696   1.00 30.04 ? 167 GLU A C   1 
ATOM   677  O  O   . GLU A 1 167 ? -12.848 10.382  9.845   1.00 28.62 ? 167 GLU A O   1 
ATOM   678  C  CB  . GLU A 1 167 ? -12.611 12.271  7.279   1.00 36.75 ? 167 GLU A CB  1 
ATOM   679  C  CG  . GLU A 1 167 ? -12.587 13.089  8.565   1.00 41.08 ? 167 GLU A CG  1 
ATOM   680  C  CD  . GLU A 1 167 ? -12.567 14.583  8.315   1.00 45.66 ? 167 GLU A CD  1 
ATOM   681  O  OE1 . GLU A 1 167 ? -13.426 15.068  7.542   1.00 46.85 ? 167 GLU A OE1 1 
ATOM   682  O  OE2 . GLU A 1 167 ? -11.697 15.269  8.900   1.00 46.45 ? 167 GLU A OE2 1 
ATOM   683  N  N   . ASP A 1 168 ? -14.516 9.890   8.423   1.00 29.27 ? 168 ASP A N   1 
ATOM   684  C  CA  . ASP A 1 168 ? -15.403 9.454   9.499   1.00 29.43 ? 168 ASP A CA  1 
ATOM   685  C  C   . ASP A 1 168 ? -15.165 7.995   9.891   1.00 28.34 ? 168 ASP A C   1 
ATOM   686  O  O   . ASP A 1 168 ? -15.836 7.471   10.778  1.00 30.95 ? 168 ASP A O   1 
ATOM   687  C  CB  . ASP A 1 168 ? -16.872 9.650   9.101   1.00 28.98 ? 168 ASP A CB  1 
ATOM   688  C  CG  . ASP A 1 168 ? -17.296 8.749   7.959   1.00 32.47 ? 168 ASP A CG  1 
ATOM   689  O  OD1 . ASP A 1 168 ? -16.504 7.861   7.576   1.00 29.90 ? 168 ASP A OD1 1 
ATOM   690  O  OD2 . ASP A 1 168 ? -18.431 8.925   7.448   1.00 32.38 ? 168 ASP A OD2 1 
ATOM   691  N  N   . GLY A 1 169 ? -14.221 7.344   9.220   1.00 27.76 ? 169 GLY A N   1 
ATOM   692  C  CA  . GLY A 1 169 ? -13.908 5.953   9.515   1.00 26.40 ? 169 GLY A CA  1 
ATOM   693  C  C   . GLY A 1 169 ? -14.927 4.916   9.061   1.00 26.74 ? 169 GLY A C   1 
ATOM   694  O  O   . GLY A 1 169 ? -14.774 3.731   9.352   1.00 27.35 ? 169 GLY A O   1 
ATOM   695  N  N   . ARG A 1 170 ? -15.958 5.338   8.336   1.00 25.34 ? 170 ARG A N   1 
ATOM   696  C  CA  . ARG A 1 170 ? -16.991 4.403   7.888   1.00 26.14 ? 170 ARG A CA  1 
ATOM   697  C  C   . ARG A 1 170 ? -16.501 3.349   6.888   1.00 25.54 ? 170 ARG A C   1 
ATOM   698  O  O   . ARG A 1 170 ? -16.869 2.176   6.984   1.00 23.74 ? 170 ARG A O   1 
ATOM   699  C  CB  . ARG A 1 170 ? -18.167 5.171   7.278   1.00 27.54 ? 170 ARG A CB  1 
ATOM   700  C  CG  . ARG A 1 170 ? -19.367 4.300   6.936   1.00 31.18 ? 170 ARG A CG  1 
ATOM   701  C  CD  . ARG A 1 170 ? -20.512 5.104   6.312   1.00 34.92 ? 170 ARG A CD  1 
ATOM   702  N  NE  . ARG A 1 170 ? -20.227 5.531   4.940   1.00 40.95 ? 170 ARG A NE  1 
ATOM   703  C  CZ  . ARG A 1 170 ? -19.483 6.583   4.603   1.00 43.15 ? 170 ARG A CZ  1 
ATOM   704  N  NH1 . ARG A 1 170 ? -18.930 7.349   5.534   1.00 44.43 ? 170 ARG A NH1 1 
ATOM   705  N  NH2 . ARG A 1 170 ? -19.291 6.872   3.321   1.00 44.26 ? 170 ARG A NH2 1 
ATOM   706  N  N   . ILE A 1 171 ? -15.678 3.763   5.929   1.00 24.11 ? 171 ILE A N   1 
ATOM   707  C  CA  . ILE A 1 171 ? -15.170 2.841   4.922   1.00 25.23 ? 171 ILE A CA  1 
ATOM   708  C  C   . ILE A 1 171 ? -13.655 2.800   4.977   1.00 24.36 ? 171 ILE A C   1 
ATOM   709  O  O   . ILE A 1 171 ? -13.000 3.839   5.027   1.00 22.51 ? 171 ILE A O   1 
ATOM   710  C  CB  . ILE A 1 171 ? -15.593 3.268   3.498   1.00 27.09 ? 171 ILE A CB  1 
ATOM   711  C  CG1 . ILE A 1 171 ? -17.093 3.560   3.464   1.00 27.80 ? 171 ILE A CG1 1 
ATOM   712  C  CG2 . ILE A 1 171 ? -15.275 2.149   2.505   1.00 27.93 ? 171 ILE A CG2 1 
ATOM   713  C  CD1 . ILE A 1 171 ? -17.586 4.059   2.123   1.00 31.53 ? 171 ILE A CD1 1 
ATOM   714  N  N   . ARG A 1 172 ? -13.102 1.592   4.952   1.00 24.49 ? 172 ARG A N   1 
ATOM   715  C  CA  . ARG A 1 172 ? -11.663 1.408   5.018   1.00 24.92 ? 172 ARG A CA  1 
ATOM   716  C  C   . ARG A 1 172 ? -11.154 0.458   3.948   1.00 23.67 ? 172 ARG A C   1 
ATOM   717  O  O   . ARG A 1 172 ? -11.742 -0.592  3.709   1.00 22.58 ? 172 ARG A O   1 
ATOM   718  C  CB  . ARG A 1 172 ? -11.278 0.870   6.393   1.00 26.70 ? 172 ARG A CB  1 
ATOM   719  C  CG  . ARG A 1 172 ? -9.828  0.453   6.499   1.00 33.39 ? 172 ARG A CG  1 
ATOM   720  C  CD  . ARG A 1 172 ? -9.487  -0.016  7.903   1.00 36.38 ? 172 ARG A CD  1 
ATOM   721  N  NE  . ARG A 1 172 ? -9.607  1.061   8.882   1.00 40.20 ? 172 ARG A NE  1 
ATOM   722  C  CZ  . ARG A 1 172 ? -9.150  0.989   10.128  1.00 43.74 ? 172 ARG A CZ  1 
ATOM   723  N  NH1 . ARG A 1 172 ? -8.543  -0.111  10.549  1.00 43.11 ? 172 ARG A NH1 1 
ATOM   724  N  NH2 . ARG A 1 172 ? -9.298  2.017   10.953  1.00 44.44 ? 172 ARG A NH2 1 
ATOM   725  N  N   . ILE A 1 173 ? -10.054 0.840   3.309   1.00 22.91 ? 173 ILE A N   1 
ATOM   726  C  CA  . ILE A 1 173 ? -9.433  0.031   2.272   1.00 23.95 ? 173 ILE A CA  1 
ATOM   727  C  C   . ILE A 1 173 ? -8.051  -0.382  2.760   1.00 24.31 ? 173 ILE A C   1 
ATOM   728  O  O   . ILE A 1 173 ? -7.240  0.461   3.158   1.00 22.99 ? 173 ILE A O   1 
ATOM   729  C  CB  . ILE A 1 173 ? -9.299  0.817   0.950   1.00 25.79 ? 173 ILE A CB  1 
ATOM   730  C  CG1 . ILE A 1 173 ? -10.699 1.094   0.383   1.00 29.54 ? 173 ILE A CG1 1 
ATOM   731  C  CG2 . ILE A 1 173 ? -8.451  0.030   -0.048  1.00 24.53 ? 173 ILE A CG2 1 
ATOM   732  C  CD1 . ILE A 1 173 ? -10.703 1.657   -1.016  1.00 33.47 ? 173 ILE A CD1 1 
ATOM   733  N  N   . ASP A 1 174 ? -7.793  -1.684  2.741   1.00 24.24 ? 174 ASP A N   1 
ATOM   734  C  CA  . ASP A 1 174 ? -6.520  -2.212  3.202   1.00 24.52 ? 174 ASP A CA  1 
ATOM   735  C  C   . ASP A 1 174 ? -5.568  -2.452  2.040   1.00 22.86 ? 174 ASP A C   1 
ATOM   736  O  O   . ASP A 1 174 ? -5.685  -3.453  1.327   1.00 24.38 ? 174 ASP A O   1 
ATOM   737  C  CB  . ASP A 1 174 ? -6.741  -3.526  3.969   1.00 25.84 ? 174 ASP A CB  1 
ATOM   738  C  CG  . ASP A 1 174 ? -5.479  -4.016  4.661   1.00 29.11 ? 174 ASP A CG  1 
ATOM   739  O  OD1 . ASP A 1 174 ? -4.371  -3.604  4.254   1.00 29.71 ? 174 ASP A OD1 1 
ATOM   740  O  OD2 . ASP A 1 174 ? -5.591  -4.822  5.607   1.00 31.29 ? 174 ASP A OD2 1 
ATOM   741  N  N   . ASN A 1 175 ? -4.627  -1.533  1.848   1.00 20.37 ? 175 ASN A N   1 
ATOM   742  C  CA  . ASN A 1 175 ? -3.649  -1.676  0.782   1.00 20.93 ? 175 ASN A CA  1 
ATOM   743  C  C   . ASN A 1 175 ? -2.232  -1.880  1.303   1.00 20.99 ? 175 ASN A C   1 
ATOM   744  O  O   . ASN A 1 175 ? -1.270  -1.361  0.737   1.00 20.55 ? 175 ASN A O   1 
ATOM   745  C  CB  . ASN A 1 175 ? -3.693  -0.470  -0.163  1.00 22.52 ? 175 ASN A CB  1 
ATOM   746  C  CG  . ASN A 1 175 ? -4.259  -0.829  -1.522  1.00 24.02 ? 175 ASN A CG  1 
ATOM   747  O  OD1 . ASN A 1 175 ? -4.614  -1.982  -1.762  1.00 23.99 ? 175 ASN A OD1 1 
ATOM   748  N  ND2 . ASN A 1 175 ? -4.342  0.152   -2.421  1.00 24.34 ? 175 ASN A ND2 1 
ATOM   749  N  N   . THR A 1 176 ? -2.108  -2.628  2.398   1.00 21.36 ? 176 THR A N   1 
ATOM   750  C  CA  . THR A 1 176 ? -0.801  -2.941  2.957   1.00 21.32 ? 176 THR A CA  1 
ATOM   751  C  C   . THR A 1 176 ? -0.273  -4.095  2.117   1.00 21.91 ? 176 THR A C   1 
ATOM   752  O  O   . THR A 1 176 ? -1.060  -4.842  1.529   1.00 22.47 ? 176 THR A O   1 
ATOM   753  C  CB  . THR A 1 176 ? -0.906  -3.404  4.430   1.00 20.79 ? 176 THR A CB  1 
ATOM   754  O  OG1 . THR A 1 176 ? -1.886  -4.445  4.537   1.00 19.86 ? 176 THR A OG1 1 
ATOM   755  C  CG2 . THR A 1 176 ? -1.309  -2.252  5.317   1.00 21.11 ? 176 THR A CG2 1 
ATOM   756  N  N   . PHE A 1 177 ? 1.046   -4.248  2.049   1.00 22.48 ? 177 PHE A N   1 
ATOM   757  C  CA  . PHE A 1 177 ? 1.620   -5.332  1.264   1.00 22.26 ? 177 PHE A CA  1 
ATOM   758  C  C   . PHE A 1 177 ? 1.102   -6.692  1.726   1.00 23.33 ? 177 PHE A C   1 
ATOM   759  O  O   . PHE A 1 177 ? 0.919   -7.601  0.917   1.00 21.61 ? 177 PHE A O   1 
ATOM   760  C  CB  . PHE A 1 177 ? 3.155   -5.311  1.339   1.00 23.13 ? 177 PHE A CB  1 
ATOM   761  C  CG  . PHE A 1 177 ? 3.787   -4.066  0.750   1.00 21.39 ? 177 PHE A CG  1 
ATOM   762  C  CD1 . PHE A 1 177 ? 3.199   -3.406  -0.330  1.00 17.79 ? 177 PHE A CD1 1 
ATOM   763  C  CD2 . PHE A 1 177 ? 4.988   -3.577  1.257   1.00 20.39 ? 177 PHE A CD2 1 
ATOM   764  C  CE1 . PHE A 1 177 ? 3.800   -2.279  -0.894  1.00 17.65 ? 177 PHE A CE1 1 
ATOM   765  C  CE2 . PHE A 1 177 ? 5.600   -2.446  0.698   1.00 20.35 ? 177 PHE A CE2 1 
ATOM   766  C  CZ  . PHE A 1 177 ? 5.002   -1.798  -0.381  1.00 21.93 ? 177 PHE A CZ  1 
ATOM   767  N  N   . GLU A 1 178 ? 0.853   -6.835  3.026   1.00 25.90 ? 178 GLU A N   1 
ATOM   768  C  CA  . GLU A 1 178 ? 0.368   -8.110  3.552   1.00 26.18 ? 178 GLU A CA  1 
ATOM   769  C  C   . GLU A 1 178 ? -1.009  -8.463  3.000   1.00 25.85 ? 178 GLU A C   1 
ATOM   770  O  O   . GLU A 1 178 ? -1.239  -9.585  2.541   1.00 25.19 ? 178 GLU A O   1 
ATOM   771  C  CB  . GLU A 1 178 ? 0.330   -8.080  5.088   1.00 28.34 ? 178 GLU A CB  1 
ATOM   772  C  CG  . GLU A 1 178 ? 1.709   -7.975  5.749   1.00 29.72 ? 178 GLU A CG  1 
ATOM   773  C  CD  . GLU A 1 178 ? 2.161   -6.537  5.971   1.00 31.95 ? 178 GLU A CD  1 
ATOM   774  O  OE1 . GLU A 1 178 ? 1.489   -5.606  5.480   1.00 30.42 ? 178 GLU A OE1 1 
ATOM   775  O  OE2 . GLU A 1 178 ? 3.196   -6.337  6.643   1.00 32.13 ? 178 GLU A OE2 1 
ATOM   776  N  N   . ALA A 1 179 ? -1.924  -7.503  3.034   1.00 23.86 ? 179 ALA A N   1 
ATOM   777  C  CA  . ALA A 1 179 ? -3.272  -7.728  2.530   1.00 25.05 ? 179 ALA A CA  1 
ATOM   778  C  C   . ALA A 1 179 ? -3.267  -7.920  1.017   1.00 24.84 ? 179 ALA A C   1 
ATOM   779  O  O   . ALA A 1 179 ? -3.974  -8.780  0.494   1.00 25.39 ? 179 ALA A O   1 
ATOM   780  C  CB  . ALA A 1 179 ? -4.176  -6.558  2.904   1.00 24.89 ? 179 ALA A CB  1 
ATOM   781  N  N   . ARG A 1 180 ? -2.467  -7.124  0.315   1.00 23.68 ? 180 ARG A N   1 
ATOM   782  C  CA  . ARG A 1 180 ? -2.402  -7.229  -1.139  1.00 23.71 ? 180 ARG A CA  1 
ATOM   783  C  C   . ARG A 1 180 ? -1.836  -8.572  -1.601  1.00 25.27 ? 180 ARG A C   1 
ATOM   784  O  O   . ARG A 1 180 ? -2.301  -9.139  -2.588  1.00 25.61 ? 180 ARG A O   1 
ATOM   785  C  CB  . ARG A 1 180 ? -1.573  -6.074  -1.718  1.00 22.03 ? 180 ARG A CB  1 
ATOM   786  C  CG  . ARG A 1 180 ? -2.241  -4.710  -1.557  1.00 21.11 ? 180 ARG A CG  1 
ATOM   787  C  CD  . ARG A 1 180 ? -1.322  -3.576  -1.968  1.00 19.54 ? 180 ARG A CD  1 
ATOM   788  N  NE  . ARG A 1 180 ? -0.973  -3.616  -3.386  1.00 25.21 ? 180 ARG A NE  1 
ATOM   789  C  CZ  . ARG A 1 180 ? -1.823  -3.346  -4.372  1.00 22.51 ? 180 ARG A CZ  1 
ATOM   790  N  NH1 . ARG A 1 180 ? -3.081  -3.019  -4.098  1.00 22.28 ? 180 ARG A NH1 1 
ATOM   791  N  NH2 . ARG A 1 180 ? -1.409  -3.388  -5.631  1.00 23.08 ? 180 ARG A NH2 1 
HETATM 792  N  N   . MSE A 1 181 ? -0.837  -9.087  -0.895  1.00 25.64 ? 181 MSE A N   1 
HETATM 793  C  CA  . MSE A 1 181 ? -0.254  -10.373 -1.274  1.00 27.73 ? 181 MSE A CA  1 
HETATM 794  C  C   . MSE A 1 181 ? -1.316  -11.469 -1.152  1.00 27.39 ? 181 MSE A C   1 
HETATM 795  O  O   . MSE A 1 181 ? -1.409  -12.368 -1.994  1.00 25.41 ? 181 MSE A O   1 
HETATM 796  C  CB  . MSE A 1 181 ? 0.941   -10.702 -0.374  1.00 30.61 ? 181 MSE A CB  1 
HETATM 797  C  CG  . MSE A 1 181 ? 1.709   -11.946 -0.804  1.00 36.64 ? 181 MSE A CG  1 
HETATM 798  SE SE  . MSE A 1 181 ? 2.428   -11.792 -2.601  1.00 47.28 ? 181 MSE A SE  1 
HETATM 799  C  CE  . MSE A 1 181 ? 1.056   -12.726 -3.583  1.00 40.37 ? 181 MSE A CE  1 
ATOM   800  N  N   . GLU A 1 182 ? -2.117  -11.396 -0.096  1.00 28.62 ? 182 GLU A N   1 
ATOM   801  C  CA  . GLU A 1 182 ? -3.178  -12.374 0.109   1.00 29.70 ? 182 GLU A CA  1 
ATOM   802  C  C   . GLU A 1 182 ? -4.137  -12.348 -1.068  1.00 28.66 ? 182 GLU A C   1 
ATOM   803  O  O   . GLU A 1 182 ? -4.518  -13.391 -1.591  1.00 27.86 ? 182 GLU A O   1 
ATOM   804  C  CB  . GLU A 1 182 ? -3.964  -12.070 1.384   1.00 33.81 ? 182 GLU A CB  1 
ATOM   805  C  CG  . GLU A 1 182 ? -3.452  -12.755 2.637   1.00 41.20 ? 182 GLU A CG  1 
ATOM   806  C  CD  . GLU A 1 182 ? -4.482  -12.735 3.762   1.00 46.33 ? 182 GLU A CD  1 
ATOM   807  O  OE1 . GLU A 1 182 ? -4.742  -11.646 4.325   1.00 47.58 ? 182 GLU A OE1 1 
ATOM   808  O  OE2 . GLU A 1 182 ? -5.043  -13.811 4.071   1.00 48.03 ? 182 GLU A OE2 1 
ATOM   809  N  N   . ARG A 1 183 ? -4.521  -11.145 -1.482  1.00 27.99 ? 183 ARG A N   1 
ATOM   810  C  CA  . ARG A 1 183 ? -5.452  -10.979 -2.589  1.00 28.03 ? 183 ARG A CA  1 
ATOM   811  C  C   . ARG A 1 183 ? -4.875  -11.399 -3.941  1.00 29.55 ? 183 ARG A C   1 
ATOM   812  O  O   . ARG A 1 183 ? -5.629  -11.675 -4.874  1.00 30.23 ? 183 ARG A O   1 
ATOM   813  C  CB  . ARG A 1 183 ? -5.941  -9.522  -2.656  1.00 25.02 ? 183 ARG A CB  1 
ATOM   814  C  CG  . ARG A 1 183 ? -6.591  -9.023  -1.355  1.00 26.80 ? 183 ARG A CG  1 
ATOM   815  C  CD  . ARG A 1 183 ? -7.567  -7.866  -1.591  1.00 24.49 ? 183 ARG A CD  1 
ATOM   816  N  NE  . ARG A 1 183 ? -6.934  -6.600  -1.966  1.00 24.54 ? 183 ARG A NE  1 
ATOM   817  C  CZ  . ARG A 1 183 ? -6.377  -5.744  -1.111  1.00 24.07 ? 183 ARG A CZ  1 
ATOM   818  N  NH1 . ARG A 1 183 ? -6.355  -6.007  0.193   1.00 24.56 ? 183 ARG A NH1 1 
ATOM   819  N  NH2 . ARG A 1 183 ? -5.863  -4.603  -1.559  1.00 20.06 ? 183 ARG A NH2 1 
ATOM   820  N  N   . PHE A 1 184 ? -3.550  -11.440 -4.052  1.00 28.96 ? 184 PHE A N   1 
ATOM   821  C  CA  . PHE A 1 184 ? -2.901  -11.831 -5.307  1.00 30.94 ? 184 PHE A CA  1 
ATOM   822  C  C   . PHE A 1 184 ? -2.509  -13.304 -5.310  1.00 31.60 ? 184 PHE A C   1 
ATOM   823  O  O   . PHE A 1 184 ? -1.912  -13.795 -6.265  1.00 32.40 ? 184 PHE A O   1 
ATOM   824  C  CB  . PHE A 1 184 ? -1.657  -10.970 -5.560  1.00 29.53 ? 184 PHE A CB  1 
ATOM   825  C  CG  . PHE A 1 184 ? -1.959  -9.639  -6.184  1.00 33.24 ? 184 PHE A CG  1 
ATOM   826  C  CD1 . PHE A 1 184 ? -2.399  -9.560  -7.503  1.00 34.60 ? 184 PHE A CD1 1 
ATOM   827  C  CD2 . PHE A 1 184 ? -1.829  -8.466  -5.453  1.00 32.81 ? 184 PHE A CD2 1 
ATOM   828  C  CE1 . PHE A 1 184 ? -2.704  -8.330  -8.082  1.00 37.49 ? 184 PHE A CE1 1 
ATOM   829  C  CE2 . PHE A 1 184 ? -2.131  -7.232  -6.019  1.00 35.54 ? 184 PHE A CE2 1 
ATOM   830  C  CZ  . PHE A 1 184 ? -2.571  -7.162  -7.338  1.00 36.68 ? 184 PHE A CZ  1 
ATOM   831  N  N   . GLU A 1 185 ? -2.852  -14.003 -4.234  1.00 33.60 ? 185 GLU A N   1 
ATOM   832  C  CA  . GLU A 1 185 ? -2.543  -15.421 -4.101  1.00 33.89 ? 185 GLU A CA  1 
ATOM   833  C  C   . GLU A 1 185 ? -2.914  -16.194 -5.363  1.00 33.31 ? 185 GLU A C   1 
ATOM   834  O  O   . GLU A 1 185 ? -2.147  -17.028 -5.835  1.00 33.65 ? 185 GLU A O   1 
ATOM   835  C  CB  . GLU A 1 185 ? -3.304  -16.015 -2.922  1.00 39.02 ? 185 GLU A CB  1 
ATOM   836  C  CG  . GLU A 1 185 ? -2.952  -17.465 -2.658  1.00 46.17 ? 185 GLU A CG  1 
ATOM   837  C  CD  . GLU A 1 185 ? -3.995  -18.174 -1.831  1.00 49.94 ? 185 GLU A CD  1 
ATOM   838  O  OE1 . GLU A 1 185 ? -4.358  -17.650 -0.753  1.00 52.62 ? 185 GLU A OE1 1 
ATOM   839  O  OE2 . GLU A 1 185 ? -4.451  -19.256 -2.260  1.00 52.56 ? 185 GLU A OE2 1 
ATOM   840  N  N   . GLY A 1 186 ? -4.100  -15.919 -5.897  1.00 31.55 ? 186 GLY A N   1 
ATOM   841  C  CA  . GLY A 1 186 ? -4.547  -16.594 -7.102  1.00 29.28 ? 186 GLY A CA  1 
ATOM   842  C  C   . GLY A 1 186 ? -3.518  -16.559 -8.221  1.00 28.76 ? 186 GLY A C   1 
ATOM   843  O  O   . GLY A 1 186 ? -3.367  -17.526 -8.959  1.00 28.35 ? 186 GLY A O   1 
ATOM   844  N  N   . GLU A 1 187 ? -2.808  -15.445 -8.353  1.00 27.78 ? 187 GLU A N   1 
ATOM   845  C  CA  . GLU A 1 187 ? -1.798  -15.325 -9.397  1.00 28.22 ? 187 GLU A CA  1 
ATOM   846  C  C   . GLU A 1 187 ? -0.644  -16.294 -9.170  1.00 27.26 ? 187 GLU A C   1 
ATOM   847  O  O   . GLU A 1 187 ? -0.111  -16.873 -10.121 1.00 26.20 ? 187 GLU A O   1 
ATOM   848  C  CB  . GLU A 1 187 ? -1.268  -13.891 -9.469  1.00 28.44 ? 187 GLU A CB  1 
ATOM   849  C  CG  . GLU A 1 187 ? -2.194  -12.952 -10.217 1.00 32.76 ? 187 GLU A CG  1 
ATOM   850  C  CD  . GLU A 1 187 ? -1.521  -11.649 -10.591 1.00 36.19 ? 187 GLU A CD  1 
ATOM   851  O  OE1 . GLU A 1 187 ? -0.298  -11.665 -10.842 1.00 38.26 ? 187 GLU A OE1 1 
ATOM   852  O  OE2 . GLU A 1 187 ? -2.218  -10.612 -10.648 1.00 40.29 ? 187 GLU A OE2 1 
ATOM   853  N  N   . ILE A 1 188 ? -0.245  -16.461 -7.914  1.00 26.90 ? 188 ILE A N   1 
ATOM   854  C  CA  . ILE A 1 188 ? 0.836   -17.387 -7.601  1.00 25.55 ? 188 ILE A CA  1 
ATOM   855  C  C   . ILE A 1 188 ? 0.352   -18.805 -7.928  1.00 24.84 ? 188 ILE A C   1 
ATOM   856  O  O   . ILE A 1 188 ? 1.114   -19.641 -8.397  1.00 21.67 ? 188 ILE A O   1 
ATOM   857  C  CB  . ILE A 1 188 ? 1.216   -17.333 -6.110  1.00 24.89 ? 188 ILE A CB  1 
ATOM   858  C  CG1 . ILE A 1 188 ? 1.743   -15.941 -5.735  1.00 25.45 ? 188 ILE A CG1 1 
ATOM   859  C  CG2 . ILE A 1 188 ? 2.255   -18.393 -5.816  1.00 27.71 ? 188 ILE A CG2 1 
ATOM   860  C  CD1 . ILE A 1 188 ? 3.070   -15.559 -6.396  1.00 22.85 ? 188 ILE A CD1 1 
ATOM   861  N  N   . ARG A 1 189 ? -0.927  -19.068 -7.679  1.00 25.57 ? 189 ARG A N   1 
ATOM   862  C  CA  . ARG A 1 189 ? -1.481  -20.384 -7.953  1.00 27.67 ? 189 ARG A CA  1 
ATOM   863  C  C   . ARG A 1 189 ? -1.554  -20.691 -9.442  1.00 27.61 ? 189 ARG A C   1 
ATOM   864  O  O   . ARG A 1 189 ? -1.428  -21.849 -9.840  1.00 27.50 ? 189 ARG A O   1 
ATOM   865  C  CB  . ARG A 1 189 ? -2.859  -20.524 -7.301  1.00 31.01 ? 189 ARG A CB  1 
ATOM   866  C  CG  . ARG A 1 189 ? -2.780  -20.385 -5.786  1.00 35.44 ? 189 ARG A CG  1 
ATOM   867  C  CD  . ARG A 1 189 ? -3.835  -21.201 -5.071  1.00 41.81 ? 189 ARG A CD  1 
ATOM   868  N  NE  . ARG A 1 189 ? -3.600  -21.217 -3.628  1.00 47.18 ? 189 ARG A NE  1 
ATOM   869  C  CZ  . ARG A 1 189 ? -2.512  -21.719 -3.047  1.00 48.40 ? 189 ARG A CZ  1 
ATOM   870  N  NH1 . ARG A 1 189 ? -1.547  -22.255 -3.785  1.00 50.35 ? 189 ARG A NH1 1 
ATOM   871  N  NH2 . ARG A 1 189 ? -2.383  -21.680 -1.728  1.00 48.70 ? 189 ARG A NH2 1 
ATOM   872  N  N   . SER A 1 190 ? -1.742  -19.663 -10.269 1.00 27.35 ? 190 SER A N   1 
ATOM   873  C  CA  . SER A 1 190 ? -1.795  -19.875 -11.708 1.00 29.18 ? 190 SER A CA  1 
ATOM   874  C  C   . SER A 1 190 ? -0.414  -20.278 -12.193 1.00 27.94 ? 190 SER A C   1 
ATOM   875  O  O   . SER A 1 190 ? -0.281  -21.112 -13.088 1.00 28.34 ? 190 SER A O   1 
ATOM   876  C  CB  . SER A 1 190 ? -2.241  -18.605 -12.439 1.00 31.46 ? 190 SER A CB  1 
ATOM   877  O  OG  . SER A 1 190 ? -3.615  -18.348 -12.213 1.00 38.91 ? 190 SER A OG  1 
ATOM   878  N  N   . THR A 1 191 ? 0.613   -19.679 -11.598 1.00 26.69 ? 191 THR A N   1 
ATOM   879  C  CA  . THR A 1 191 ? 1.993   -19.983 -11.965 1.00 24.88 ? 191 THR A CA  1 
ATOM   880  C  C   . THR A 1 191 ? 2.332   -21.413 -11.582 1.00 24.35 ? 191 THR A C   1 
ATOM   881  O  O   . THR A 1 191 ? 2.941   -22.148 -12.357 1.00 25.13 ? 191 THR A O   1 
ATOM   882  C  CB  . THR A 1 191 ? 2.975   -19.032 -11.269 1.00 24.45 ? 191 THR A CB  1 
ATOM   883  O  OG1 . THR A 1 191 ? 2.763   -17.704 -11.760 1.00 22.19 ? 191 THR A OG1 1 
ATOM   884  C  CG2 . THR A 1 191 ? 4.415   -19.447 -11.541 1.00 22.19 ? 191 THR A CG2 1 
ATOM   885  N  N   . ILE A 1 192 ? 1.940   -21.805 -10.378 1.00 23.92 ? 192 ILE A N   1 
ATOM   886  C  CA  . ILE A 1 192 ? 2.195   -23.160 -9.916  1.00 24.89 ? 192 ILE A CA  1 
ATOM   887  C  C   . ILE A 1 192 ? 1.491   -24.168 -10.834 1.00 24.84 ? 192 ILE A C   1 
ATOM   888  O  O   . ILE A 1 192 ? 2.069   -25.188 -11.213 1.00 23.73 ? 192 ILE A O   1 
ATOM   889  C  CB  . ILE A 1 192 ? 1.719   -23.320 -8.456  1.00 26.44 ? 192 ILE A CB  1 
ATOM   890  C  CG1 . ILE A 1 192 ? 2.652   -22.527 -7.531  1.00 26.45 ? 192 ILE A CG1 1 
ATOM   891  C  CG2 . ILE A 1 192 ? 1.668   -24.799 -8.065  1.00 27.02 ? 192 ILE A CG2 1 
ATOM   892  C  CD1 . ILE A 1 192 ? 2.189   -22.464 -6.085  1.00 27.14 ? 192 ILE A CD1 1 
ATOM   893  N  N   . ALA A 1 193 ? 0.248   -23.867 -11.205 1.00 26.32 ? 193 ALA A N   1 
ATOM   894  C  CA  . ALA A 1 193 ? -0.520  -24.744 -12.085 1.00 26.27 ? 193 ALA A CA  1 
ATOM   895  C  C   . ALA A 1 193 ? 0.206   -24.936 -13.413 1.00 27.02 ? 193 ALA A C   1 
ATOM   896  O  O   . ALA A 1 193 ? 0.209   -26.032 -13.975 1.00 28.53 ? 193 ALA A O   1 
ATOM   897  C  CB  . ALA A 1 193 ? -1.905  -24.158 -12.330 1.00 26.27 ? 193 ALA A CB  1 
ATOM   898  N  N   . LYS A 1 194 ? 0.816   -23.867 -13.914 1.00 26.81 ? 194 LYS A N   1 
ATOM   899  C  CA  . LYS A 1 194 ? 1.556   -23.922 -15.175 1.00 28.27 ? 194 LYS A CA  1 
ATOM   900  C  C   . LYS A 1 194 ? 2.789   -24.805 -15.044 1.00 26.66 ? 194 LYS A C   1 
ATOM   901  O  O   . LYS A 1 194 ? 3.125   -25.579 -15.947 1.00 24.86 ? 194 LYS A O   1 
ATOM   902  C  CB  . LYS A 1 194 ? 1.997   -22.523 -15.602 1.00 30.78 ? 194 LYS A CB  1 
ATOM   903  C  CG  . LYS A 1 194 ? 0.880   -21.612 -16.063 1.00 34.59 ? 194 LYS A CG  1 
ATOM   904  C  CD  . LYS A 1 194 ? 1.467   -20.368 -16.715 1.00 35.88 ? 194 LYS A CD  1 
ATOM   905  C  CE  . LYS A 1 194 ? 0.391   -19.438 -17.251 1.00 39.77 ? 194 LYS A CE  1 
ATOM   906  N  NZ  . LYS A 1 194 ? 1.003   -18.248 -17.927 1.00 41.35 ? 194 LYS A NZ  1 
ATOM   907  N  N   . VAL A 1 195 ? 3.481   -24.667 -13.921 1.00 26.28 ? 195 VAL A N   1 
ATOM   908  C  CA  . VAL A 1 195 ? 4.665   -25.469 -13.673 1.00 23.54 ? 195 VAL A CA  1 
ATOM   909  C  C   . VAL A 1 195 ? 4.288   -26.947 -13.691 1.00 23.76 ? 195 VAL A C   1 
ATOM   910  O  O   . VAL A 1 195 ? 4.932   -27.752 -14.353 1.00 22.93 ? 195 VAL A O   1 
ATOM   911  C  CB  . VAL A 1 195 ? 5.288   -25.114 -12.306 1.00 23.60 ? 195 VAL A CB  1 
ATOM   912  C  CG1 . VAL A 1 195 ? 6.334   -26.142 -11.915 1.00 22.71 ? 195 VAL A CG1 1 
ATOM   913  C  CG2 . VAL A 1 195 ? 5.927   -23.729 -12.378 1.00 23.22 ? 195 VAL A CG2 1 
ATOM   914  N  N   . LEU A 1 196 ? 3.221   -27.285 -12.974 1.00 24.57 ? 196 LEU A N   1 
ATOM   915  C  CA  . LEU A 1 196 ? 2.758   -28.663 -12.865 1.00 25.77 ? 196 LEU A CA  1 
ATOM   916  C  C   . LEU A 1 196 ? 2.093   -29.256 -14.095 1.00 28.64 ? 196 LEU A C   1 
ATOM   917  O  O   . LEU A 1 196 ? 2.457   -30.344 -14.540 1.00 26.09 ? 196 LEU A O   1 
ATOM   918  C  CB  . LEU A 1 196 ? 1.773   -28.794 -11.704 1.00 26.70 ? 196 LEU A CB  1 
ATOM   919  C  CG  . LEU A 1 196 ? 2.293   -28.630 -10.280 1.00 29.33 ? 196 LEU A CG  1 
ATOM   920  C  CD1 . LEU A 1 196 ? 1.110   -28.603 -9.316  1.00 28.93 ? 196 LEU A CD1 1 
ATOM   921  C  CD2 . LEU A 1 196 ? 3.238   -29.766 -9.954  1.00 30.80 ? 196 LEU A CD2 1 
ATOM   922  N  N   . PHE A 1 197 ? 1.108   -28.543 -14.633 1.00 29.44 ? 197 PHE A N   1 
ATOM   923  C  CA  . PHE A 1 197 ? 0.351   -29.045 -15.770 1.00 31.78 ? 197 PHE A CA  1 
ATOM   924  C  C   . PHE A 1 197 ? 0.566   -28.328 -17.090 1.00 32.80 ? 197 PHE A C   1 
ATOM   925  O  O   . PHE A 1 197 ? -0.048  -28.687 -18.095 1.00 34.18 ? 197 PHE A O   1 
ATOM   926  C  CB  . PHE A 1 197 ? -1.135  -29.046 -15.403 1.00 29.07 ? 197 PHE A CB  1 
ATOM   927  C  CG  . PHE A 1 197 ? -1.419  -29.696 -14.079 1.00 30.56 ? 197 PHE A CG  1 
ATOM   928  C  CD1 . PHE A 1 197 ? -1.564  -28.928 -12.924 1.00 31.58 ? 197 PHE A CD1 1 
ATOM   929  C  CD2 . PHE A 1 197 ? -1.483  -31.081 -13.972 1.00 29.64 ? 197 PHE A CD2 1 
ATOM   930  C  CE1 . PHE A 1 197 ? -1.762  -29.534 -11.682 1.00 30.86 ? 197 PHE A CE1 1 
ATOM   931  C  CE2 . PHE A 1 197 ? -1.682  -31.697 -12.739 1.00 28.02 ? 197 PHE A CE2 1 
ATOM   932  C  CZ  . PHE A 1 197 ? -1.821  -30.923 -11.591 1.00 30.04 ? 197 PHE A CZ  1 
ATOM   933  N  N   . GLY A 1 198 ? 1.429   -27.319 -17.091 1.00 34.03 ? 198 GLY A N   1 
ATOM   934  C  CA  . GLY A 1 198 ? 1.706   -26.587 -18.312 1.00 37.63 ? 198 GLY A CA  1 
ATOM   935  C  C   . GLY A 1 198 ? 0.671   -25.540 -18.677 1.00 40.64 ? 198 GLY A C   1 
ATOM   936  O  O   . GLY A 1 198 ? -0.345  -25.405 -17.957 1.00 42.69 ? 198 GLY A O   1 
ATOM   937  O  OXT . GLY A 1 198 ? 0.876   -24.849 -19.695 1.00 43.69 ? 198 GLY A OXT 1 
HETATM 938  O  O   . HOH B 2 .   ? 0.160   -15.387 -12.745 1.00 29.44 ? 199 HOH A O   1 
HETATM 939  O  O   . HOH B 2 .   ? 5.924   18.298  0.500   1.00 32.14 ? 200 HOH A O   1 
HETATM 940  O  O   . HOH B 2 .   ? -2.529  3.590   -8.655  1.00 24.62 ? 201 HOH A O   1 
HETATM 941  O  O   . HOH B 2 .   ? 15.568  1.386   -5.376  1.00 27.38 ? 202 HOH A O   1 
HETATM 942  O  O   . HOH B 2 .   ? 3.679   1.609   -0.141  1.00 28.22 ? 203 HOH A O   1 
HETATM 943  O  O   . HOH B 2 .   ? -8.997  2.370   -7.641  1.00 29.80 ? 204 HOH A O   1 
HETATM 944  O  O   . HOH B 2 .   ? 15.465  -3.215  -3.948  1.00 26.39 ? 205 HOH A O   1 
HETATM 945  O  O   . HOH B 2 .   ? -15.958 11.014  6.216   1.00 33.52 ? 206 HOH A O   1 
HETATM 946  O  O   . HOH B 2 .   ? -7.574  -6.778  -4.746  1.00 31.71 ? 207 HOH A O   1 
HETATM 947  O  O   . HOH B 2 .   ? -3.700  17.054  3.407   1.00 35.95 ? 208 HOH A O   1 
HETATM 948  O  O   . HOH B 2 .   ? -16.475 5.416   12.147  1.00 29.26 ? 209 HOH A O   1 
HETATM 949  O  O   . HOH B 2 .   ? 8.672   2.129   9.917   1.00 37.05 ? 210 HOH A O   1 
HETATM 950  O  O   . HOH B 2 .   ? 9.138   -7.943  -9.010  1.00 33.70 ? 211 HOH A O   1 
HETATM 951  O  O   . HOH B 2 .   ? -3.791  -2.983  -7.778  1.00 37.72 ? 212 HOH A O   1 
HETATM 952  O  O   . HOH B 2 .   ? 3.534   5.839   -8.454  1.00 34.10 ? 213 HOH A O   1 
HETATM 953  O  O   . HOH B 2 .   ? 6.139   1.738   12.478  1.00 38.25 ? 214 HOH A O   1 
HETATM 954  O  O   . HOH B 2 .   ? -0.800  -2.886  13.827  1.00 40.60 ? 215 HOH A O   1 
HETATM 955  O  O   . HOH B 2 .   ? -14.178 0.574   8.316   1.00 31.94 ? 216 HOH A O   1 
HETATM 956  O  O   . HOH B 2 .   ? -5.232  4.255   -9.325  1.00 40.39 ? 217 HOH A O   1 
HETATM 957  O  O   . HOH B 2 .   ? 15.606  7.982   -3.359  1.00 37.91 ? 218 HOH A O   1 
HETATM 958  O  O   . HOH B 2 .   ? 7.358   15.817  7.720   1.00 42.23 ? 219 HOH A O   1 
HETATM 959  O  O   . HOH B 2 .   ? 0.401   6.633   16.262  1.00 53.25 ? 220 HOH A O   1 
HETATM 960  O  O   . HOH B 2 .   ? 10.132  0.458   -10.039 1.00 51.98 ? 221 HOH A O   1 
HETATM 961  O  O   . HOH B 2 .   ? 10.926  12.808  1.904   1.00 42.26 ? 222 HOH A O   1 
HETATM 962  O  O   . HOH B 2 .   ? 9.174   8.643   -6.256  1.00 32.89 ? 223 HOH A O   1 
HETATM 963  O  O   . HOH B 2 .   ? 6.841   16.994  -1.944  1.00 35.47 ? 224 HOH A O   1 
HETATM 964  O  O   . HOH B 2 .   ? 2.217   0.447   15.822  1.00 50.10 ? 225 HOH A O   1 
HETATM 965  O  O   . HOH B 2 .   ? -14.096 11.124  3.702   1.00 34.44 ? 226 HOH A O   1 
HETATM 966  O  O   . HOH B 2 .   ? 13.173  -5.467  4.601   1.00 37.34 ? 227 HOH A O   1 
HETATM 967  O  O   . HOH B 2 .   ? -1.550  -28.453 -20.352 1.00 38.10 ? 228 HOH A O   1 
HETATM 968  O  O   . HOH B 2 .   ? -4.536  -15.687 -12.292 1.00 36.22 ? 229 HOH A O   1 
HETATM 969  O  O   . HOH B 2 .   ? 2.447   17.054  5.763   1.00 27.84 ? 230 HOH A O   1 
HETATM 970  O  O   . HOH B 2 .   ? 15.262  0.261   1.937   1.00 32.91 ? 231 HOH A O   1 
HETATM 971  O  O   . HOH B 2 .   ? 8.230   0.687   4.761   1.00 46.82 ? 232 HOH A O   1 
HETATM 972  O  O   . HOH B 2 .   ? -2.361  -21.295 -15.034 1.00 34.29 ? 233 HOH A O   1 
HETATM 973  O  O   . HOH B 2 .   ? 4.732   -8.602  7.723   1.00 51.46 ? 234 HOH A O   1 
HETATM 974  O  O   . HOH B 2 .   ? 10.146  8.696   6.605   1.00 38.73 ? 235 HOH A O   1 
HETATM 975  O  O   . HOH B 2 .   ? 12.906  -11.781 3.916   1.00 41.39 ? 236 HOH A O   1 
HETATM 976  O  O   . HOH B 2 .   ? 0.794   8.555   13.386  1.00 51.93 ? 237 HOH A O   1 
HETATM 977  O  O   . HOH B 2 .   ? -6.048  11.216  12.092  1.00 39.80 ? 238 HOH A O   1 
HETATM 978  O  O   . HOH B 2 .   ? 0.473   -22.357 1.399   1.00 34.13 ? 239 HOH A O   1 
HETATM 979  O  O   . HOH B 2 .   ? 4.652   8.652   -10.596 1.00 50.08 ? 240 HOH A O   1 
HETATM 980  O  O   . HOH B 2 .   ? 0.862   6.792   -8.943  1.00 41.64 ? 241 HOH A O   1 
HETATM 981  O  O   . HOH B 2 .   ? -16.996 6.198   -0.241  1.00 52.53 ? 242 HOH A O   1 
HETATM 982  O  O   . HOH B 2 .   ? 9.546   0.754   7.690   1.00 39.14 ? 243 HOH A O   1 
HETATM 983  O  O   . HOH B 2 .   ? -2.291  -14.752 -13.506 1.00 38.35 ? 244 HOH A O   1 
HETATM 984  O  O   . HOH B 2 .   ? 2.778   -15.506 -10.009 0.50 25.06 ? 245 HOH A O   1 
HETATM 985  O  O   . HOH B 2 .   ? 0.273   -17.303 -14.627 1.00 35.81 ? 246 HOH A O   1 
HETATM 986  O  O   . HOH B 2 .   ? -16.317 9.533   13.224  1.00 35.26 ? 247 HOH A O   1 
HETATM 987  O  O   . HOH B 2 .   ? -8.460  -11.612 -4.165  1.00 37.25 ? 248 HOH A O   1 
HETATM 988  O  O   . HOH B 2 .   ? 6.634   -13.307 5.442   1.00 39.34 ? 249 HOH A O   1 
HETATM 989  O  O   . HOH B 2 .   ? -2.967  -1.296  14.680  1.00 52.76 ? 250 HOH A O   1 
HETATM 990  O  O   . HOH B 2 .   ? 14.632  -2.430  -6.331  1.00 40.29 ? 251 HOH A O   1 
HETATM 991  O  O   . HOH B 2 .   ? -6.085  -13.978 -6.312  1.00 40.08 ? 252 HOH A O   1 
HETATM 992  O  O   . HOH B 2 .   ? 16.465  6.225   4.153   1.00 65.10 ? 253 HOH A O   1 
HETATM 993  O  O   . HOH B 2 .   ? 6.195   -2.282  10.713  1.00 46.06 ? 254 HOH A O   1 
HETATM 994  O  O   . HOH B 2 .   ? 6.466   -21.708 0.565   1.00 36.39 ? 255 HOH A O   1 
HETATM 995  O  O   . HOH B 2 .   ? 11.622  -13.391 6.188   1.00 55.59 ? 256 HOH A O   1 
HETATM 996  O  O   . HOH B 2 .   ? 12.647  -17.350 2.203   1.00 50.65 ? 257 HOH A O   1 
HETATM 997  O  O   . HOH B 2 .   ? 13.363  -20.191 0.542   1.00 52.53 ? 258 HOH A O   1 
HETATM 998  O  O   . HOH B 2 .   ? 10.147  -5.710  6.825   1.00 61.99 ? 259 HOH A O   1 
HETATM 999  O  O   . HOH B 2 .   ? 9.509   -2.675  5.867   1.00 36.66 ? 260 HOH A O   1 
HETATM 1000 O  O   . HOH B 2 .   ? 15.465  -3.177  -8.703  1.00 55.32 ? 261 HOH A O   1 
HETATM 1001 O  O   . HOH B 2 .   ? 14.656  0.041   4.943   1.00 52.84 ? 262 HOH A O   1 
HETATM 1002 O  O   . HOH B 2 .   ? 10.745  0.751   2.631   1.00 51.47 ? 263 HOH A O   1 
HETATM 1003 O  O   . HOH B 2 .   ? 13.758  12.682  -3.238  1.00 54.29 ? 264 HOH A O   1 
HETATM 1004 O  O   . HOH B 2 .   ? -13.118 8.179   -7.386  1.00 51.25 ? 265 HOH A O   1 
HETATM 1005 O  O   . HOH B 2 .   ? -18.028 3.428   -1.842  1.00 82.62 ? 266 HOH A O   1 
HETATM 1006 O  O   . HOH B 2 .   ? -8.742  14.637  5.620   1.00 50.63 ? 267 HOH A O   1 
HETATM 1007 O  O   . HOH B 2 .   ? 0.881   20.393  -4.979  1.00 45.56 ? 268 HOH A O   1 
HETATM 1008 O  O   . HOH B 2 .   ? -5.836  5.898   13.101  1.00 41.52 ? 269 HOH A O   1 
HETATM 1009 O  O   . HOH B 2 .   ? -17.231 11.679  11.890  1.00 48.57 ? 270 HOH A O   1 
HETATM 1010 O  O   . HOH B 2 .   ? -1.194  -5.391  7.314   1.00 41.53 ? 271 HOH A O   1 
HETATM 1011 O  O   . HOH B 2 .   ? 0.812   -7.071  10.434  1.00 63.51 ? 272 HOH A O   1 
HETATM 1012 O  O   . HOH B 2 .   ? -3.147  -16.278 3.557   1.00 50.34 ? 273 HOH A O   1 
HETATM 1013 O  O   . HOH B 2 .   ? -5.774  -19.154 -9.147  1.00 45.65 ? 274 HOH A O   1 
HETATM 1014 O  O   . HOH B 2 .   ? -5.138  -10.921 -10.162 1.00 50.77 ? 275 HOH A O   1 
# 
